data_1KKG
#
_entry.id   1KKG
#
_entity_poly.entity_id   1
_entity_poly.type   'polypeptide(L)'
_entity_poly.pdbx_seq_one_letter_code
;MAKEFGRPQRVAQEMQKEIALILQREIKDPRLGMMTTVSGVEMSRDLAYAKVYVTFLNDKDEDAVKAGIKALQEASGFIR
SLLGKAMRLRIVPELTFFYDNSLVEGMR
;
_entity_poly.pdbx_strand_id   A
#
# COMPACT_ATOMS: atom_id res chain seq x y z
N MET A 1 4.01 -11.60 -5.49
CA MET A 1 5.20 -11.16 -6.20
C MET A 1 6.09 -12.34 -6.55
N ALA A 2 5.68 -13.07 -7.57
CA ALA A 2 6.45 -14.22 -8.02
C ALA A 2 5.55 -15.11 -8.89
N LYS A 3 4.84 -14.46 -9.81
CA LYS A 3 3.95 -15.16 -10.71
C LYS A 3 4.15 -14.64 -12.13
N GLU A 4 5.13 -15.21 -12.81
CA GLU A 4 5.43 -14.81 -14.18
C GLU A 4 4.57 -15.60 -15.16
N PHE A 5 3.36 -15.11 -15.37
CA PHE A 5 2.43 -15.76 -16.29
C PHE A 5 1.74 -14.73 -17.19
N GLY A 6 0.87 -15.24 -18.04
CA GLY A 6 0.13 -14.38 -18.95
C GLY A 6 -1.23 -14.00 -18.39
N ARG A 7 -1.51 -14.53 -17.19
CA ARG A 7 -2.76 -14.25 -16.53
C ARG A 7 -2.72 -12.87 -15.87
N PRO A 8 -3.88 -12.49 -15.26
CA PRO A 8 -3.98 -11.20 -14.59
C PRO A 8 -3.24 -11.21 -13.26
N GLN A 9 -2.59 -12.34 -12.98
CA GLN A 9 -1.84 -12.48 -11.75
C GLN A 9 -0.43 -11.90 -11.91
N ARG A 10 0.13 -12.12 -13.09
CA ARG A 10 1.46 -11.62 -13.39
C ARG A 10 1.52 -10.10 -13.18
N VAL A 11 0.74 -9.40 -13.98
CA VAL A 11 0.70 -7.95 -13.90
C VAL A 11 0.40 -7.53 -12.46
N ALA A 12 -0.51 -8.27 -11.84
CA ALA A 12 -0.89 -7.99 -10.47
C ALA A 12 0.35 -8.05 -9.58
N GLN A 13 1.24 -8.98 -9.91
CA GLN A 13 2.47 -9.15 -9.16
C GLN A 13 3.39 -7.96 -9.37
N GLU A 14 3.84 -7.81 -10.61
CA GLU A 14 4.74 -6.71 -10.95
C GLU A 14 4.27 -5.41 -10.30
N MET A 15 2.95 -5.25 -10.26
CA MET A 15 2.36 -4.07 -9.66
C MET A 15 2.42 -4.14 -8.14
N GLN A 16 2.18 -5.33 -7.62
CA GLN A 16 2.21 -5.53 -6.18
C GLN A 16 3.62 -5.30 -5.63
N LYS A 17 4.60 -5.68 -6.43
CA LYS A 17 5.99 -5.52 -6.04
C LYS A 17 6.39 -4.05 -6.19
N GLU A 18 5.87 -3.43 -7.24
CA GLU A 18 6.17 -2.03 -7.52
C GLU A 18 5.52 -1.15 -6.45
N ILE A 19 4.28 -1.48 -6.13
CA ILE A 19 3.53 -0.72 -5.14
C ILE A 19 4.05 -1.05 -3.74
N ALA A 20 4.42 -2.32 -3.57
CA ALA A 20 4.94 -2.79 -2.31
C ALA A 20 6.25 -2.06 -1.99
N LEU A 21 7.00 -1.79 -3.05
CA LEU A 21 8.27 -1.11 -2.91
C LEU A 21 8.01 0.36 -2.57
N ILE A 22 7.30 1.03 -3.46
CA ILE A 22 6.98 2.43 -3.26
C ILE A 22 6.16 2.59 -1.97
N LEU A 23 5.58 1.48 -1.54
CA LEU A 23 4.77 1.48 -0.33
C LEU A 23 5.68 1.29 0.88
N GLN A 24 6.87 0.77 0.61
CA GLN A 24 7.84 0.53 1.67
C GLN A 24 9.02 1.47 1.52
N ARG A 25 9.05 2.18 0.41
CA ARG A 25 10.12 3.12 0.14
C ARG A 25 9.61 4.55 0.23
N GLU A 26 8.67 4.87 -0.64
CA GLU A 26 8.09 6.21 -0.66
C GLU A 26 7.33 6.48 0.65
N ILE A 27 6.97 5.39 1.31
CA ILE A 27 6.24 5.50 2.57
C ILE A 27 7.22 5.85 3.69
N LYS A 28 6.68 5.99 4.89
CA LYS A 28 7.49 6.32 6.05
C LYS A 28 7.74 5.05 6.87
N ASP A 29 8.60 4.20 6.34
CA ASP A 29 8.94 2.95 7.00
C ASP A 29 10.05 3.21 8.01
N PRO A 30 11.08 3.97 7.56
CA PRO A 30 12.21 4.30 8.40
C PRO A 30 11.84 5.37 9.43
N ARG A 31 10.78 6.09 9.12
CA ARG A 31 10.30 7.15 10.01
C ARG A 31 9.45 6.56 11.12
N LEU A 32 9.02 5.32 10.91
CA LEU A 32 8.21 4.63 11.89
C LEU A 32 9.01 3.51 12.53
N GLY A 33 10.32 3.56 12.32
CA GLY A 33 11.21 2.56 12.87
C GLY A 33 10.55 1.18 12.86
N MET A 34 9.79 0.92 11.80
CA MET A 34 9.11 -0.34 11.66
C MET A 34 8.93 -0.71 10.18
N MET A 35 8.81 -2.01 9.94
CA MET A 35 8.63 -2.50 8.58
C MET A 35 7.17 -2.86 8.31
N THR A 36 6.65 -2.32 7.21
CA THR A 36 5.28 -2.56 6.83
C THR A 36 5.19 -3.78 5.91
N THR A 37 3.97 -4.29 5.74
CA THR A 37 3.74 -5.43 4.88
C THR A 37 2.52 -5.20 3.99
N VAL A 38 2.41 -6.03 2.97
CA VAL A 38 1.29 -5.93 2.04
C VAL A 38 0.61 -7.29 1.93
N SER A 39 -0.24 -7.58 2.91
CA SER A 39 -0.97 -8.83 2.92
C SER A 39 -2.31 -8.67 2.21
N GLY A 40 -2.30 -7.82 1.19
CA GLY A 40 -3.52 -7.57 0.42
C GLY A 40 -3.25 -6.57 -0.70
N VAL A 41 -3.79 -6.87 -1.86
CA VAL A 41 -3.62 -6.01 -3.02
C VAL A 41 -4.78 -6.23 -3.99
N GLU A 42 -5.35 -5.12 -4.45
CA GLU A 42 -6.46 -5.18 -5.38
C GLU A 42 -6.34 -4.06 -6.42
N MET A 43 -6.41 -4.45 -7.68
CA MET A 43 -6.32 -3.50 -8.77
C MET A 43 -7.42 -3.73 -9.80
N SER A 44 -8.39 -2.84 -9.80
CA SER A 44 -9.51 -2.93 -10.74
C SER A 44 -9.42 -1.81 -11.77
N ARG A 45 -9.07 -2.20 -12.98
CA ARG A 45 -8.95 -1.25 -14.07
C ARG A 45 -10.20 -1.29 -14.96
N ASP A 46 -11.07 -2.23 -14.66
CA ASP A 46 -12.30 -2.40 -15.42
C ASP A 46 -13.07 -1.07 -15.42
N LEU A 47 -12.70 -0.21 -14.48
CA LEU A 47 -13.35 1.09 -14.37
C LEU A 47 -12.32 2.12 -13.94
N ALA A 48 -11.90 2.02 -12.68
CA ALA A 48 -10.92 2.94 -12.13
C ALA A 48 -11.01 2.92 -10.61
N TYR A 49 -10.74 1.75 -10.04
CA TYR A 49 -10.79 1.60 -8.60
C TYR A 49 -9.91 0.42 -8.15
N ALA A 50 -9.13 0.67 -7.11
CA ALA A 50 -8.24 -0.35 -6.58
C ALA A 50 -8.26 -0.28 -5.04
N LYS A 51 -7.75 -1.34 -4.43
CA LYS A 51 -7.69 -1.40 -2.99
C LYS A 51 -6.42 -2.14 -2.56
N VAL A 52 -5.53 -1.38 -1.92
CA VAL A 52 -4.27 -1.95 -1.45
C VAL A 52 -4.30 -2.06 0.07
N TYR A 53 -3.66 -3.11 0.56
CA TYR A 53 -3.59 -3.35 1.99
C TYR A 53 -2.17 -3.17 2.52
N VAL A 54 -2.08 -2.59 3.71
CA VAL A 54 -0.78 -2.35 4.34
C VAL A 54 -0.91 -2.55 5.84
N THR A 55 -0.10 -3.45 6.37
CA THR A 55 -0.11 -3.75 7.79
C THR A 55 1.18 -3.24 8.45
N PHE A 56 1.00 -2.52 9.55
CA PHE A 56 2.13 -1.98 10.27
C PHE A 56 2.13 -2.45 11.73
N LEU A 57 3.24 -2.21 12.40
CA LEU A 57 3.38 -2.60 13.79
C LEU A 57 3.23 -1.36 14.68
N ASN A 58 2.68 -0.31 14.10
CA ASN A 58 2.48 0.93 14.82
C ASN A 58 1.62 0.67 16.05
N ASP A 59 0.79 -0.36 15.96
CA ASP A 59 -0.07 -0.73 17.06
C ASP A 59 0.69 -0.63 18.38
N LYS A 60 1.97 -0.96 18.30
CA LYS A 60 2.83 -0.91 19.47
C LYS A 60 2.52 0.36 20.27
N ASP A 61 2.36 1.45 19.54
CA ASP A 61 2.06 2.73 20.16
C ASP A 61 0.83 3.35 19.49
N GLU A 62 -0.19 3.57 20.29
CA GLU A 62 -1.42 4.16 19.78
C GLU A 62 -1.18 5.61 19.34
N ASP A 63 -0.08 6.17 19.83
CA ASP A 63 0.28 7.53 19.49
C ASP A 63 0.91 7.56 18.10
N ALA A 64 1.73 6.56 17.84
CA ALA A 64 2.40 6.46 16.55
C ALA A 64 1.44 5.86 15.52
N VAL A 65 0.46 5.12 16.03
CA VAL A 65 -0.52 4.49 15.18
C VAL A 65 -1.53 5.54 14.69
N LYS A 66 -1.93 6.39 15.63
CA LYS A 66 -2.88 7.44 15.32
C LYS A 66 -2.20 8.51 14.45
N ALA A 67 -1.10 9.04 14.98
CA ALA A 67 -0.35 10.06 14.28
C ALA A 67 0.21 9.47 12.98
N GLY A 68 0.93 8.36 13.14
CA GLY A 68 1.52 7.69 11.99
C GLY A 68 0.50 7.52 10.87
N ILE A 69 -0.55 6.78 11.17
CA ILE A 69 -1.60 6.54 10.19
C ILE A 69 -2.08 7.87 9.61
N LYS A 70 -2.13 8.87 10.49
CA LYS A 70 -2.57 10.19 10.09
C LYS A 70 -1.64 10.73 9.00
N ALA A 71 -0.36 10.38 9.13
CA ALA A 71 0.63 10.82 8.16
C ALA A 71 0.45 10.05 6.86
N LEU A 72 0.09 8.77 7.01
CA LEU A 72 -0.12 7.92 5.85
C LEU A 72 -1.43 8.31 5.17
N GLN A 73 -2.32 8.91 5.95
CA GLN A 73 -3.61 9.34 5.44
C GLN A 73 -3.45 10.61 4.59
N GLU A 74 -2.67 11.53 5.12
CA GLU A 74 -2.43 12.78 4.42
C GLU A 74 -1.59 12.54 3.17
N ALA A 75 -0.70 11.57 3.27
CA ALA A 75 0.17 11.23 2.16
C ALA A 75 -0.55 10.24 1.23
N SER A 76 -1.84 10.08 1.49
CA SER A 76 -2.65 9.18 0.70
C SER A 76 -2.54 9.56 -0.79
N GLY A 77 -3.21 10.64 -1.15
CA GLY A 77 -3.20 11.11 -2.52
C GLY A 77 -1.77 11.23 -3.04
N PHE A 78 -0.83 11.28 -2.11
CA PHE A 78 0.57 11.39 -2.47
C PHE A 78 1.12 10.06 -2.98
N ILE A 79 0.73 8.99 -2.28
CA ILE A 79 1.17 7.66 -2.66
C ILE A 79 0.47 7.23 -3.94
N ARG A 80 -0.81 7.60 -4.03
CA ARG A 80 -1.61 7.26 -5.19
C ARG A 80 -1.10 8.01 -6.42
N SER A 81 -0.87 9.30 -6.24
CA SER A 81 -0.38 10.14 -7.32
C SER A 81 1.08 9.81 -7.62
N LEU A 82 1.82 9.51 -6.55
CA LEU A 82 3.23 9.18 -6.70
C LEU A 82 3.36 7.87 -7.49
N LEU A 83 2.37 7.00 -7.31
CA LEU A 83 2.37 5.72 -8.00
C LEU A 83 2.09 5.96 -9.49
N GLY A 84 0.91 6.51 -9.75
CA GLY A 84 0.50 6.79 -11.11
C GLY A 84 1.65 7.41 -11.92
N LYS A 85 2.30 8.38 -11.29
CA LYS A 85 3.41 9.07 -11.92
C LYS A 85 4.64 8.15 -11.92
N ALA A 86 4.81 7.46 -10.81
CA ALA A 86 5.93 6.54 -10.68
C ALA A 86 5.84 5.47 -11.75
N MET A 87 4.62 5.13 -12.12
CA MET A 87 4.39 4.12 -13.13
C MET A 87 3.78 4.74 -14.39
N ARG A 88 3.85 6.06 -14.45
CA ARG A 88 3.31 6.78 -15.59
C ARG A 88 2.25 5.94 -16.31
N LEU A 89 1.07 5.92 -15.72
CA LEU A 89 -0.03 5.16 -16.29
C LEU A 89 -1.19 6.10 -16.62
N ARG A 90 -2.40 5.57 -16.57
CA ARG A 90 -3.58 6.36 -16.87
C ARG A 90 -4.77 5.86 -16.04
N ILE A 91 -4.91 4.54 -15.98
CA ILE A 91 -6.00 3.93 -15.23
C ILE A 91 -6.23 4.74 -13.96
N VAL A 92 -5.14 5.23 -13.39
CA VAL A 92 -5.21 6.01 -12.17
C VAL A 92 -6.49 5.66 -11.41
N PRO A 93 -6.61 4.35 -11.05
CA PRO A 93 -7.78 3.88 -10.34
C PRO A 93 -7.75 4.31 -8.87
N GLU A 94 -8.93 4.36 -8.27
CA GLU A 94 -9.04 4.76 -6.88
C GLU A 94 -8.38 3.72 -5.96
N LEU A 95 -7.07 3.62 -6.09
CA LEU A 95 -6.31 2.68 -5.29
C LEU A 95 -6.25 3.18 -3.84
N THR A 96 -7.23 2.76 -3.06
CA THR A 96 -7.29 3.17 -1.67
C THR A 96 -6.15 2.53 -0.87
N PHE A 97 -5.89 3.10 0.29
CA PHE A 97 -4.82 2.59 1.15
C PHE A 97 -5.39 2.10 2.48
N PHE A 98 -5.49 0.79 2.61
CA PHE A 98 -6.00 0.18 3.82
C PHE A 98 -4.87 -0.14 4.80
N TYR A 99 -4.98 0.44 5.99
CA TYR A 99 -3.97 0.23 7.01
C TYR A 99 -4.46 -0.77 8.06
N ASP A 100 -3.96 -1.99 7.95
CA ASP A 100 -4.35 -3.05 8.88
C ASP A 100 -3.20 -3.29 9.87
N ASN A 101 -3.22 -2.54 10.95
CA ASN A 101 -2.19 -2.66 11.97
C ASN A 101 -2.68 -3.62 13.06
N SER A 102 -1.91 -3.66 14.13
CA SER A 102 -2.25 -4.54 15.25
C SER A 102 -3.11 -3.78 16.27
N LEU A 103 -3.65 -2.65 15.81
CA LEU A 103 -4.48 -1.83 16.66
C LEU A 103 -5.96 -2.07 16.31
N VAL A 104 -6.17 -2.99 15.38
CA VAL A 104 -7.50 -3.33 14.95
C VAL A 104 -7.67 -4.85 14.93
N GLU A 105 -6.61 -5.52 15.36
CA GLU A 105 -6.61 -6.98 15.40
C GLU A 105 -5.72 -7.49 16.53
N GLY A 106 -4.60 -6.80 16.70
CA GLY A 106 -3.65 -7.17 17.74
C GLY A 106 -2.72 -8.29 17.27
N MET A 107 -3.01 -8.78 16.06
CA MET A 107 -2.20 -9.84 15.49
C MET A 107 -1.66 -9.44 14.12
N ARG A 108 -1.52 -8.14 13.94
CA ARG A 108 -1.01 -7.59 12.68
C ARG A 108 0.41 -7.04 12.88
N MET A 1 9.95 -14.53 -7.21
CA MET A 1 9.13 -14.70 -6.01
C MET A 1 7.79 -13.97 -6.16
N ALA A 2 7.10 -14.27 -7.24
CA ALA A 2 5.81 -13.67 -7.51
C ALA A 2 4.95 -14.63 -8.31
N LYS A 3 4.37 -14.11 -9.38
CA LYS A 3 3.52 -14.91 -10.24
C LYS A 3 3.66 -14.43 -11.69
N GLU A 4 4.66 -14.97 -12.37
CA GLU A 4 4.91 -14.60 -13.75
C GLU A 4 4.11 -15.50 -14.70
N PHE A 5 2.88 -15.09 -14.94
CA PHE A 5 2.00 -15.84 -15.83
C PHE A 5 1.11 -14.91 -16.64
N GLY A 6 0.99 -15.24 -17.93
CA GLY A 6 0.17 -14.44 -18.82
C GLY A 6 -1.11 -13.98 -18.14
N ARG A 7 -1.52 -14.76 -17.15
CA ARG A 7 -2.73 -14.44 -16.40
C ARG A 7 -2.63 -13.05 -15.79
N PRO A 8 -3.73 -12.63 -15.12
CA PRO A 8 -3.78 -11.32 -14.49
C PRO A 8 -2.95 -11.29 -13.21
N GLN A 9 -2.27 -12.41 -12.97
CA GLN A 9 -1.43 -12.52 -11.78
C GLN A 9 -0.10 -11.79 -11.99
N ARG A 10 0.39 -11.87 -13.22
CA ARG A 10 1.65 -11.21 -13.55
C ARG A 10 1.53 -9.71 -13.35
N VAL A 11 0.58 -9.11 -14.06
CA VAL A 11 0.35 -7.67 -13.97
C VAL A 11 0.12 -7.30 -12.50
N ALA A 12 -0.69 -8.10 -11.84
CA ALA A 12 -1.00 -7.87 -10.44
C ALA A 12 0.29 -7.92 -9.62
N GLN A 13 1.14 -8.87 -9.98
CA GLN A 13 2.42 -9.04 -9.29
C GLN A 13 3.30 -7.81 -9.49
N GLU A 14 3.78 -7.65 -10.72
CA GLU A 14 4.62 -6.53 -11.06
C GLU A 14 4.14 -5.26 -10.35
N MET A 15 2.82 -5.14 -10.26
CA MET A 15 2.22 -3.98 -9.60
C MET A 15 2.35 -4.09 -8.08
N GLN A 16 2.11 -5.29 -7.58
CA GLN A 16 2.20 -5.53 -6.15
C GLN A 16 3.63 -5.33 -5.66
N LYS A 17 4.58 -5.70 -6.52
CA LYS A 17 5.98 -5.57 -6.19
C LYS A 17 6.40 -4.11 -6.34
N GLU A 18 5.87 -3.48 -7.37
CA GLU A 18 6.19 -2.08 -7.64
C GLU A 18 5.59 -1.19 -6.54
N ILE A 19 4.37 -1.52 -6.15
CA ILE A 19 3.68 -0.78 -5.12
C ILE A 19 4.25 -1.15 -3.75
N ALA A 20 4.54 -2.43 -3.60
CA ALA A 20 5.08 -2.94 -2.36
C ALA A 20 6.40 -2.22 -2.05
N LEU A 21 7.14 -1.92 -3.11
CA LEU A 21 8.40 -1.23 -2.96
C LEU A 21 8.16 0.24 -2.67
N ILE A 22 7.46 0.89 -3.58
CA ILE A 22 7.14 2.30 -3.43
C ILE A 22 6.37 2.50 -2.13
N LEU A 23 5.77 1.42 -1.66
CA LEU A 23 5.01 1.46 -0.43
C LEU A 23 5.94 1.22 0.77
N GLN A 24 7.11 0.69 0.46
CA GLN A 24 8.09 0.40 1.49
C GLN A 24 9.29 1.33 1.35
N ARG A 25 9.30 2.07 0.25
CA ARG A 25 10.38 3.01 -0.01
C ARG A 25 9.88 4.45 0.03
N GLU A 26 8.94 4.74 -0.86
CA GLU A 26 8.36 6.07 -0.95
C GLU A 26 7.54 6.36 0.31
N ILE A 27 7.18 5.29 1.00
CA ILE A 27 6.38 5.42 2.21
C ILE A 27 7.32 5.71 3.40
N LYS A 28 6.71 5.94 4.55
CA LYS A 28 7.47 6.24 5.76
C LYS A 28 7.51 4.99 6.64
N ASP A 29 8.28 4.01 6.19
CA ASP A 29 8.42 2.76 6.93
C ASP A 29 9.52 2.92 7.98
N PRO A 30 10.67 3.50 7.53
CA PRO A 30 11.80 3.72 8.43
C PRO A 30 11.52 4.89 9.38
N ARG A 31 10.46 5.62 9.08
CA ARG A 31 10.08 6.76 9.90
C ARG A 31 9.19 6.31 11.06
N LEU A 32 8.50 5.21 10.84
CA LEU A 32 7.61 4.66 11.85
C LEU A 32 8.42 3.79 12.82
N GLY A 33 9.56 3.32 12.34
CA GLY A 33 10.43 2.47 13.15
C GLY A 33 9.98 1.02 13.09
N MET A 34 9.23 0.70 12.05
CA MET A 34 8.73 -0.66 11.87
C MET A 34 8.66 -1.02 10.38
N MET A 35 8.79 -2.31 10.12
CA MET A 35 8.75 -2.79 8.75
C MET A 35 7.31 -3.13 8.33
N THR A 36 6.72 -2.21 7.58
CA THR A 36 5.36 -2.39 7.11
C THR A 36 5.26 -3.64 6.24
N THR A 37 4.02 -4.01 5.93
CA THR A 37 3.77 -5.18 5.12
C THR A 37 2.54 -4.96 4.23
N VAL A 38 2.42 -5.80 3.21
CA VAL A 38 1.31 -5.70 2.28
C VAL A 38 0.64 -7.08 2.17
N SER A 39 -0.27 -7.35 3.09
CA SER A 39 -0.99 -8.61 3.09
C SER A 39 -2.32 -8.45 2.38
N GLY A 40 -2.45 -7.34 1.67
CA GLY A 40 -3.68 -7.06 0.94
C GLY A 40 -3.41 -6.15 -0.26
N VAL A 41 -3.81 -6.63 -1.43
CA VAL A 41 -3.61 -5.87 -2.65
C VAL A 41 -4.75 -6.18 -3.63
N GLU A 42 -5.36 -5.11 -4.12
CA GLU A 42 -6.47 -5.25 -5.06
C GLU A 42 -6.38 -4.19 -6.15
N MET A 43 -6.45 -4.65 -7.39
CA MET A 43 -6.39 -3.75 -8.53
C MET A 43 -7.56 -3.96 -9.47
N SER A 44 -8.48 -3.01 -9.45
CA SER A 44 -9.66 -3.08 -10.30
C SER A 44 -9.60 -1.99 -11.37
N ARG A 45 -9.32 -2.43 -12.60
CA ARG A 45 -9.23 -1.50 -13.72
C ARG A 45 -10.51 -1.56 -14.56
N ASP A 46 -11.40 -2.46 -14.16
CA ASP A 46 -12.66 -2.63 -14.87
C ASP A 46 -13.31 -1.26 -15.07
N LEU A 47 -12.92 -0.33 -14.22
CA LEU A 47 -13.45 1.03 -14.30
C LEU A 47 -12.39 2.02 -13.83
N ALA A 48 -12.02 1.89 -12.56
CA ALA A 48 -11.01 2.77 -11.98
C ALA A 48 -11.10 2.69 -10.45
N TYR A 49 -10.68 1.54 -9.93
CA TYR A 49 -10.70 1.33 -8.49
C TYR A 49 -9.62 0.33 -8.07
N ALA A 50 -8.98 0.63 -6.95
CA ALA A 50 -7.94 -0.23 -6.42
C ALA A 50 -7.90 -0.12 -4.90
N LYS A 51 -7.54 -1.23 -4.27
CA LYS A 51 -7.46 -1.28 -2.83
C LYS A 51 -6.09 -1.82 -2.40
N VAL A 52 -5.27 -0.92 -1.88
CA VAL A 52 -3.94 -1.29 -1.44
C VAL A 52 -3.91 -1.35 0.09
N TYR A 53 -3.69 -2.55 0.59
CA TYR A 53 -3.64 -2.76 2.03
C TYR A 53 -2.21 -2.62 2.55
N VAL A 54 -2.11 -2.24 3.82
CA VAL A 54 -0.82 -2.06 4.45
C VAL A 54 -0.95 -2.30 5.96
N THR A 55 -0.17 -3.25 6.46
CA THR A 55 -0.19 -3.57 7.87
C THR A 55 1.10 -3.09 8.55
N PHE A 56 0.92 -2.45 9.70
CA PHE A 56 2.05 -1.93 10.44
C PHE A 56 1.98 -2.39 11.91
N LEU A 57 3.14 -2.37 12.55
CA LEU A 57 3.23 -2.77 13.94
C LEU A 57 3.04 -1.55 14.84
N ASN A 58 2.61 -0.46 14.22
CA ASN A 58 2.38 0.78 14.94
C ASN A 58 1.47 0.50 16.14
N ASP A 59 0.64 -0.53 16.00
CA ASP A 59 -0.27 -0.91 17.05
C ASP A 59 0.45 -0.78 18.41
N LYS A 60 1.69 -1.22 18.43
CA LYS A 60 2.50 -1.15 19.64
C LYS A 60 2.20 0.16 20.37
N ASP A 61 2.12 1.23 19.59
CA ASP A 61 1.85 2.54 20.15
C ASP A 61 0.68 3.18 19.40
N GLU A 62 -0.38 3.43 20.14
CA GLU A 62 -1.58 4.03 19.56
C GLU A 62 -1.29 5.47 19.14
N ASP A 63 -0.23 6.02 19.71
CA ASP A 63 0.16 7.38 19.41
C ASP A 63 0.77 7.43 18.00
N ALA A 64 1.60 6.45 17.72
CA ALA A 64 2.26 6.38 16.42
C ALA A 64 1.29 5.75 15.41
N VAL A 65 0.29 5.07 15.95
CA VAL A 65 -0.70 4.42 15.10
C VAL A 65 -1.65 5.48 14.53
N LYS A 66 -2.06 6.39 15.41
CA LYS A 66 -2.96 7.45 15.01
C LYS A 66 -2.20 8.49 14.18
N ALA A 67 -1.10 8.96 14.75
CA ALA A 67 -0.27 9.94 14.08
C ALA A 67 0.30 9.34 12.79
N GLY A 68 0.91 8.18 12.95
CA GLY A 68 1.50 7.49 11.81
C GLY A 68 0.47 7.28 10.70
N ILE A 69 -0.58 6.55 11.03
CA ILE A 69 -1.63 6.28 10.08
C ILE A 69 -2.19 7.60 9.54
N LYS A 70 -2.15 8.61 10.40
CA LYS A 70 -2.64 9.92 10.02
C LYS A 70 -1.74 10.51 8.94
N ALA A 71 -0.46 10.17 9.03
CA ALA A 71 0.51 10.65 8.07
C ALA A 71 0.39 9.85 6.78
N LEU A 72 0.23 8.55 6.95
CA LEU A 72 0.10 7.66 5.80
C LEU A 72 -1.23 7.93 5.09
N GLN A 73 -2.16 8.47 5.85
CA GLN A 73 -3.48 8.79 5.31
C GLN A 73 -3.42 10.10 4.51
N GLU A 74 -2.85 11.11 5.15
CA GLU A 74 -2.72 12.42 4.52
C GLU A 74 -1.90 12.30 3.23
N ALA A 75 -0.98 11.35 3.24
CA ALA A 75 -0.13 11.14 2.08
C ALA A 75 -0.81 10.15 1.13
N SER A 76 -2.10 9.93 1.37
CA SER A 76 -2.86 9.01 0.55
C SER A 76 -2.76 9.42 -0.92
N GLY A 77 -3.43 10.51 -1.26
CA GLY A 77 -3.42 11.02 -2.62
C GLY A 77 -1.98 11.13 -3.15
N PHE A 78 -1.04 11.16 -2.21
CA PHE A 78 0.36 11.28 -2.57
C PHE A 78 0.91 9.94 -3.05
N ILE A 79 0.54 8.89 -2.33
CA ILE A 79 0.99 7.55 -2.67
C ILE A 79 0.30 7.10 -3.96
N ARG A 80 -0.97 7.45 -4.07
CA ARG A 80 -1.77 7.09 -5.23
C ARG A 80 -1.25 7.84 -6.46
N SER A 81 -1.04 9.14 -6.28
CA SER A 81 -0.56 9.97 -7.35
C SER A 81 0.91 9.67 -7.65
N LEU A 82 1.63 9.33 -6.59
CA LEU A 82 3.04 9.01 -6.71
C LEU A 82 3.20 7.73 -7.53
N LEU A 83 2.24 6.84 -7.36
CA LEU A 83 2.26 5.57 -8.07
C LEU A 83 1.95 5.81 -9.55
N GLY A 84 0.84 6.49 -9.78
CA GLY A 84 0.42 6.80 -11.14
C GLY A 84 1.57 7.41 -11.95
N LYS A 85 2.24 8.37 -11.32
CA LYS A 85 3.36 9.03 -11.96
C LYS A 85 4.58 8.10 -11.96
N ALA A 86 4.77 7.44 -10.82
CA ALA A 86 5.88 6.52 -10.68
C ALA A 86 5.77 5.41 -11.74
N MET A 87 4.53 5.10 -12.09
CA MET A 87 4.27 4.07 -13.08
C MET A 87 3.65 4.67 -14.34
N ARG A 88 3.73 5.99 -14.43
CA ARG A 88 3.18 6.69 -15.58
C ARG A 88 2.11 5.84 -16.27
N LEU A 89 0.92 5.85 -15.68
CA LEU A 89 -0.19 5.10 -16.23
C LEU A 89 -1.34 6.05 -16.56
N ARG A 90 -2.54 5.49 -16.62
CA ARG A 90 -3.72 6.27 -16.94
C ARG A 90 -4.91 5.78 -16.11
N ILE A 91 -5.03 4.47 -16.02
CA ILE A 91 -6.12 3.86 -15.26
C ILE A 91 -6.39 4.71 -14.02
N VAL A 92 -5.32 5.27 -13.46
CA VAL A 92 -5.44 6.10 -12.28
C VAL A 92 -6.71 5.72 -11.52
N PRO A 93 -6.77 4.43 -11.10
CA PRO A 93 -7.93 3.93 -10.37
C PRO A 93 -7.91 4.43 -8.93
N GLU A 94 -9.06 4.31 -8.28
CA GLU A 94 -9.19 4.75 -6.90
C GLU A 94 -8.40 3.83 -5.97
N LEU A 95 -7.09 3.88 -6.13
CA LEU A 95 -6.20 3.06 -5.31
C LEU A 95 -6.22 3.57 -3.87
N THR A 96 -7.17 3.07 -3.11
CA THR A 96 -7.30 3.46 -1.71
C THR A 96 -6.16 2.86 -0.88
N PHE A 97 -6.11 3.28 0.37
CA PHE A 97 -5.09 2.80 1.29
C PHE A 97 -5.70 2.34 2.61
N PHE A 98 -5.65 1.03 2.83
CA PHE A 98 -6.19 0.45 4.04
C PHE A 98 -5.08 0.05 5.01
N TYR A 99 -5.12 0.66 6.19
CA TYR A 99 -4.12 0.39 7.21
C TYR A 99 -4.63 -0.66 8.21
N ASP A 100 -4.09 -1.85 8.10
CA ASP A 100 -4.48 -2.94 8.99
C ASP A 100 -3.33 -3.24 9.95
N ASN A 101 -3.39 -2.60 11.10
CA ASN A 101 -2.37 -2.78 12.12
C ASN A 101 -2.87 -3.79 13.16
N SER A 102 -2.08 -3.93 14.21
CA SER A 102 -2.43 -4.85 15.28
C SER A 102 -3.27 -4.14 16.34
N LEU A 103 -3.76 -2.96 15.96
CA LEU A 103 -4.57 -2.16 16.87
C LEU A 103 -6.05 -2.36 16.53
N VAL A 104 -6.29 -3.23 15.55
CA VAL A 104 -7.64 -3.52 15.12
C VAL A 104 -7.85 -5.03 15.12
N GLU A 105 -6.78 -5.76 15.42
CA GLU A 105 -6.83 -7.21 15.44
C GLU A 105 -5.97 -7.74 16.59
N GLY A 106 -4.80 -7.15 16.73
CA GLY A 106 -3.86 -7.55 17.77
C GLY A 106 -2.91 -8.63 17.27
N MET A 107 -2.80 -8.70 15.95
CA MET A 107 -1.93 -9.69 15.32
C MET A 107 -1.50 -9.24 13.92
N ARG A 108 -1.37 -7.92 13.78
CA ARG A 108 -0.97 -7.36 12.50
C ARG A 108 0.30 -6.51 12.67
N MET A 1 8.04 -13.75 -4.54
CA MET A 1 6.68 -13.23 -4.65
C MET A 1 6.43 -12.64 -6.04
N ALA A 2 5.86 -13.45 -6.91
CA ALA A 2 5.56 -13.03 -8.26
C ALA A 2 4.92 -14.17 -9.03
N LYS A 3 4.37 -13.84 -10.19
CA LYS A 3 3.73 -14.84 -11.03
C LYS A 3 3.93 -14.48 -12.50
N GLU A 4 5.08 -14.90 -13.03
CA GLU A 4 5.42 -14.63 -14.40
C GLU A 4 4.55 -15.49 -15.34
N PHE A 5 3.37 -14.97 -15.63
CA PHE A 5 2.44 -15.67 -16.50
C PHE A 5 1.66 -14.68 -17.38
N GLY A 6 0.74 -15.24 -18.16
CA GLY A 6 -0.08 -14.43 -19.04
C GLY A 6 -1.42 -14.08 -18.39
N ARG A 7 -1.59 -14.57 -17.17
CA ARG A 7 -2.80 -14.32 -16.43
C ARG A 7 -2.78 -12.93 -15.79
N PRO A 8 -3.90 -12.58 -15.11
CA PRO A 8 -4.01 -11.28 -14.46
C PRO A 8 -3.17 -11.24 -13.19
N GLN A 9 -2.47 -12.33 -12.93
CA GLN A 9 -1.63 -12.42 -11.75
C GLN A 9 -0.25 -11.83 -12.03
N ARG A 10 0.17 -11.97 -13.28
CA ARG A 10 1.48 -11.45 -13.68
C ARG A 10 1.52 -9.94 -13.49
N VAL A 11 0.50 -9.28 -14.03
CA VAL A 11 0.42 -7.83 -13.92
C VAL A 11 0.15 -7.44 -12.48
N ALA A 12 -0.68 -8.23 -11.82
CA ALA A 12 -1.01 -7.98 -10.43
C ALA A 12 0.26 -8.02 -9.58
N GLN A 13 1.10 -9.00 -9.88
CA GLN A 13 2.35 -9.16 -9.16
C GLN A 13 3.27 -7.97 -9.43
N GLU A 14 3.68 -7.85 -10.68
CA GLU A 14 4.57 -6.77 -11.06
C GLU A 14 4.13 -5.46 -10.41
N MET A 15 2.81 -5.29 -10.32
CA MET A 15 2.26 -4.09 -9.71
C MET A 15 2.33 -4.17 -8.18
N GLN A 16 2.13 -5.38 -7.68
CA GLN A 16 2.17 -5.60 -6.24
C GLN A 16 3.58 -5.37 -5.70
N LYS A 17 4.56 -5.74 -6.53
CA LYS A 17 5.96 -5.58 -6.15
C LYS A 17 6.36 -4.11 -6.30
N GLU A 18 5.87 -3.50 -7.36
CA GLU A 18 6.16 -2.11 -7.63
C GLU A 18 5.52 -1.21 -6.57
N ILE A 19 4.27 -1.53 -6.25
CA ILE A 19 3.54 -0.77 -5.26
C ILE A 19 4.07 -1.10 -3.87
N ALA A 20 4.34 -2.38 -3.66
CA ALA A 20 4.87 -2.84 -2.38
C ALA A 20 6.17 -2.11 -2.08
N LEU A 21 6.93 -1.87 -3.13
CA LEU A 21 8.21 -1.18 -3.00
C LEU A 21 7.96 0.29 -2.64
N ILE A 22 7.31 0.99 -3.57
CA ILE A 22 7.01 2.39 -3.37
C ILE A 22 6.16 2.55 -2.09
N LEU A 23 5.55 1.45 -1.69
CA LEU A 23 4.71 1.45 -0.50
C LEU A 23 5.59 1.21 0.73
N GLN A 24 6.79 0.70 0.47
CA GLN A 24 7.72 0.41 1.55
C GLN A 24 8.93 1.35 1.47
N ARG A 25 9.03 2.04 0.34
CA ARG A 25 10.12 2.97 0.12
C ARG A 25 9.61 4.41 0.21
N GLU A 26 8.74 4.75 -0.73
CA GLU A 26 8.18 6.09 -0.77
C GLU A 26 7.35 6.35 0.48
N ILE A 27 7.03 5.27 1.18
CA ILE A 27 6.24 5.37 2.39
C ILE A 27 7.16 5.69 3.58
N LYS A 28 6.54 5.81 4.74
CA LYS A 28 7.30 6.11 5.95
C LYS A 28 7.43 4.84 6.79
N ASP A 29 8.27 3.93 6.32
CA ASP A 29 8.49 2.68 7.01
C ASP A 29 9.65 2.85 8.00
N PRO A 30 10.81 3.32 7.46
CA PRO A 30 11.98 3.54 8.29
C PRO A 30 11.83 4.79 9.14
N ARG A 31 10.76 5.52 8.89
CA ARG A 31 10.49 6.74 9.63
C ARG A 31 9.68 6.42 10.89
N LEU A 32 8.86 5.39 10.78
CA LEU A 32 8.02 4.98 11.90
C LEU A 32 8.84 4.07 12.83
N GLY A 33 9.97 3.61 12.31
CA GLY A 33 10.84 2.73 13.08
C GLY A 33 10.39 1.29 12.97
N MET A 34 9.48 1.05 12.04
CA MET A 34 8.96 -0.29 11.82
C MET A 34 8.66 -0.53 10.34
N MET A 35 8.55 -1.80 9.98
CA MET A 35 8.28 -2.18 8.61
C MET A 35 6.83 -2.67 8.46
N THR A 36 6.29 -2.45 7.26
CA THR A 36 4.93 -2.85 6.98
C THR A 36 4.92 -4.00 5.96
N THR A 37 3.74 -4.55 5.74
CA THR A 37 3.58 -5.64 4.80
C THR A 37 2.35 -5.41 3.91
N VAL A 38 2.27 -6.20 2.85
CA VAL A 38 1.16 -6.08 1.92
C VAL A 38 0.43 -7.42 1.84
N SER A 39 -0.32 -7.73 2.88
CA SER A 39 -1.07 -8.97 2.93
C SER A 39 -2.39 -8.83 2.16
N GLY A 40 -2.51 -7.70 1.48
CA GLY A 40 -3.71 -7.43 0.70
C GLY A 40 -3.41 -6.44 -0.43
N VAL A 41 -3.80 -6.84 -1.64
CA VAL A 41 -3.58 -6.00 -2.80
C VAL A 41 -4.71 -6.22 -3.80
N GLU A 42 -5.37 -5.12 -4.16
CA GLU A 42 -6.48 -5.18 -5.10
C GLU A 42 -6.33 -4.08 -6.16
N MET A 43 -6.37 -4.52 -7.42
CA MET A 43 -6.25 -3.59 -8.53
C MET A 43 -7.36 -3.80 -9.55
N SER A 44 -8.31 -2.89 -9.54
CA SER A 44 -9.43 -2.97 -10.48
C SER A 44 -9.33 -1.86 -11.52
N ARG A 45 -8.95 -2.25 -12.72
CA ARG A 45 -8.81 -1.31 -13.81
C ARG A 45 -10.01 -1.39 -14.75
N ASP A 46 -10.90 -2.32 -14.43
CA ASP A 46 -12.09 -2.52 -15.23
C ASP A 46 -12.92 -1.24 -15.24
N LEU A 47 -12.59 -0.35 -14.31
CA LEU A 47 -13.29 0.91 -14.18
C LEU A 47 -12.30 2.00 -13.79
N ALA A 48 -11.87 1.93 -12.53
CA ALA A 48 -10.93 2.91 -12.01
C ALA A 48 -10.99 2.91 -10.49
N TYR A 49 -10.73 1.75 -9.90
CA TYR A 49 -10.77 1.61 -8.47
C TYR A 49 -9.87 0.46 -8.00
N ALA A 50 -9.06 0.74 -7.00
CA ALA A 50 -8.14 -0.24 -6.46
C ALA A 50 -8.18 -0.19 -4.94
N LYS A 51 -7.69 -1.26 -4.32
CA LYS A 51 -7.66 -1.35 -2.87
C LYS A 51 -6.37 -2.03 -2.43
N VAL A 52 -5.41 -1.21 -2.02
CA VAL A 52 -4.13 -1.73 -1.58
C VAL A 52 -4.11 -1.79 -0.05
N TYR A 53 -3.76 -2.95 0.47
CA TYR A 53 -3.69 -3.15 1.91
C TYR A 53 -2.26 -2.97 2.42
N VAL A 54 -2.16 -2.57 3.68
CA VAL A 54 -0.87 -2.37 4.30
C VAL A 54 -1.00 -2.56 5.81
N THR A 55 -0.13 -3.42 6.34
CA THR A 55 -0.14 -3.71 7.76
C THR A 55 1.15 -3.20 8.42
N PHE A 56 0.96 -2.44 9.50
CA PHE A 56 2.10 -1.89 10.22
C PHE A 56 2.09 -2.36 11.67
N LEU A 57 3.23 -2.14 12.34
CA LEU A 57 3.36 -2.52 13.72
C LEU A 57 3.16 -1.29 14.62
N ASN A 58 2.64 -0.25 14.00
CA ASN A 58 2.39 1.00 14.72
C ASN A 58 1.49 0.70 15.92
N ASP A 59 0.78 -0.41 15.84
CA ASP A 59 -0.12 -0.81 16.90
C ASP A 59 0.61 -0.69 18.24
N LYS A 60 1.88 -1.06 18.24
CA LYS A 60 2.69 -1.00 19.44
C LYS A 60 2.36 0.28 20.21
N ASP A 61 2.22 1.36 19.46
CA ASP A 61 1.90 2.65 20.06
C ASP A 61 0.70 3.26 19.35
N GLU A 62 -0.37 3.45 20.11
CA GLU A 62 -1.59 4.02 19.57
C GLU A 62 -1.36 5.47 19.16
N ASP A 63 -0.30 6.06 19.72
CA ASP A 63 0.04 7.43 19.42
C ASP A 63 0.66 7.51 18.02
N ALA A 64 1.51 6.54 17.73
CA ALA A 64 2.17 6.50 16.44
C ALA A 64 1.23 5.88 15.41
N VAL A 65 0.25 5.15 15.91
CA VAL A 65 -0.73 4.52 15.04
C VAL A 65 -1.71 5.56 14.53
N LYS A 66 -2.13 6.44 15.44
CA LYS A 66 -3.06 7.49 15.09
C LYS A 66 -2.35 8.54 14.24
N ALA A 67 -1.25 9.05 14.79
CA ALA A 67 -0.47 10.07 14.11
C ALA A 67 0.10 9.47 12.81
N GLY A 68 0.78 8.35 12.98
CA GLY A 68 1.38 7.67 11.84
C GLY A 68 0.37 7.49 10.71
N ILE A 69 -0.68 6.75 11.01
CA ILE A 69 -1.72 6.50 10.03
C ILE A 69 -2.21 7.82 9.46
N LYS A 70 -2.19 8.84 10.31
CA LYS A 70 -2.62 10.16 9.90
C LYS A 70 -1.70 10.69 8.80
N ALA A 71 -0.43 10.34 8.92
CA ALA A 71 0.55 10.76 7.95
C ALA A 71 0.36 9.97 6.64
N LEU A 72 0.04 8.70 6.81
CA LEU A 72 -0.18 7.82 5.67
C LEU A 72 -1.49 8.20 4.99
N GLN A 73 -2.36 8.84 5.75
CA GLN A 73 -3.65 9.25 5.24
C GLN A 73 -3.49 10.53 4.39
N GLU A 74 -2.76 11.48 4.94
CA GLU A 74 -2.53 12.74 4.26
C GLU A 74 -1.68 12.51 3.01
N ALA A 75 -0.81 11.50 3.09
CA ALA A 75 0.06 11.18 1.98
C ALA A 75 -0.66 10.20 1.04
N SER A 76 -1.96 10.08 1.26
CA SER A 76 -2.77 9.18 0.44
C SER A 76 -2.64 9.57 -1.04
N GLY A 77 -3.28 10.66 -1.39
CA GLY A 77 -3.25 11.14 -2.76
C GLY A 77 -1.81 11.25 -3.27
N PHE A 78 -0.88 11.28 -2.32
CA PHE A 78 0.53 11.38 -2.65
C PHE A 78 1.07 10.04 -3.16
N ILE A 79 0.65 8.98 -2.48
CA ILE A 79 1.09 7.64 -2.84
C ILE A 79 0.39 7.22 -4.14
N ARG A 80 -0.88 7.60 -4.24
CA ARG A 80 -1.66 7.27 -5.42
C ARG A 80 -1.12 8.02 -6.64
N SER A 81 -0.87 9.30 -6.45
CA SER A 81 -0.36 10.14 -7.51
C SER A 81 1.11 9.80 -7.78
N LEU A 82 1.83 9.52 -6.70
CA LEU A 82 3.24 9.19 -6.81
C LEU A 82 3.39 7.91 -7.63
N LEU A 83 2.46 6.99 -7.42
CA LEU A 83 2.48 5.72 -8.14
C LEU A 83 2.17 5.97 -9.62
N GLY A 84 0.98 6.49 -9.86
CA GLY A 84 0.55 6.77 -11.22
C GLY A 84 1.67 7.41 -12.02
N LYS A 85 2.40 8.31 -11.38
CA LYS A 85 3.50 8.99 -12.03
C LYS A 85 4.73 8.07 -12.03
N ALA A 86 4.89 7.34 -10.94
CA ALA A 86 6.01 6.42 -10.81
C ALA A 86 5.91 5.35 -11.90
N MET A 87 4.68 5.06 -12.28
CA MET A 87 4.44 4.06 -13.32
C MET A 87 3.79 4.69 -14.54
N ARG A 88 3.87 6.01 -14.61
CA ARG A 88 3.29 6.74 -15.72
C ARG A 88 2.20 5.90 -16.40
N LEU A 89 1.03 5.87 -15.77
CA LEU A 89 -0.08 5.12 -16.29
C LEU A 89 -1.22 6.08 -16.63
N ARG A 90 -2.44 5.57 -16.50
CA ARG A 90 -3.62 6.37 -16.79
C ARG A 90 -4.81 5.88 -15.97
N ILE A 91 -4.95 4.56 -15.91
CA ILE A 91 -6.04 3.94 -15.17
C ILE A 91 -6.29 4.76 -13.90
N VAL A 92 -5.21 5.28 -13.34
CA VAL A 92 -5.31 6.07 -12.12
C VAL A 92 -6.57 5.69 -11.37
N PRO A 93 -6.65 4.39 -10.99
CA PRO A 93 -7.80 3.88 -10.26
C PRO A 93 -7.77 4.34 -8.81
N GLU A 94 -8.96 4.38 -8.20
CA GLU A 94 -9.09 4.80 -6.82
C GLU A 94 -8.42 3.78 -5.89
N LEU A 95 -7.11 3.65 -6.04
CA LEU A 95 -6.35 2.73 -5.23
C LEU A 95 -6.30 3.24 -3.79
N THR A 96 -7.28 2.81 -3.01
CA THR A 96 -7.36 3.21 -1.62
C THR A 96 -6.20 2.60 -0.82
N PHE A 97 -5.96 3.19 0.35
CA PHE A 97 -4.89 2.71 1.21
C PHE A 97 -5.45 2.20 2.54
N PHE A 98 -5.46 0.89 2.68
CA PHE A 98 -5.95 0.26 3.89
C PHE A 98 -4.82 -0.05 4.87
N TYR A 99 -4.91 0.54 6.05
CA TYR A 99 -3.90 0.33 7.07
C TYR A 99 -4.37 -0.68 8.12
N ASP A 100 -4.06 -1.94 7.87
CA ASP A 100 -4.44 -3.00 8.78
C ASP A 100 -3.29 -3.28 9.75
N ASN A 101 -3.29 -2.52 10.84
CA ASN A 101 -2.27 -2.66 11.85
C ASN A 101 -2.73 -3.66 12.91
N SER A 102 -1.95 -3.76 13.97
CA SER A 102 -2.27 -4.67 15.06
C SER A 102 -3.16 -3.96 16.09
N LEU A 103 -3.65 -2.80 15.69
CA LEU A 103 -4.50 -2.01 16.57
C LEU A 103 -5.97 -2.33 16.27
N VAL A 104 -6.16 -3.28 15.38
CA VAL A 104 -7.50 -3.69 15.00
C VAL A 104 -7.57 -5.22 14.97
N GLU A 105 -6.53 -5.84 15.49
CA GLU A 105 -6.46 -7.30 15.54
C GLU A 105 -5.44 -7.75 16.59
N GLY A 106 -4.34 -7.02 16.65
CA GLY A 106 -3.28 -7.33 17.58
C GLY A 106 -2.28 -8.31 16.99
N MET A 107 -2.79 -9.19 16.13
CA MET A 107 -1.97 -10.18 15.48
C MET A 107 -1.13 -9.56 14.36
N ARG A 108 -1.31 -8.25 14.19
CA ARG A 108 -0.58 -7.52 13.18
C ARG A 108 0.58 -6.73 13.80
N MET A 1 9.09 -10.98 -8.59
CA MET A 1 7.72 -11.46 -8.74
C MET A 1 7.61 -12.93 -8.35
N ALA A 2 6.43 -13.30 -7.89
CA ALA A 2 6.18 -14.67 -7.48
C ALA A 2 5.27 -15.35 -8.51
N LYS A 3 4.54 -14.52 -9.24
CA LYS A 3 3.63 -15.02 -10.26
C LYS A 3 4.03 -14.45 -11.62
N GLU A 4 4.77 -15.26 -12.37
CA GLU A 4 5.21 -14.85 -13.69
C GLU A 4 4.48 -15.65 -14.77
N PHE A 5 3.31 -15.14 -15.13
CA PHE A 5 2.49 -15.79 -16.15
C PHE A 5 1.85 -14.76 -17.08
N GLY A 6 1.05 -15.26 -18.00
CA GLY A 6 0.36 -14.40 -18.95
C GLY A 6 -1.04 -14.03 -18.45
N ARG A 7 -1.33 -14.46 -17.23
CA ARG A 7 -2.62 -14.19 -16.62
C ARG A 7 -2.62 -12.80 -15.97
N PRO A 8 -3.80 -12.43 -15.41
CA PRO A 8 -3.94 -11.14 -14.76
C PRO A 8 -3.27 -11.14 -13.38
N GLN A 9 -2.66 -12.28 -13.06
CA GLN A 9 -1.97 -12.42 -11.79
C GLN A 9 -0.53 -11.89 -11.90
N ARG A 10 0.05 -12.07 -13.07
CA ARG A 10 1.40 -11.63 -13.32
C ARG A 10 1.50 -10.10 -13.15
N VAL A 11 0.61 -9.42 -13.85
CA VAL A 11 0.58 -7.96 -13.79
C VAL A 11 0.27 -7.52 -12.36
N ALA A 12 -0.63 -8.26 -11.73
CA ALA A 12 -1.03 -7.96 -10.36
C ALA A 12 0.21 -8.03 -9.46
N GLN A 13 1.07 -8.99 -9.75
CA GLN A 13 2.29 -9.17 -8.97
C GLN A 13 3.26 -8.03 -9.24
N GLU A 14 3.75 -7.99 -10.48
CA GLU A 14 4.70 -6.96 -10.87
C GLU A 14 4.32 -5.61 -10.24
N MET A 15 3.01 -5.35 -10.26
CA MET A 15 2.50 -4.10 -9.71
C MET A 15 2.54 -4.14 -8.17
N GLN A 16 2.19 -5.29 -7.63
CA GLN A 16 2.18 -5.46 -6.19
C GLN A 16 3.58 -5.28 -5.62
N LYS A 17 4.57 -5.70 -6.40
CA LYS A 17 5.95 -5.59 -5.99
C LYS A 17 6.41 -4.13 -6.14
N GLU A 18 5.97 -3.52 -7.23
CA GLU A 18 6.32 -2.14 -7.50
C GLU A 18 5.67 -1.22 -6.47
N ILE A 19 4.40 -1.50 -6.18
CA ILE A 19 3.67 -0.70 -5.21
C ILE A 19 4.15 -1.04 -3.80
N ALA A 20 4.39 -2.33 -3.59
CA ALA A 20 4.85 -2.81 -2.30
C ALA A 20 6.15 -2.08 -1.92
N LEU A 21 6.96 -1.85 -2.93
CA LEU A 21 8.24 -1.17 -2.73
C LEU A 21 7.97 0.31 -2.44
N ILE A 22 7.35 0.97 -3.40
CA ILE A 22 7.04 2.38 -3.26
C ILE A 22 6.15 2.59 -2.03
N LEU A 23 5.53 1.51 -1.62
CA LEU A 23 4.65 1.56 -0.46
C LEU A 23 5.47 1.29 0.80
N GLN A 24 6.67 0.76 0.60
CA GLN A 24 7.55 0.45 1.71
C GLN A 24 8.80 1.34 1.65
N ARG A 25 8.88 2.11 0.57
CA ARG A 25 10.01 3.01 0.38
C ARG A 25 9.55 4.46 0.38
N GLU A 26 8.39 4.68 -0.26
CA GLU A 26 7.83 6.01 -0.33
C GLU A 26 6.81 6.23 0.78
N ILE A 27 6.72 5.24 1.66
CA ILE A 27 5.80 5.30 2.78
C ILE A 27 6.58 5.58 4.07
N LYS A 28 5.85 5.67 5.16
CA LYS A 28 6.45 5.93 6.46
C LYS A 28 7.00 4.63 7.03
N ASP A 29 8.09 4.17 6.44
CA ASP A 29 8.72 2.94 6.87
C ASP A 29 9.84 3.26 7.86
N PRO A 30 10.77 4.14 7.41
CA PRO A 30 11.90 4.55 8.24
C PRO A 30 11.45 5.54 9.32
N ARG A 31 10.34 6.21 9.04
CA ARG A 31 9.81 7.18 9.98
C ARG A 31 9.08 6.46 11.12
N LEU A 32 8.32 5.45 10.75
CA LEU A 32 7.57 4.68 11.73
C LEU A 32 8.46 3.55 12.28
N GLY A 33 9.74 3.64 11.95
CA GLY A 33 10.70 2.65 12.41
C GLY A 33 10.07 1.26 12.44
N MET A 34 9.54 0.86 11.31
CA MET A 34 8.90 -0.45 11.19
C MET A 34 9.02 -0.99 9.76
N MET A 35 8.50 -2.21 9.59
CA MET A 35 8.54 -2.85 8.29
C MET A 35 7.13 -3.21 7.82
N THR A 36 6.47 -2.23 7.22
CA THR A 36 5.13 -2.42 6.72
C THR A 36 5.07 -3.64 5.79
N THR A 37 3.88 -4.20 5.67
CA THR A 37 3.68 -5.37 4.83
C THR A 37 2.45 -5.18 3.93
N VAL A 38 2.38 -5.99 2.89
CA VAL A 38 1.26 -5.92 1.97
C VAL A 38 0.60 -7.30 1.88
N SER A 39 -0.23 -7.57 2.88
CA SER A 39 -0.94 -8.85 2.93
C SER A 39 -2.28 -8.72 2.21
N GLY A 40 -2.35 -7.76 1.30
CA GLY A 40 -3.55 -7.54 0.53
C GLY A 40 -3.32 -6.50 -0.57
N VAL A 41 -3.79 -6.83 -1.76
CA VAL A 41 -3.64 -5.92 -2.89
C VAL A 41 -4.81 -6.14 -3.87
N GLU A 42 -5.40 -5.03 -4.29
CA GLU A 42 -6.52 -5.09 -5.22
C GLU A 42 -6.39 -3.97 -6.26
N MET A 43 -6.46 -4.38 -7.52
CA MET A 43 -6.36 -3.43 -8.61
C MET A 43 -7.48 -3.66 -9.64
N SER A 44 -8.44 -2.75 -9.63
CA SER A 44 -9.56 -2.83 -10.55
C SER A 44 -9.50 -1.71 -11.58
N ARG A 45 -9.15 -2.08 -12.80
CA ARG A 45 -9.04 -1.10 -13.88
C ARG A 45 -10.30 -1.14 -14.74
N ASP A 46 -11.16 -2.09 -14.45
CA ASP A 46 -12.40 -2.24 -15.19
C ASP A 46 -13.15 -0.90 -15.19
N LEU A 47 -12.78 -0.06 -14.25
CA LEU A 47 -13.41 1.25 -14.13
C LEU A 47 -12.36 2.28 -13.69
N ALA A 48 -11.95 2.15 -12.43
CA ALA A 48 -10.95 3.05 -11.87
C ALA A 48 -11.05 3.02 -10.34
N TYR A 49 -10.78 1.85 -9.80
CA TYR A 49 -10.82 1.67 -8.35
C TYR A 49 -9.95 0.48 -7.91
N ALA A 50 -9.13 0.74 -6.91
CA ALA A 50 -8.24 -0.29 -6.39
C ALA A 50 -8.23 -0.22 -4.87
N LYS A 51 -7.74 -1.29 -4.26
CA LYS A 51 -7.67 -1.37 -2.81
C LYS A 51 -6.38 -2.09 -2.42
N VAL A 52 -5.41 -1.30 -1.96
CA VAL A 52 -4.14 -1.85 -1.54
C VAL A 52 -4.08 -1.90 -0.01
N TYR A 53 -3.81 -3.09 0.50
CA TYR A 53 -3.74 -3.30 1.94
C TYR A 53 -2.32 -3.06 2.44
N VAL A 54 -2.23 -2.64 3.70
CA VAL A 54 -0.95 -2.37 4.32
C VAL A 54 -1.06 -2.56 5.84
N THR A 55 -0.19 -3.39 6.36
CA THR A 55 -0.18 -3.67 7.79
C THR A 55 1.11 -3.14 8.43
N PHE A 56 0.94 -2.51 9.59
CA PHE A 56 2.07 -1.95 10.30
C PHE A 56 2.05 -2.38 11.77
N LEU A 57 3.21 -2.29 12.40
CA LEU A 57 3.34 -2.66 13.80
C LEU A 57 3.15 -1.41 14.66
N ASN A 58 2.58 -0.38 14.06
CA ASN A 58 2.34 0.86 14.75
C ASN A 58 1.47 0.60 15.98
N ASP A 59 0.63 -0.42 15.86
CA ASP A 59 -0.27 -0.80 16.94
C ASP A 59 0.49 -0.69 18.28
N LYS A 60 1.73 -1.14 18.26
CA LYS A 60 2.57 -1.10 19.44
C LYS A 60 2.33 0.22 20.18
N ASP A 61 2.27 1.30 19.41
CA ASP A 61 2.04 2.61 19.99
C ASP A 61 0.87 3.29 19.26
N GLU A 62 -0.16 3.58 20.03
CA GLU A 62 -1.35 4.22 19.48
C GLU A 62 -1.01 5.65 19.03
N ASP A 63 0.06 6.18 19.59
CA ASP A 63 0.50 7.52 19.25
C ASP A 63 1.06 7.53 17.82
N ALA A 64 1.86 6.52 17.53
CA ALA A 64 2.46 6.41 16.21
C ALA A 64 1.44 5.81 15.24
N VAL A 65 0.43 5.17 15.82
CA VAL A 65 -0.62 4.55 15.01
C VAL A 65 -1.53 5.64 14.46
N LYS A 66 -1.83 6.61 15.30
CA LYS A 66 -2.69 7.71 14.90
C LYS A 66 -1.90 8.68 14.01
N ALA A 67 -0.73 9.05 14.50
CA ALA A 67 0.13 9.97 13.76
C ALA A 67 0.58 9.30 12.47
N GLY A 68 1.12 8.09 12.61
CA GLY A 68 1.59 7.34 11.46
C GLY A 68 0.49 7.19 10.42
N ILE A 69 -0.59 6.54 10.83
CA ILE A 69 -1.72 6.32 9.95
C ILE A 69 -2.21 7.66 9.40
N LYS A 70 -2.15 8.66 10.25
CA LYS A 70 -2.59 10.00 9.87
C LYS A 70 -1.70 10.51 8.73
N ALA A 71 -0.45 10.08 8.76
CA ALA A 71 0.51 10.48 7.74
C ALA A 71 0.20 9.72 6.45
N LEU A 72 -0.23 8.48 6.61
CA LEU A 72 -0.56 7.65 5.47
C LEU A 72 -1.85 8.14 4.82
N GLN A 73 -2.67 8.79 5.65
CA GLN A 73 -3.94 9.31 5.18
C GLN A 73 -3.72 10.61 4.40
N GLU A 74 -3.00 11.52 5.03
CA GLU A 74 -2.71 12.81 4.41
C GLU A 74 -1.87 12.61 3.15
N ALA A 75 -1.05 11.58 3.19
CA ALA A 75 -0.18 11.27 2.05
C ALA A 75 -0.91 10.30 1.12
N SER A 76 -2.21 10.20 1.32
CA SER A 76 -3.02 9.31 0.50
C SER A 76 -2.84 9.64 -0.97
N GLY A 77 -3.45 10.75 -1.38
CA GLY A 77 -3.36 11.18 -2.77
C GLY A 77 -1.90 11.25 -3.23
N PHE A 78 -1.02 11.30 -2.25
CA PHE A 78 0.41 11.37 -2.53
C PHE A 78 0.94 10.01 -2.99
N ILE A 79 0.51 8.98 -2.27
CA ILE A 79 0.94 7.62 -2.58
C ILE A 79 0.28 7.17 -3.90
N ARG A 80 -0.98 7.55 -4.04
CA ARG A 80 -1.73 7.19 -5.23
C ARG A 80 -1.15 7.90 -6.46
N SER A 81 -0.91 9.19 -6.29
CA SER A 81 -0.35 9.99 -7.37
C SER A 81 1.11 9.62 -7.60
N LEU A 82 1.81 9.37 -6.51
CA LEU A 82 3.21 9.00 -6.57
C LEU A 82 3.35 7.71 -7.37
N LEU A 83 2.39 6.82 -7.17
CA LEU A 83 2.40 5.55 -7.88
C LEU A 83 2.16 5.78 -9.37
N GLY A 84 1.01 6.38 -9.65
CA GLY A 84 0.65 6.66 -11.03
C GLY A 84 1.84 7.22 -11.81
N LYS A 85 2.58 8.10 -11.15
CA LYS A 85 3.74 8.72 -11.76
C LYS A 85 4.91 7.73 -11.72
N ALA A 86 5.02 7.03 -10.62
CA ALA A 86 6.09 6.05 -10.44
C ALA A 86 5.93 4.95 -11.48
N MET A 87 4.68 4.68 -11.84
CA MET A 87 4.39 3.66 -12.82
C MET A 87 3.81 4.27 -14.11
N ARG A 88 3.98 5.58 -14.23
CA ARG A 88 3.50 6.30 -15.39
C ARG A 88 2.37 5.51 -16.07
N LEU A 89 1.17 5.68 -15.53
CA LEU A 89 0.00 4.99 -16.07
C LEU A 89 -1.09 6.01 -16.39
N ARG A 90 -2.33 5.57 -16.24
CA ARG A 90 -3.46 6.44 -16.50
C ARG A 90 -4.69 5.96 -15.72
N ILE A 91 -4.86 4.65 -15.70
CA ILE A 91 -5.98 4.05 -14.99
C ILE A 91 -6.25 4.84 -13.71
N VAL A 92 -5.17 5.35 -13.13
CA VAL A 92 -5.27 6.12 -11.90
C VAL A 92 -6.57 5.75 -11.18
N PRO A 93 -6.67 4.44 -10.82
CA PRO A 93 -7.84 3.94 -10.11
C PRO A 93 -7.84 4.38 -8.65
N GLU A 94 -9.02 4.39 -8.05
CA GLU A 94 -9.16 4.79 -6.67
C GLU A 94 -8.49 3.77 -5.75
N LEU A 95 -7.17 3.68 -5.88
CA LEU A 95 -6.40 2.75 -5.08
C LEU A 95 -6.40 3.22 -3.63
N THR A 96 -7.38 2.72 -2.88
CA THR A 96 -7.50 3.08 -1.47
C THR A 96 -6.32 2.49 -0.68
N PHE A 97 -6.12 3.06 0.50
CA PHE A 97 -5.05 2.62 1.38
C PHE A 97 -5.61 2.05 2.69
N PHE A 98 -5.58 0.73 2.79
CA PHE A 98 -6.08 0.06 3.98
C PHE A 98 -4.95 -0.20 4.97
N TYR A 99 -5.10 0.38 6.16
CA TYR A 99 -4.11 0.23 7.21
C TYR A 99 -4.56 -0.81 8.24
N ASP A 100 -4.13 -2.05 8.02
CA ASP A 100 -4.48 -3.14 8.91
C ASP A 100 -3.32 -3.39 9.87
N ASN A 101 -3.33 -2.65 10.98
CA ASN A 101 -2.30 -2.79 11.99
C ASN A 101 -2.77 -3.76 13.08
N SER A 102 -1.97 -3.86 14.12
CA SER A 102 -2.28 -4.74 15.23
C SER A 102 -3.17 -4.01 16.24
N LEU A 103 -3.74 -2.91 15.79
CA LEU A 103 -4.62 -2.12 16.64
C LEU A 103 -6.07 -2.46 16.33
N VAL A 104 -6.24 -3.41 15.42
CA VAL A 104 -7.57 -3.83 15.02
C VAL A 104 -7.62 -5.36 14.96
N GLU A 105 -6.53 -5.96 15.41
CA GLU A 105 -6.43 -7.42 15.41
C GLU A 105 -5.44 -7.88 16.48
N GLY A 106 -4.35 -7.14 16.61
CA GLY A 106 -3.33 -7.46 17.58
C GLY A 106 -2.30 -8.43 17.00
N MET A 107 -2.70 -9.11 15.95
CA MET A 107 -1.81 -10.07 15.29
C MET A 107 -1.26 -9.49 14.00
N ARG A 108 -1.35 -8.17 13.88
CA ARG A 108 -0.86 -7.48 12.70
C ARG A 108 0.44 -6.75 13.03
N MET A 1 7.03 -10.13 -5.85
CA MET A 1 6.78 -11.19 -6.81
C MET A 1 6.37 -12.49 -6.10
N ALA A 2 5.83 -13.41 -6.88
CA ALA A 2 5.39 -14.69 -6.35
C ALA A 2 4.65 -15.47 -7.43
N LYS A 3 3.94 -14.72 -8.27
CA LYS A 3 3.18 -15.32 -9.35
C LYS A 3 3.70 -14.79 -10.69
N GLU A 4 4.69 -15.49 -11.22
CA GLU A 4 5.28 -15.11 -12.49
C GLU A 4 4.71 -15.96 -13.62
N PHE A 5 3.58 -15.51 -14.16
CA PHE A 5 2.93 -16.23 -15.24
C PHE A 5 2.30 -15.25 -16.23
N GLY A 6 1.52 -15.80 -17.16
CA GLY A 6 0.86 -15.00 -18.17
C GLY A 6 -0.55 -14.62 -17.73
N ARG A 7 -0.89 -15.03 -16.51
CA ARG A 7 -2.20 -14.74 -15.96
C ARG A 7 -2.23 -13.31 -15.40
N PRO A 8 -3.43 -12.93 -14.88
CA PRO A 8 -3.61 -11.61 -14.31
C PRO A 8 -2.95 -11.51 -12.93
N GLN A 9 -2.32 -12.60 -12.53
CA GLN A 9 -1.65 -12.66 -11.25
C GLN A 9 -0.23 -12.10 -11.37
N ARG A 10 0.31 -12.20 -12.59
CA ARG A 10 1.65 -11.72 -12.85
C ARG A 10 1.68 -10.19 -12.83
N VAL A 11 0.74 -9.60 -13.55
CA VAL A 11 0.65 -8.15 -13.62
C VAL A 11 0.32 -7.59 -12.24
N ALA A 12 -0.57 -8.30 -11.55
CA ALA A 12 -0.98 -7.89 -10.21
C ALA A 12 0.24 -7.91 -9.29
N GLN A 13 1.04 -8.95 -9.45
CA GLN A 13 2.24 -9.09 -8.63
C GLN A 13 3.27 -8.03 -9.00
N GLU A 14 3.73 -8.10 -10.23
CA GLU A 14 4.72 -7.14 -10.73
C GLU A 14 4.41 -5.74 -10.20
N MET A 15 3.14 -5.38 -10.26
CA MET A 15 2.70 -4.07 -9.79
C MET A 15 2.71 -4.01 -8.27
N GLN A 16 2.31 -5.12 -7.66
CA GLN A 16 2.26 -5.20 -6.21
C GLN A 16 3.67 -5.04 -5.63
N LYS A 17 4.65 -5.54 -6.38
CA LYS A 17 6.03 -5.47 -5.95
C LYS A 17 6.55 -4.05 -6.16
N GLU A 18 6.19 -3.49 -7.31
CA GLU A 18 6.61 -2.14 -7.66
C GLU A 18 5.97 -1.12 -6.70
N ILE A 19 4.69 -1.36 -6.42
CA ILE A 19 3.95 -0.47 -5.54
C ILE A 19 4.39 -0.72 -4.10
N ALA A 20 4.51 -2.00 -3.76
CA ALA A 20 4.92 -2.39 -2.42
C ALA A 20 6.24 -1.69 -2.07
N LEU A 21 7.10 -1.57 -3.07
CA LEU A 21 8.38 -0.92 -2.88
C LEU A 21 8.17 0.58 -2.69
N ILE A 22 7.52 1.18 -3.68
CA ILE A 22 7.24 2.60 -3.64
C ILE A 22 6.43 2.92 -2.38
N LEU A 23 5.77 1.90 -1.87
CA LEU A 23 4.95 2.05 -0.68
C LEU A 23 5.82 1.84 0.56
N GLN A 24 6.99 1.25 0.34
CA GLN A 24 7.92 0.98 1.42
C GLN A 24 9.14 1.88 1.30
N ARG A 25 9.21 2.59 0.19
CA ARG A 25 10.32 3.49 -0.06
C ARG A 25 9.84 4.94 -0.09
N GLU A 26 8.89 5.20 -0.97
CA GLU A 26 8.33 6.53 -1.09
C GLU A 26 7.50 6.89 0.14
N ILE A 27 7.25 5.88 0.96
CA ILE A 27 6.48 6.07 2.17
C ILE A 27 7.44 6.22 3.36
N LYS A 28 6.85 6.42 4.53
CA LYS A 28 7.63 6.59 5.75
C LYS A 28 7.59 5.30 6.56
N ASP A 29 8.24 4.27 6.03
CA ASP A 29 8.28 2.99 6.69
C ASP A 29 9.52 2.91 7.58
N PRO A 30 10.70 3.25 6.99
CA PRO A 30 11.94 3.24 7.72
C PRO A 30 12.04 4.43 8.66
N ARG A 31 11.01 5.26 8.62
CA ARG A 31 10.98 6.45 9.46
C ARG A 31 10.25 6.15 10.77
N LEU A 32 9.25 5.29 10.68
CA LEU A 32 8.48 4.90 11.84
C LEU A 32 9.27 3.88 12.66
N GLY A 33 10.23 3.25 12.00
CA GLY A 33 11.06 2.26 12.66
C GLY A 33 10.43 0.87 12.56
N MET A 34 9.50 0.74 11.63
CA MET A 34 8.82 -0.54 11.43
C MET A 34 8.92 -0.99 9.97
N MET A 35 8.60 -2.25 9.75
CA MET A 35 8.65 -2.82 8.42
C MET A 35 7.25 -3.15 7.91
N THR A 36 6.57 -2.11 7.42
CA THR A 36 5.23 -2.28 6.90
C THR A 36 5.15 -3.51 6.00
N THR A 37 3.92 -3.88 5.65
CA THR A 37 3.70 -5.03 4.79
C THR A 37 2.46 -4.82 3.93
N VAL A 38 2.36 -5.64 2.89
CA VAL A 38 1.23 -5.55 1.98
C VAL A 38 0.59 -6.95 1.83
N SER A 39 -0.22 -7.29 2.81
CA SER A 39 -0.90 -8.58 2.78
C SER A 39 -2.25 -8.46 2.08
N GLY A 40 -2.27 -7.58 1.07
CA GLY A 40 -3.48 -7.37 0.31
C GLY A 40 -3.27 -6.30 -0.77
N VAL A 41 -3.77 -6.59 -1.96
CA VAL A 41 -3.64 -5.68 -3.08
C VAL A 41 -4.77 -5.94 -4.08
N GLU A 42 -5.40 -4.85 -4.49
CA GLU A 42 -6.49 -4.95 -5.45
C GLU A 42 -6.41 -3.81 -6.47
N MET A 43 -6.42 -4.20 -7.74
CA MET A 43 -6.35 -3.23 -8.81
C MET A 43 -7.43 -3.49 -9.87
N SER A 44 -8.43 -2.62 -9.89
CA SER A 44 -9.53 -2.74 -10.83
C SER A 44 -9.42 -1.65 -11.90
N ARG A 45 -9.05 -2.07 -13.10
CA ARG A 45 -8.91 -1.13 -14.20
C ARG A 45 -10.13 -1.23 -15.12
N ASP A 46 -11.02 -2.15 -14.79
CA ASP A 46 -12.22 -2.34 -15.58
C ASP A 46 -13.04 -1.04 -15.58
N LEU A 47 -12.70 -0.17 -14.65
CA LEU A 47 -13.39 1.10 -14.54
C LEU A 47 -12.39 2.19 -14.13
N ALA A 48 -11.99 2.12 -12.86
CA ALA A 48 -11.04 3.09 -12.33
C ALA A 48 -11.13 3.08 -10.81
N TYR A 49 -10.80 1.94 -10.23
CA TYR A 49 -10.83 1.80 -8.78
C TYR A 49 -9.95 0.63 -8.33
N ALA A 50 -9.21 0.87 -7.25
CA ALA A 50 -8.33 -0.15 -6.72
C ALA A 50 -8.36 -0.08 -5.18
N LYS A 51 -7.90 -1.16 -4.57
CA LYS A 51 -7.87 -1.24 -3.12
C LYS A 51 -6.62 -2.01 -2.68
N VAL A 52 -5.67 -1.27 -2.12
CA VAL A 52 -4.43 -1.87 -1.66
C VAL A 52 -4.45 -1.95 -0.13
N TYR A 53 -3.76 -2.95 0.39
CA TYR A 53 -3.69 -3.15 1.82
C TYR A 53 -2.28 -2.89 2.35
N VAL A 54 -2.22 -2.32 3.54
CA VAL A 54 -0.94 -2.02 4.17
C VAL A 54 -1.04 -2.25 5.67
N THR A 55 -0.23 -3.17 6.16
CA THR A 55 -0.22 -3.50 7.57
C THR A 55 1.08 -3.02 8.22
N PHE A 56 0.92 -2.29 9.32
CA PHE A 56 2.06 -1.77 10.04
C PHE A 56 2.11 -2.31 11.47
N LEU A 57 3.23 -2.06 12.13
CA LEU A 57 3.42 -2.52 13.50
C LEU A 57 3.28 -1.32 14.45
N ASN A 58 2.62 -0.29 13.96
CA ASN A 58 2.42 0.91 14.75
C ASN A 58 1.59 0.57 15.99
N ASP A 59 0.76 -0.45 15.84
CA ASP A 59 -0.10 -0.90 16.93
C ASP A 59 0.68 -0.80 18.24
N LYS A 60 1.94 -1.23 18.19
CA LYS A 60 2.80 -1.20 19.37
C LYS A 60 2.52 0.08 20.16
N ASP A 61 2.38 1.18 19.42
CA ASP A 61 2.12 2.46 20.05
C ASP A 61 0.90 3.11 19.37
N GLU A 62 -0.14 3.30 20.18
CA GLU A 62 -1.36 3.92 19.69
C GLU A 62 -1.11 5.37 19.29
N ASP A 63 -0.02 5.92 19.83
CA ASP A 63 0.33 7.30 19.54
C ASP A 63 0.90 7.38 18.13
N ALA A 64 1.74 6.42 17.79
CA ALA A 64 2.35 6.38 16.47
C ALA A 64 1.36 5.80 15.47
N VAL A 65 0.39 5.08 16.00
CA VAL A 65 -0.62 4.46 15.16
C VAL A 65 -1.61 5.53 14.69
N LYS A 66 -1.98 6.40 15.61
CA LYS A 66 -2.90 7.47 15.31
C LYS A 66 -2.20 8.53 14.44
N ALA A 67 -1.10 9.03 14.97
CA ALA A 67 -0.32 10.04 14.26
C ALA A 67 0.20 9.44 12.95
N GLY A 68 0.88 8.31 13.08
CA GLY A 68 1.43 7.64 11.93
C GLY A 68 0.38 7.48 10.82
N ILE A 69 -0.67 6.75 11.16
CA ILE A 69 -1.76 6.52 10.22
C ILE A 69 -2.25 7.85 9.67
N LYS A 70 -2.15 8.87 10.51
CA LYS A 70 -2.59 10.20 10.13
C LYS A 70 -1.65 10.75 9.04
N ALA A 71 -0.38 10.37 9.16
CA ALA A 71 0.62 10.82 8.20
C ALA A 71 0.49 9.98 6.92
N LEU A 72 0.36 8.68 7.12
CA LEU A 72 0.23 7.76 5.99
C LEU A 72 -1.13 7.96 5.33
N GLN A 73 -2.04 8.56 6.09
CA GLN A 73 -3.38 8.82 5.58
C GLN A 73 -3.38 10.07 4.69
N GLU A 74 -2.83 11.14 5.24
CA GLU A 74 -2.77 12.40 4.51
C GLU A 74 -1.86 12.26 3.29
N ALA A 75 -0.90 11.35 3.41
CA ALA A 75 0.04 11.11 2.32
C ALA A 75 -0.57 10.11 1.34
N SER A 76 -1.82 9.77 1.59
CA SER A 76 -2.53 8.82 0.75
C SER A 76 -2.44 9.28 -0.71
N GLY A 77 -3.21 10.32 -1.02
CA GLY A 77 -3.24 10.86 -2.37
C GLY A 77 -1.82 11.01 -2.92
N PHE A 78 -0.86 11.05 -2.01
CA PHE A 78 0.52 11.20 -2.40
C PHE A 78 1.08 9.89 -2.96
N ILE A 79 0.75 8.80 -2.29
CA ILE A 79 1.20 7.48 -2.71
C ILE A 79 0.47 7.08 -3.99
N ARG A 80 -0.81 7.45 -4.05
CA ARG A 80 -1.63 7.14 -5.20
C ARG A 80 -1.16 7.95 -6.41
N SER A 81 -0.94 9.24 -6.18
CA SER A 81 -0.50 10.12 -7.24
C SER A 81 0.97 9.85 -7.57
N LEU A 82 1.72 9.52 -6.54
CA LEU A 82 3.14 9.23 -6.69
C LEU A 82 3.30 7.97 -7.55
N LEU A 83 2.37 7.05 -7.37
CA LEU A 83 2.39 5.81 -8.12
C LEU A 83 2.08 6.08 -9.58
N GLY A 84 0.88 6.59 -9.81
CA GLY A 84 0.45 6.91 -11.16
C GLY A 84 1.56 7.60 -11.95
N LYS A 85 2.16 8.60 -11.32
CA LYS A 85 3.24 9.33 -11.94
C LYS A 85 4.49 8.46 -12.00
N ALA A 86 4.73 7.75 -10.91
CA ALA A 86 5.89 6.87 -10.82
C ALA A 86 5.81 5.82 -11.92
N MET A 87 4.57 5.42 -12.23
CA MET A 87 4.35 4.42 -13.26
C MET A 87 3.69 5.05 -14.49
N ARG A 88 3.68 6.37 -14.51
CA ARG A 88 3.09 7.10 -15.62
C ARG A 88 2.05 6.23 -16.33
N LEU A 89 0.83 6.28 -15.84
CA LEU A 89 -0.25 5.50 -16.42
C LEU A 89 -1.42 6.43 -16.77
N ARG A 90 -2.61 5.86 -16.77
CA ARG A 90 -3.81 6.62 -17.08
C ARG A 90 -4.99 6.11 -16.25
N ILE A 91 -5.11 4.79 -16.18
CA ILE A 91 -6.18 4.17 -15.42
C ILE A 91 -6.43 4.97 -14.15
N VAL A 92 -5.34 5.47 -13.57
CA VAL A 92 -5.44 6.25 -12.36
C VAL A 92 -6.72 5.89 -11.61
N PRO A 93 -6.82 4.58 -11.24
CA PRO A 93 -7.98 4.09 -10.53
C PRO A 93 -7.95 4.54 -9.07
N GLU A 94 -9.14 4.60 -8.48
CA GLU A 94 -9.27 5.01 -7.09
C GLU A 94 -8.64 3.97 -6.17
N LEU A 95 -7.32 3.84 -6.29
CA LEU A 95 -6.58 2.89 -5.47
C LEU A 95 -6.59 3.36 -4.01
N THR A 96 -7.61 2.93 -3.29
CA THR A 96 -7.75 3.29 -1.89
C THR A 96 -6.64 2.65 -1.06
N PHE A 97 -6.50 3.13 0.16
CA PHE A 97 -5.48 2.61 1.06
C PHE A 97 -6.10 2.11 2.36
N PHE A 98 -6.02 0.79 2.55
CA PHE A 98 -6.57 0.17 3.74
C PHE A 98 -5.49 -0.08 4.78
N TYR A 99 -5.58 0.64 5.88
CA TYR A 99 -4.61 0.50 6.96
C TYR A 99 -5.01 -0.62 7.92
N ASP A 100 -4.31 -1.74 7.80
CA ASP A 100 -4.60 -2.89 8.65
C ASP A 100 -3.43 -3.11 9.60
N ASN A 101 -3.48 -2.41 10.72
CA ASN A 101 -2.42 -2.51 11.72
C ASN A 101 -2.83 -3.54 12.78
N SER A 102 -2.03 -3.62 13.82
CA SER A 102 -2.30 -4.55 14.90
C SER A 102 -3.14 -3.88 15.98
N LEU A 103 -3.73 -2.77 15.61
CA LEU A 103 -4.56 -2.01 16.54
C LEU A 103 -6.04 -2.27 16.21
N VAL A 104 -6.25 -3.19 15.28
CA VAL A 104 -7.60 -3.53 14.86
C VAL A 104 -7.73 -5.06 14.82
N GLU A 105 -6.67 -5.73 15.25
CA GLU A 105 -6.66 -7.18 15.26
C GLU A 105 -5.66 -7.69 16.29
N GLY A 106 -4.54 -6.99 16.39
CA GLY A 106 -3.50 -7.35 17.33
C GLY A 106 -2.57 -8.41 16.73
N MET A 107 -2.91 -8.84 15.52
CA MET A 107 -2.12 -9.84 14.84
C MET A 107 -1.69 -9.34 13.46
N ARG A 108 -1.61 -8.03 13.34
CA ARG A 108 -1.22 -7.41 12.08
C ARG A 108 0.12 -6.69 12.25
N MET A 1 4.45 -10.90 -2.95
CA MET A 1 4.93 -12.10 -3.60
C MET A 1 4.89 -11.95 -5.12
N ALA A 2 5.46 -12.93 -5.80
CA ALA A 2 5.49 -12.92 -7.25
C ALA A 2 4.75 -14.16 -7.78
N LYS A 3 4.10 -13.97 -8.93
CA LYS A 3 3.35 -15.05 -9.54
C LYS A 3 3.48 -14.95 -11.07
N GLU A 4 4.55 -15.56 -11.58
CA GLU A 4 4.79 -15.54 -13.01
C GLU A 4 3.81 -16.47 -13.73
N PHE A 5 2.65 -15.91 -14.06
CA PHE A 5 1.63 -16.67 -14.75
C PHE A 5 0.88 -15.79 -15.76
N GLY A 6 0.85 -16.27 -17.00
CA GLY A 6 0.18 -15.54 -18.06
C GLY A 6 -1.10 -14.87 -17.55
N ARG A 7 -1.67 -15.47 -16.52
CA ARG A 7 -2.89 -14.95 -15.92
C ARG A 7 -2.68 -13.50 -15.47
N PRO A 8 -3.77 -12.91 -14.92
CA PRO A 8 -3.71 -11.53 -14.44
C PRO A 8 -2.96 -11.46 -13.12
N GLN A 9 -2.41 -12.59 -12.70
CA GLN A 9 -1.67 -12.65 -11.46
C GLN A 9 -0.27 -12.06 -11.65
N ARG A 10 0.31 -12.34 -12.81
CA ARG A 10 1.65 -11.85 -13.12
C ARG A 10 1.67 -10.33 -13.06
N VAL A 11 0.73 -9.72 -13.78
CA VAL A 11 0.63 -8.27 -13.82
C VAL A 11 0.28 -7.76 -12.42
N ALA A 12 -0.59 -8.48 -11.75
CA ALA A 12 -1.01 -8.11 -10.42
C ALA A 12 0.20 -8.09 -9.49
N GLN A 13 1.07 -9.08 -9.68
CA GLN A 13 2.27 -9.19 -8.87
C GLN A 13 3.25 -8.08 -9.23
N GLU A 14 3.73 -8.13 -10.46
CA GLU A 14 4.68 -7.14 -10.94
C GLU A 14 4.32 -5.76 -10.41
N MET A 15 3.03 -5.46 -10.48
CA MET A 15 2.54 -4.17 -10.01
C MET A 15 2.55 -4.10 -8.48
N GLN A 16 2.17 -5.22 -7.87
CA GLN A 16 2.13 -5.30 -6.41
C GLN A 16 3.53 -5.08 -5.84
N LYS A 17 4.52 -5.54 -6.59
CA LYS A 17 5.91 -5.40 -6.17
C LYS A 17 6.36 -3.95 -6.38
N GLU A 18 5.96 -3.41 -7.52
CA GLU A 18 6.32 -2.04 -7.87
C GLU A 18 5.63 -1.06 -6.91
N ILE A 19 4.40 -1.40 -6.56
CA ILE A 19 3.63 -0.55 -5.65
C ILE A 19 4.13 -0.74 -4.23
N ALA A 20 4.35 -2.00 -3.88
CA ALA A 20 4.84 -2.33 -2.54
C ALA A 20 6.16 -1.60 -2.29
N LEU A 21 6.93 -1.45 -3.36
CA LEU A 21 8.22 -0.77 -3.26
C LEU A 21 7.99 0.73 -3.08
N ILE A 22 7.27 1.30 -4.04
CA ILE A 22 6.97 2.72 -4.00
C ILE A 22 6.24 3.05 -2.70
N LEU A 23 5.59 2.04 -2.15
CA LEU A 23 4.85 2.19 -0.91
C LEU A 23 5.79 1.97 0.27
N GLN A 24 6.94 1.38 -0.03
CA GLN A 24 7.93 1.11 1.00
C GLN A 24 9.14 2.03 0.83
N ARG A 25 9.14 2.76 -0.27
CA ARG A 25 10.23 3.67 -0.57
C ARG A 25 9.73 5.12 -0.56
N GLU A 26 8.64 5.34 -1.28
CA GLU A 26 8.05 6.67 -1.37
C GLU A 26 7.26 6.98 -0.09
N ILE A 27 7.07 5.94 0.71
CA ILE A 27 6.33 6.08 1.96
C ILE A 27 7.32 6.27 3.11
N LYS A 28 6.76 6.44 4.29
CA LYS A 28 7.58 6.63 5.49
C LYS A 28 7.60 5.33 6.30
N ASP A 29 8.31 4.35 5.77
CA ASP A 29 8.42 3.06 6.43
C ASP A 29 9.53 3.12 7.48
N PRO A 30 10.73 3.56 7.01
CA PRO A 30 11.88 3.66 7.90
C PRO A 30 11.75 4.89 8.82
N ARG A 31 10.64 5.59 8.66
CA ARG A 31 10.38 6.77 9.46
C ARG A 31 9.63 6.40 10.73
N LEU A 32 8.81 5.37 10.62
CA LEU A 32 8.03 4.90 11.74
C LEU A 32 8.90 3.99 12.63
N GLY A 33 9.92 3.42 12.00
CA GLY A 33 10.83 2.54 12.71
C GLY A 33 10.34 1.08 12.67
N MET A 34 9.50 0.82 11.68
CA MET A 34 8.95 -0.53 11.52
C MET A 34 8.81 -0.87 10.03
N MET A 35 8.88 -2.17 9.76
CA MET A 35 8.77 -2.65 8.39
C MET A 35 7.32 -2.99 8.04
N THR A 36 6.79 -2.26 7.07
CA THR A 36 5.42 -2.47 6.64
C THR A 36 5.34 -3.67 5.70
N THR A 37 4.14 -4.23 5.61
CA THR A 37 3.91 -5.39 4.75
C THR A 37 2.65 -5.17 3.90
N VAL A 38 2.49 -6.06 2.93
CA VAL A 38 1.33 -5.99 2.04
C VAL A 38 0.71 -7.38 1.91
N SER A 39 -0.24 -7.65 2.79
CA SER A 39 -0.92 -8.94 2.78
C SER A 39 -2.23 -8.84 1.99
N GLY A 40 -2.31 -7.79 1.18
CA GLY A 40 -3.48 -7.56 0.36
C GLY A 40 -3.21 -6.51 -0.72
N VAL A 41 -3.59 -6.86 -1.94
CA VAL A 41 -3.41 -5.96 -3.07
C VAL A 41 -4.59 -6.07 -4.01
N GLU A 42 -5.18 -4.92 -4.33
CA GLU A 42 -6.32 -4.89 -5.23
C GLU A 42 -6.10 -3.83 -6.32
N MET A 43 -6.16 -4.29 -7.55
CA MET A 43 -5.98 -3.40 -8.69
C MET A 43 -7.11 -3.57 -9.71
N SER A 44 -8.01 -2.60 -9.72
CA SER A 44 -9.14 -2.63 -10.63
C SER A 44 -8.98 -1.54 -11.69
N ARG A 45 -8.62 -1.98 -12.89
CA ARG A 45 -8.42 -1.06 -14.00
C ARG A 45 -9.62 -1.12 -14.94
N ASP A 46 -10.52 -2.05 -14.65
CA ASP A 46 -11.71 -2.21 -15.48
C ASP A 46 -12.42 -0.87 -15.63
N LEU A 47 -12.12 0.04 -14.70
CA LEU A 47 -12.71 1.36 -14.72
C LEU A 47 -11.71 2.37 -14.16
N ALA A 48 -11.50 2.29 -12.85
CA ALA A 48 -10.57 3.18 -12.18
C ALA A 48 -10.73 3.04 -10.67
N TYR A 49 -10.45 1.85 -10.19
CA TYR A 49 -10.56 1.57 -8.76
C TYR A 49 -9.52 0.54 -8.32
N ALA A 50 -9.02 0.73 -7.11
CA ALA A 50 -8.02 -0.17 -6.56
C ALA A 50 -8.02 -0.06 -5.04
N LYS A 51 -7.43 -1.06 -4.40
CA LYS A 51 -7.35 -1.09 -2.95
C LYS A 51 -6.09 -1.82 -2.52
N VAL A 52 -5.14 -1.05 -2.00
CA VAL A 52 -3.88 -1.62 -1.55
C VAL A 52 -3.87 -1.67 -0.02
N TYR A 53 -3.50 -2.84 0.50
CA TYR A 53 -3.45 -3.04 1.93
C TYR A 53 -2.01 -2.96 2.44
N VAL A 54 -1.86 -2.40 3.63
CA VAL A 54 -0.55 -2.26 4.25
C VAL A 54 -0.67 -2.45 5.75
N THR A 55 0.07 -3.42 6.25
CA THR A 55 0.06 -3.72 7.68
C THR A 55 1.35 -3.23 8.34
N PHE A 56 1.17 -2.51 9.44
CA PHE A 56 2.30 -1.98 10.17
C PHE A 56 2.28 -2.44 11.63
N LEU A 57 3.42 -2.30 12.28
CA LEU A 57 3.55 -2.69 13.67
C LEU A 57 3.32 -1.47 14.57
N ASN A 58 2.74 -0.45 13.97
CA ASN A 58 2.45 0.78 14.70
C ASN A 58 1.55 0.45 15.90
N ASP A 59 0.73 -0.56 15.72
CA ASP A 59 -0.19 -0.98 16.77
C ASP A 59 0.52 -0.88 18.13
N LYS A 60 1.76 -1.32 18.14
CA LYS A 60 2.55 -1.29 19.36
C LYS A 60 2.26 0.01 20.12
N ASP A 61 2.19 1.09 19.36
CA ASP A 61 1.92 2.40 19.94
C ASP A 61 0.74 3.05 19.20
N GLU A 62 -0.33 3.27 19.95
CA GLU A 62 -1.52 3.88 19.38
C GLU A 62 -1.24 5.33 18.99
N ASP A 63 -0.17 5.88 19.57
CA ASP A 63 0.21 7.24 19.29
C ASP A 63 0.82 7.32 17.89
N ALA A 64 1.67 6.34 17.60
CA ALA A 64 2.32 6.28 16.30
C ALA A 64 1.36 5.68 15.27
N VAL A 65 0.36 4.99 15.78
CA VAL A 65 -0.64 4.37 14.91
C VAL A 65 -1.58 5.45 14.37
N LYS A 66 -1.97 6.36 15.26
CA LYS A 66 -2.85 7.44 14.88
C LYS A 66 -2.08 8.47 14.06
N ALA A 67 -0.97 8.92 14.62
CA ALA A 67 -0.13 9.89 13.96
C ALA A 67 0.42 9.29 12.67
N GLY A 68 1.04 8.13 12.80
CA GLY A 68 1.62 7.45 11.66
C GLY A 68 0.60 7.28 10.55
N ILE A 69 -0.47 6.56 10.88
CA ILE A 69 -1.53 6.31 9.91
C ILE A 69 -2.07 7.64 9.40
N LYS A 70 -1.98 8.66 10.27
CA LYS A 70 -2.45 9.99 9.91
C LYS A 70 -1.55 10.56 8.81
N ALA A 71 -0.28 10.20 8.88
CA ALA A 71 0.69 10.67 7.90
C ALA A 71 0.54 9.87 6.61
N LEU A 72 0.36 8.56 6.80
CA LEU A 72 0.21 7.66 5.66
C LEU A 72 -1.14 7.92 4.98
N GLN A 73 -2.06 8.47 5.76
CA GLN A 73 -3.38 8.78 5.26
C GLN A 73 -3.36 10.07 4.45
N GLU A 74 -2.81 11.11 5.06
CA GLU A 74 -2.72 12.41 4.42
C GLU A 74 -1.86 12.30 3.15
N ALA A 75 -0.92 11.38 3.19
CA ALA A 75 -0.03 11.17 2.06
C ALA A 75 -0.61 10.08 1.16
N SER A 76 -1.85 9.75 1.42
CA SER A 76 -2.53 8.71 0.65
C SER A 76 -2.50 9.07 -0.84
N GLY A 77 -3.33 10.04 -1.21
CA GLY A 77 -3.41 10.49 -2.59
C GLY A 77 -2.00 10.70 -3.17
N PHE A 78 -1.06 10.96 -2.28
CA PHE A 78 0.32 11.19 -2.69
C PHE A 78 0.96 9.89 -3.19
N ILE A 79 0.71 8.83 -2.44
CA ILE A 79 1.27 7.53 -2.80
C ILE A 79 0.63 7.04 -4.10
N ARG A 80 -0.66 7.30 -4.22
CA ARG A 80 -1.40 6.91 -5.41
C ARG A 80 -0.85 7.62 -6.64
N SER A 81 -0.58 8.90 -6.47
CA SER A 81 -0.05 9.71 -7.55
C SER A 81 1.43 9.42 -7.75
N LEU A 82 2.08 9.06 -6.65
CA LEU A 82 3.50 8.75 -6.70
C LEU A 82 3.73 7.54 -7.61
N LEU A 83 2.89 6.55 -7.43
CA LEU A 83 2.98 5.33 -8.23
C LEU A 83 2.57 5.65 -9.67
N GLY A 84 1.43 6.32 -9.79
CA GLY A 84 0.92 6.69 -11.10
C GLY A 84 1.99 7.41 -11.93
N LYS A 85 2.67 8.34 -11.27
CA LYS A 85 3.71 9.11 -11.93
C LYS A 85 4.97 8.25 -12.05
N ALA A 86 5.27 7.54 -10.96
CA ALA A 86 6.44 6.68 -10.91
C ALA A 86 6.32 5.62 -12.01
N MET A 87 5.08 5.25 -12.30
CA MET A 87 4.82 4.24 -13.32
C MET A 87 3.97 4.82 -14.45
N ARG A 88 3.99 6.14 -14.53
CA ARG A 88 3.22 6.82 -15.57
C ARG A 88 2.08 5.95 -16.05
N LEU A 89 0.94 6.09 -15.39
CA LEU A 89 -0.24 5.31 -15.74
C LEU A 89 -1.41 6.26 -16.01
N ARG A 90 -2.47 5.71 -16.59
CA ARG A 90 -3.65 6.49 -16.89
C ARG A 90 -4.85 5.98 -16.09
N ILE A 91 -4.94 4.66 -16.00
CA ILE A 91 -6.02 4.04 -15.27
C ILE A 91 -6.33 4.85 -14.01
N VAL A 92 -5.27 5.45 -13.47
CA VAL A 92 -5.41 6.26 -12.27
C VAL A 92 -6.66 5.81 -11.50
N PRO A 93 -6.66 4.52 -11.11
CA PRO A 93 -7.78 3.96 -10.36
C PRO A 93 -7.76 4.43 -8.92
N GLU A 94 -8.94 4.46 -8.32
CA GLU A 94 -9.09 4.89 -6.94
C GLU A 94 -8.42 3.89 -6.00
N LEU A 95 -7.10 3.84 -6.07
CA LEU A 95 -6.34 2.93 -5.25
C LEU A 95 -6.38 3.41 -3.79
N THR A 96 -7.39 2.94 -3.08
CA THR A 96 -7.55 3.32 -1.68
C THR A 96 -6.42 2.74 -0.83
N PHE A 97 -6.32 3.26 0.39
CA PHE A 97 -5.28 2.81 1.30
C PHE A 97 -5.90 2.20 2.57
N PHE A 98 -5.70 0.90 2.71
CA PHE A 98 -6.23 0.19 3.86
C PHE A 98 -5.11 -0.17 4.85
N TYR A 99 -5.19 0.42 6.03
CA TYR A 99 -4.20 0.18 7.06
C TYR A 99 -4.65 -0.95 7.99
N ASP A 100 -3.95 -2.08 7.89
CA ASP A 100 -4.26 -3.23 8.71
C ASP A 100 -3.11 -3.48 9.69
N ASN A 101 -3.20 -2.83 10.83
CA ASN A 101 -2.19 -2.96 11.86
C ASN A 101 -2.65 -3.96 12.92
N SER A 102 -1.87 -4.08 13.98
CA SER A 102 -2.20 -4.99 15.06
C SER A 102 -3.06 -4.28 16.10
N LEU A 103 -3.60 -3.13 15.69
CA LEU A 103 -4.45 -2.35 16.58
C LEU A 103 -5.92 -2.62 16.24
N VAL A 104 -6.12 -3.52 15.29
CA VAL A 104 -7.46 -3.87 14.87
C VAL A 104 -7.61 -5.40 14.87
N GLU A 105 -6.53 -6.06 15.24
CA GLU A 105 -6.52 -7.52 15.28
C GLU A 105 -5.60 -8.00 16.40
N GLY A 106 -4.47 -7.35 16.52
CA GLY A 106 -3.50 -7.70 17.55
C GLY A 106 -2.54 -8.80 17.04
N MET A 107 -2.64 -9.07 15.75
CA MET A 107 -1.79 -10.08 15.13
C MET A 107 -1.23 -9.57 13.79
N ARG A 108 -1.34 -8.27 13.58
CA ARG A 108 -0.85 -7.66 12.36
C ARG A 108 0.47 -6.94 12.62
N MET A 1 8.53 -14.95 -5.02
CA MET A 1 7.14 -14.70 -4.62
C MET A 1 6.42 -13.86 -5.66
N ALA A 2 5.99 -14.51 -6.72
CA ALA A 2 5.27 -13.84 -7.78
C ALA A 2 4.44 -14.85 -8.56
N LYS A 3 3.86 -14.38 -9.66
CA LYS A 3 3.04 -15.24 -10.49
C LYS A 3 3.19 -14.82 -11.96
N GLU A 4 4.21 -15.38 -12.59
CA GLU A 4 4.48 -15.07 -13.99
C GLU A 4 3.56 -15.89 -14.90
N PHE A 5 2.37 -15.36 -15.12
CA PHE A 5 1.39 -16.03 -15.97
C PHE A 5 0.57 -15.02 -16.77
N GLY A 6 0.38 -15.33 -18.04
CA GLY A 6 -0.39 -14.46 -18.91
C GLY A 6 -1.61 -13.87 -18.18
N ARG A 7 -2.05 -14.61 -17.17
CA ARG A 7 -3.19 -14.17 -16.39
C ARG A 7 -2.94 -12.79 -15.79
N PRO A 8 -3.98 -12.27 -15.07
CA PRO A 8 -3.87 -10.97 -14.45
C PRO A 8 -2.99 -11.03 -13.19
N GLN A 9 -2.41 -12.20 -12.97
CA GLN A 9 -1.55 -12.41 -11.82
C GLN A 9 -0.18 -11.79 -12.07
N ARG A 10 0.29 -11.95 -13.30
CA ARG A 10 1.59 -11.42 -13.68
C ARG A 10 1.63 -9.91 -13.46
N VAL A 11 0.55 -9.25 -13.88
CA VAL A 11 0.46 -7.81 -13.74
C VAL A 11 0.16 -7.47 -12.27
N ALA A 12 -0.60 -8.34 -11.63
CA ALA A 12 -0.95 -8.14 -10.24
C ALA A 12 0.32 -8.14 -9.39
N GLN A 13 1.18 -9.11 -9.67
CA GLN A 13 2.43 -9.23 -8.94
C GLN A 13 3.35 -8.06 -9.26
N GLU A 14 3.75 -7.99 -10.52
CA GLU A 14 4.63 -6.93 -10.96
C GLU A 14 4.22 -5.60 -10.32
N MET A 15 2.91 -5.38 -10.28
CA MET A 15 2.38 -4.16 -9.71
C MET A 15 2.45 -4.20 -8.17
N GLN A 16 2.22 -5.39 -7.64
CA GLN A 16 2.25 -5.57 -6.19
C GLN A 16 3.66 -5.31 -5.66
N LYS A 17 4.64 -5.65 -6.47
CA LYS A 17 6.03 -5.47 -6.09
C LYS A 17 6.40 -3.99 -6.25
N GLU A 18 5.95 -3.42 -7.36
CA GLU A 18 6.22 -2.02 -7.65
C GLU A 18 5.51 -1.12 -6.64
N ILE A 19 4.27 -1.49 -6.33
CA ILE A 19 3.47 -0.73 -5.40
C ILE A 19 4.00 -0.98 -3.97
N ALA A 20 4.17 -2.25 -3.65
CA ALA A 20 4.66 -2.62 -2.34
C ALA A 20 5.95 -1.87 -2.05
N LEU A 21 6.74 -1.67 -3.09
CA LEU A 21 8.00 -0.96 -2.96
C LEU A 21 7.72 0.52 -2.67
N ILE A 22 7.04 1.15 -3.62
CA ILE A 22 6.70 2.55 -3.49
C ILE A 22 5.90 2.76 -2.19
N LEU A 23 5.30 1.67 -1.73
CA LEU A 23 4.50 1.72 -0.51
C LEU A 23 5.42 1.50 0.69
N GLN A 24 6.60 0.97 0.41
CA GLN A 24 7.56 0.71 1.47
C GLN A 24 8.77 1.65 1.34
N ARG A 25 8.76 2.40 0.25
CA ARG A 25 9.84 3.34 -0.01
C ARG A 25 9.33 4.77 0.05
N GLU A 26 8.34 5.05 -0.79
CA GLU A 26 7.75 6.38 -0.84
C GLU A 26 6.98 6.66 0.44
N ILE A 27 6.66 5.58 1.16
CA ILE A 27 5.92 5.71 2.40
C ILE A 27 6.90 5.96 3.55
N LYS A 28 6.34 6.12 4.74
CA LYS A 28 7.15 6.37 5.92
C LYS A 28 7.31 5.07 6.70
N ASP A 29 8.11 4.17 6.14
CA ASP A 29 8.36 2.90 6.77
C ASP A 29 9.50 3.05 7.79
N PRO A 30 10.61 3.65 7.33
CA PRO A 30 11.77 3.87 8.18
C PRO A 30 11.51 5.00 9.18
N ARG A 31 10.48 5.77 8.90
CA ARG A 31 10.11 6.89 9.75
C ARG A 31 9.33 6.39 10.97
N LEU A 32 8.42 5.47 10.72
CA LEU A 32 7.61 4.91 11.78
C LEU A 32 8.48 4.00 12.66
N GLY A 33 9.55 3.51 12.06
CA GLY A 33 10.47 2.63 12.77
C GLY A 33 10.01 1.18 12.70
N MET A 34 9.31 0.87 11.63
CA MET A 34 8.80 -0.48 11.43
C MET A 34 8.82 -0.86 9.94
N MET A 35 8.52 -2.13 9.69
CA MET A 35 8.50 -2.62 8.32
C MET A 35 7.09 -3.07 7.93
N THR A 36 6.45 -2.26 7.11
CA THR A 36 5.11 -2.55 6.66
C THR A 36 5.14 -3.70 5.63
N THR A 37 3.99 -4.35 5.50
CA THR A 37 3.86 -5.46 4.56
C THR A 37 2.58 -5.34 3.76
N VAL A 38 2.53 -6.06 2.65
CA VAL A 38 1.37 -6.04 1.78
C VAL A 38 0.72 -7.43 1.78
N SER A 39 -0.17 -7.63 2.73
CA SER A 39 -0.87 -8.90 2.85
C SER A 39 -2.15 -8.88 2.02
N GLY A 40 -2.15 -7.99 1.02
CA GLY A 40 -3.31 -7.86 0.14
C GLY A 40 -3.01 -6.89 -1.00
N VAL A 41 -3.46 -7.26 -2.19
CA VAL A 41 -3.26 -6.44 -3.37
C VAL A 41 -4.42 -6.65 -4.34
N GLU A 42 -5.05 -5.54 -4.70
CA GLU A 42 -6.17 -5.59 -5.62
C GLU A 42 -6.10 -4.43 -6.62
N MET A 43 -6.36 -4.74 -7.87
CA MET A 43 -6.32 -3.75 -8.93
C MET A 43 -7.48 -3.94 -9.90
N SER A 44 -8.45 -3.04 -9.80
CA SER A 44 -9.62 -3.10 -10.68
C SER A 44 -9.51 -2.03 -11.76
N ARG A 45 -9.24 -2.48 -12.97
CA ARG A 45 -9.11 -1.57 -14.09
C ARG A 45 -10.39 -1.57 -14.93
N ASP A 46 -11.28 -2.50 -14.58
CA ASP A 46 -12.54 -2.63 -15.29
C ASP A 46 -13.19 -1.25 -15.42
N LEU A 47 -12.80 -0.37 -14.51
CA LEU A 47 -13.33 0.99 -14.51
C LEU A 47 -12.23 1.97 -14.09
N ALA A 48 -11.90 1.92 -12.81
CA ALA A 48 -10.87 2.80 -12.27
C ALA A 48 -10.90 2.72 -10.74
N TYR A 49 -10.67 1.52 -10.23
CA TYR A 49 -10.67 1.31 -8.79
C TYR A 49 -9.67 0.21 -8.41
N ALA A 50 -8.86 0.53 -7.41
CA ALA A 50 -7.86 -0.41 -6.94
C ALA A 50 -7.84 -0.41 -5.40
N LYS A 51 -7.31 -1.49 -4.85
CA LYS A 51 -7.23 -1.61 -3.40
C LYS A 51 -5.90 -2.27 -3.03
N VAL A 52 -5.07 -1.51 -2.33
CA VAL A 52 -3.78 -2.01 -1.90
C VAL A 52 -3.75 -2.12 -0.37
N TYR A 53 -3.55 -3.33 0.10
CA TYR A 53 -3.49 -3.58 1.54
C TYR A 53 -2.09 -3.32 2.08
N VAL A 54 -2.04 -2.98 3.36
CA VAL A 54 -0.78 -2.71 4.02
C VAL A 54 -0.95 -2.89 5.54
N THR A 55 -0.03 -3.65 6.11
CA THR A 55 -0.06 -3.91 7.54
C THR A 55 1.18 -3.31 8.21
N PHE A 56 0.91 -2.57 9.28
CA PHE A 56 1.99 -1.94 10.03
C PHE A 56 2.00 -2.41 11.49
N LEU A 57 3.15 -2.23 12.13
CA LEU A 57 3.30 -2.63 13.51
C LEU A 57 3.27 -1.39 14.41
N ASN A 58 2.56 -0.38 13.93
CA ASN A 58 2.44 0.87 14.67
C ASN A 58 1.61 0.62 15.93
N ASP A 59 0.77 -0.40 15.87
CA ASP A 59 -0.08 -0.74 16.98
C ASP A 59 0.73 -0.66 18.29
N LYS A 60 1.97 -1.11 18.19
CA LYS A 60 2.86 -1.09 19.35
C LYS A 60 2.64 0.20 20.13
N ASP A 61 2.54 1.29 19.39
CA ASP A 61 2.33 2.59 20.00
C ASP A 61 1.12 3.27 19.35
N GLU A 62 0.12 3.54 20.17
CA GLU A 62 -1.10 4.18 19.69
C GLU A 62 -0.80 5.61 19.26
N ASP A 63 0.31 6.13 19.76
CA ASP A 63 0.72 7.49 19.43
C ASP A 63 1.25 7.52 18.00
N ALA A 64 2.03 6.51 17.66
CA ALA A 64 2.60 6.41 16.33
C ALA A 64 1.56 5.84 15.37
N VAL A 65 0.57 5.18 15.94
CA VAL A 65 -0.49 4.59 15.15
C VAL A 65 -1.46 5.68 14.70
N LYS A 66 -1.75 6.59 15.62
CA LYS A 66 -2.66 7.69 15.34
C LYS A 66 -1.93 8.72 14.48
N ALA A 67 -0.75 9.10 14.93
CA ALA A 67 0.04 10.10 14.21
C ALA A 67 0.51 9.50 12.89
N GLY A 68 1.08 8.30 12.98
CA GLY A 68 1.58 7.61 11.80
C GLY A 68 0.47 7.47 10.75
N ILE A 69 -0.58 6.76 11.13
CA ILE A 69 -1.71 6.54 10.25
C ILE A 69 -2.21 7.89 9.72
N LYS A 70 -2.20 8.88 10.59
CA LYS A 70 -2.64 10.21 10.24
C LYS A 70 -1.75 10.75 9.11
N ALA A 71 -0.47 10.37 9.17
CA ALA A 71 0.48 10.80 8.17
C ALA A 71 0.29 9.99 6.89
N LEU A 72 0.05 8.69 7.08
CA LEU A 72 -0.15 7.80 5.96
C LEU A 72 -1.45 8.16 5.25
N GLN A 73 -2.31 8.86 5.99
CA GLN A 73 -3.60 9.27 5.45
C GLN A 73 -3.46 10.57 4.66
N GLU A 74 -2.80 11.54 5.29
CA GLU A 74 -2.58 12.83 4.66
C GLU A 74 -1.76 12.66 3.38
N ALA A 75 -0.94 11.62 3.38
CA ALA A 75 -0.09 11.34 2.23
C ALA A 75 -0.78 10.31 1.33
N SER A 76 -2.07 10.14 1.56
CA SER A 76 -2.85 9.20 0.78
C SER A 76 -2.71 9.50 -0.70
N GLY A 77 -3.39 10.56 -1.13
CA GLY A 77 -3.35 10.98 -2.52
C GLY A 77 -1.91 11.09 -3.02
N PHE A 78 -0.99 11.22 -2.06
CA PHE A 78 0.42 11.33 -2.39
C PHE A 78 0.99 9.99 -2.85
N ILE A 79 0.66 8.96 -2.09
CA ILE A 79 1.14 7.63 -2.40
C ILE A 79 0.51 7.16 -3.71
N ARG A 80 -0.77 7.48 -3.86
CA ARG A 80 -1.50 7.11 -5.05
C ARG A 80 -0.89 7.76 -6.29
N SER A 81 -0.58 9.04 -6.15
CA SER A 81 0.02 9.79 -7.24
C SER A 81 1.48 9.39 -7.42
N LEU A 82 2.07 8.95 -6.31
CA LEU A 82 3.46 8.52 -6.33
C LEU A 82 3.60 7.29 -7.23
N LEU A 83 2.66 6.38 -7.08
CA LEU A 83 2.67 5.16 -7.87
C LEU A 83 2.40 5.49 -9.34
N GLY A 84 1.23 6.07 -9.57
CA GLY A 84 0.84 6.46 -10.92
C GLY A 84 2.00 7.11 -11.66
N LYS A 85 2.69 8.00 -10.95
CA LYS A 85 3.82 8.71 -11.54
C LYS A 85 5.02 7.77 -11.59
N ALA A 86 5.16 6.97 -10.54
CA ALA A 86 6.26 6.03 -10.44
C ALA A 86 6.20 5.06 -11.62
N MET A 87 4.97 4.79 -12.05
CA MET A 87 4.75 3.88 -13.16
C MET A 87 3.99 4.56 -14.29
N ARG A 88 4.05 5.89 -14.28
CA ARG A 88 3.37 6.67 -15.29
C ARG A 88 2.21 5.87 -15.90
N LEU A 89 1.07 5.94 -15.23
CA LEU A 89 -0.11 5.24 -15.69
C LEU A 89 -1.22 6.25 -16.02
N ARG A 90 -2.29 5.73 -16.60
CA ARG A 90 -3.42 6.57 -16.96
C ARG A 90 -4.68 6.11 -16.24
N ILE A 91 -4.87 4.80 -16.20
CA ILE A 91 -6.02 4.22 -15.54
C ILE A 91 -6.29 4.97 -14.23
N VAL A 92 -5.22 5.50 -13.65
CA VAL A 92 -5.32 6.24 -12.41
C VAL A 92 -6.57 5.79 -11.66
N PRO A 93 -6.60 4.47 -11.34
CA PRO A 93 -7.72 3.89 -10.62
C PRO A 93 -7.68 4.28 -9.14
N GLU A 94 -8.84 4.20 -8.51
CA GLU A 94 -8.95 4.55 -7.11
C GLU A 94 -8.21 3.51 -6.25
N LEU A 95 -6.91 3.41 -6.48
CA LEU A 95 -6.10 2.47 -5.75
C LEU A 95 -5.99 2.91 -4.28
N THR A 96 -6.96 2.49 -3.49
CA THR A 96 -6.99 2.84 -2.08
C THR A 96 -5.89 2.09 -1.33
N PHE A 97 -5.63 2.55 -0.11
CA PHE A 97 -4.60 1.94 0.73
C PHE A 97 -5.19 1.51 2.07
N PHE A 98 -5.29 0.20 2.24
CA PHE A 98 -5.83 -0.35 3.47
C PHE A 98 -4.72 -0.59 4.49
N TYR A 99 -4.78 0.18 5.58
CA TYR A 99 -3.79 0.06 6.63
C TYR A 99 -4.33 -0.78 7.80
N ASP A 100 -4.01 -2.07 7.76
CA ASP A 100 -4.46 -2.98 8.79
C ASP A 100 -3.29 -3.24 9.77
N ASN A 101 -3.27 -2.45 10.83
CA ASN A 101 -2.23 -2.58 11.83
C ASN A 101 -2.68 -3.59 12.90
N SER A 102 -1.90 -3.66 13.97
CA SER A 102 -2.21 -4.57 15.07
C SER A 102 -3.07 -3.86 16.10
N LEU A 103 -3.65 -2.73 15.68
CA LEU A 103 -4.50 -1.95 16.57
C LEU A 103 -5.96 -2.26 16.26
N VAL A 104 -6.16 -3.24 15.38
CA VAL A 104 -7.50 -3.64 14.99
C VAL A 104 -7.62 -5.17 15.07
N GLU A 105 -6.53 -5.79 15.53
CA GLU A 105 -6.51 -7.23 15.65
C GLU A 105 -5.48 -7.65 16.72
N GLY A 106 -4.38 -6.91 16.74
CA GLY A 106 -3.32 -7.19 17.71
C GLY A 106 -2.32 -8.20 17.13
N MET A 107 -2.68 -8.76 15.99
CA MET A 107 -1.82 -9.74 15.33
C MET A 107 -2.01 -9.70 13.81
N ARG A 108 -2.44 -8.53 13.34
CA ARG A 108 -2.65 -8.34 11.91
C ARG A 108 -1.56 -9.05 11.11
N MET A 1 2.02 -12.71 -3.62
CA MET A 1 3.34 -12.18 -3.93
C MET A 1 4.24 -13.28 -4.49
N ALA A 2 3.79 -13.87 -5.58
CA ALA A 2 4.55 -14.93 -6.22
C ALA A 2 3.67 -15.62 -7.28
N LYS A 3 3.52 -14.94 -8.40
CA LYS A 3 2.71 -15.47 -9.49
C LYS A 3 3.30 -15.01 -10.83
N GLU A 4 4.03 -15.90 -11.45
CA GLU A 4 4.65 -15.60 -12.74
C GLU A 4 3.99 -16.41 -13.85
N PHE A 5 2.90 -15.85 -14.36
CA PHE A 5 2.16 -16.51 -15.43
C PHE A 5 1.60 -15.48 -16.43
N GLY A 6 0.81 -15.98 -17.36
CA GLY A 6 0.21 -15.12 -18.37
C GLY A 6 -1.18 -14.63 -17.92
N ARG A 7 -1.57 -15.07 -16.74
CA ARG A 7 -2.85 -14.68 -16.18
C ARG A 7 -2.80 -13.26 -15.64
N PRO A 8 -3.97 -12.79 -15.14
CA PRO A 8 -4.07 -11.44 -14.60
C PRO A 8 -3.40 -11.35 -13.22
N GLN A 9 -2.84 -12.48 -12.81
CA GLN A 9 -2.17 -12.55 -11.52
C GLN A 9 -0.74 -12.01 -11.63
N ARG A 10 -0.09 -12.36 -12.73
CA ARG A 10 1.27 -11.91 -12.97
C ARG A 10 1.34 -10.38 -12.91
N VAL A 11 0.61 -9.75 -13.80
CA VAL A 11 0.58 -8.30 -13.87
C VAL A 11 0.32 -7.74 -12.47
N ALA A 12 -0.60 -8.39 -11.77
CA ALA A 12 -0.95 -7.97 -10.42
C ALA A 12 0.30 -8.03 -9.54
N GLN A 13 1.14 -9.01 -9.80
CA GLN A 13 2.36 -9.19 -9.05
C GLN A 13 3.32 -8.02 -9.31
N GLU A 14 3.83 -7.98 -10.54
CA GLU A 14 4.75 -6.93 -10.92
C GLU A 14 4.29 -5.58 -10.35
N MET A 15 2.99 -5.37 -10.39
CA MET A 15 2.42 -4.14 -9.88
C MET A 15 2.41 -4.12 -8.36
N GLN A 16 2.13 -5.29 -7.79
CA GLN A 16 2.09 -5.42 -6.34
C GLN A 16 3.47 -5.17 -5.74
N LYS A 17 4.48 -5.61 -6.48
CA LYS A 17 5.86 -5.45 -6.03
C LYS A 17 6.28 -3.99 -6.23
N GLU A 18 5.82 -3.43 -7.34
CA GLU A 18 6.14 -2.04 -7.67
C GLU A 18 5.44 -1.09 -6.69
N ILE A 19 4.20 -1.41 -6.40
CA ILE A 19 3.41 -0.60 -5.49
C ILE A 19 3.86 -0.87 -4.04
N ALA A 20 4.14 -2.13 -3.78
CA ALA A 20 4.58 -2.55 -2.45
C ALA A 20 5.89 -1.83 -2.11
N LEU A 21 6.71 -1.64 -3.14
CA LEU A 21 7.99 -0.97 -2.96
C LEU A 21 7.75 0.52 -2.73
N ILE A 22 7.10 1.14 -3.71
CA ILE A 22 6.80 2.56 -3.62
C ILE A 22 5.97 2.83 -2.36
N LEU A 23 5.33 1.78 -1.88
CA LEU A 23 4.49 1.88 -0.70
C LEU A 23 5.36 1.69 0.54
N GLN A 24 6.53 1.12 0.33
CA GLN A 24 7.46 0.87 1.43
C GLN A 24 8.69 1.77 1.29
N ARG A 25 8.75 2.47 0.16
CA ARG A 25 9.86 3.37 -0.09
C ARG A 25 9.38 4.82 -0.08
N GLU A 26 8.47 5.12 -0.99
CA GLU A 26 7.92 6.46 -1.10
C GLU A 26 7.11 6.80 0.16
N ILE A 27 6.80 5.76 0.92
CA ILE A 27 6.03 5.94 2.14
C ILE A 27 6.99 6.21 3.30
N LYS A 28 6.40 6.38 4.48
CA LYS A 28 7.18 6.66 5.67
C LYS A 28 7.33 5.37 6.49
N ASP A 29 8.17 4.48 5.97
CA ASP A 29 8.41 3.21 6.63
C ASP A 29 9.48 3.40 7.71
N PRO A 30 10.61 4.03 7.29
CA PRO A 30 11.71 4.27 8.21
C PRO A 30 11.39 5.43 9.16
N ARG A 31 10.37 6.19 8.79
CA ARG A 31 9.95 7.32 9.60
C ARG A 31 9.14 6.83 10.80
N LEU A 32 8.53 5.67 10.64
CA LEU A 32 7.72 5.09 11.70
C LEU A 32 8.63 4.24 12.60
N GLY A 33 9.74 3.83 12.05
CA GLY A 33 10.70 3.02 12.79
C GLY A 33 10.32 1.54 12.74
N MET A 34 9.50 1.21 11.75
CA MET A 34 9.06 -0.16 11.57
C MET A 34 8.96 -0.52 10.08
N MET A 35 8.85 -1.82 9.82
CA MET A 35 8.76 -2.31 8.46
C MET A 35 7.32 -2.71 8.12
N THR A 36 6.78 -2.07 7.10
CA THR A 36 5.42 -2.35 6.67
C THR A 36 5.41 -3.54 5.71
N THR A 37 4.21 -4.08 5.51
CA THR A 37 4.05 -5.21 4.62
C THR A 37 2.75 -5.09 3.82
N VAL A 38 2.62 -5.93 2.81
CA VAL A 38 1.45 -5.92 1.97
C VAL A 38 0.86 -7.33 1.90
N SER A 39 -0.04 -7.61 2.83
CA SER A 39 -0.68 -8.92 2.89
C SER A 39 -1.99 -8.89 2.10
N GLY A 40 -2.00 -8.05 1.07
CA GLY A 40 -3.18 -7.93 0.23
C GLY A 40 -2.97 -6.87 -0.87
N VAL A 41 -3.52 -7.15 -2.03
CA VAL A 41 -3.40 -6.24 -3.15
C VAL A 41 -4.61 -6.40 -4.08
N GLU A 42 -5.11 -5.27 -4.55
CA GLU A 42 -6.26 -5.28 -5.44
C GLU A 42 -6.14 -4.15 -6.47
N MET A 43 -6.42 -4.52 -7.72
CA MET A 43 -6.35 -3.55 -8.81
C MET A 43 -7.50 -3.75 -9.79
N SER A 44 -8.42 -2.79 -9.78
CA SER A 44 -9.57 -2.85 -10.65
C SER A 44 -9.48 -1.75 -11.72
N ARG A 45 -9.19 -2.18 -12.94
CA ARG A 45 -9.06 -1.26 -14.05
C ARG A 45 -10.34 -1.26 -14.89
N ASP A 46 -11.27 -2.10 -14.49
CA ASP A 46 -12.54 -2.21 -15.20
C ASP A 46 -13.24 -0.85 -15.17
N LEU A 47 -12.78 0.02 -14.29
CA LEU A 47 -13.35 1.35 -14.16
C LEU A 47 -12.25 2.34 -13.82
N ALA A 48 -11.76 2.23 -12.59
CA ALA A 48 -10.70 3.12 -12.12
C ALA A 48 -10.68 3.12 -10.59
N TYR A 49 -10.53 1.93 -10.04
CA TYR A 49 -10.49 1.77 -8.58
C TYR A 49 -9.65 0.56 -8.19
N ALA A 50 -8.81 0.76 -7.18
CA ALA A 50 -7.96 -0.30 -6.69
C ALA A 50 -7.86 -0.21 -5.17
N LYS A 51 -7.48 -1.33 -4.57
CA LYS A 51 -7.34 -1.39 -3.12
C LYS A 51 -6.16 -2.28 -2.76
N VAL A 52 -5.21 -1.68 -2.05
CA VAL A 52 -4.02 -2.41 -1.64
C VAL A 52 -3.94 -2.43 -0.12
N TYR A 53 -3.61 -3.60 0.40
CA TYR A 53 -3.50 -3.77 1.84
C TYR A 53 -2.08 -3.46 2.34
N VAL A 54 -2.01 -2.91 3.54
CA VAL A 54 -0.73 -2.56 4.13
C VAL A 54 -0.80 -2.77 5.64
N THR A 55 0.06 -3.65 6.13
CA THR A 55 0.11 -3.94 7.56
C THR A 55 1.36 -3.32 8.19
N PHE A 56 1.13 -2.51 9.20
CA PHE A 56 2.22 -1.84 9.90
C PHE A 56 2.34 -2.34 11.34
N LEU A 57 3.49 -2.09 11.93
CA LEU A 57 3.74 -2.50 13.30
C LEU A 57 3.45 -1.32 14.24
N ASN A 58 2.76 -0.34 13.70
CA ASN A 58 2.42 0.85 14.47
C ASN A 58 1.58 0.44 15.69
N ASP A 59 0.79 -0.61 15.49
CA ASP A 59 -0.06 -1.11 16.55
C ASP A 59 0.70 -1.07 17.87
N LYS A 60 1.99 -1.31 17.78
CA LYS A 60 2.85 -1.32 18.96
C LYS A 60 2.49 -0.12 19.84
N ASP A 61 2.35 1.03 19.20
CA ASP A 61 2.01 2.26 19.92
C ASP A 61 0.80 2.91 19.24
N GLU A 62 -0.24 3.11 20.03
CA GLU A 62 -1.46 3.73 19.52
C GLU A 62 -1.20 5.19 19.16
N ASP A 63 -0.17 5.75 19.79
CA ASP A 63 0.20 7.13 19.55
C ASP A 63 0.78 7.26 18.13
N ALA A 64 1.63 6.30 17.78
CA ALA A 64 2.25 6.30 16.48
C ALA A 64 1.28 5.74 15.45
N VAL A 65 0.27 5.03 15.95
CA VAL A 65 -0.74 4.44 15.09
C VAL A 65 -1.67 5.54 14.57
N LYS A 66 -2.04 6.44 15.47
CA LYS A 66 -2.93 7.53 15.12
C LYS A 66 -2.13 8.59 14.35
N ALA A 67 -0.98 8.93 14.91
CA ALA A 67 -0.12 9.93 14.28
C ALA A 67 0.40 9.39 12.94
N GLY A 68 0.97 8.19 13.01
CA GLY A 68 1.51 7.55 11.83
C GLY A 68 0.44 7.44 10.73
N ILE A 69 -0.62 6.72 11.06
CA ILE A 69 -1.71 6.53 10.12
C ILE A 69 -2.19 7.89 9.62
N LYS A 70 -2.13 8.87 10.51
CA LYS A 70 -2.55 10.21 10.17
C LYS A 70 -1.64 10.77 9.08
N ALA A 71 -0.37 10.39 9.17
CA ALA A 71 0.62 10.85 8.19
C ALA A 71 0.40 10.10 6.88
N LEU A 72 0.09 8.83 7.00
CA LEU A 72 -0.14 7.99 5.83
C LEU A 72 -1.46 8.41 5.17
N GLN A 73 -2.31 9.04 5.96
CA GLN A 73 -3.60 9.48 5.47
C GLN A 73 -3.44 10.78 4.67
N GLU A 74 -2.68 11.70 5.24
CA GLU A 74 -2.44 12.98 4.61
C GLU A 74 -1.58 12.80 3.36
N ALA A 75 -0.76 11.76 3.39
CA ALA A 75 0.11 11.47 2.27
C ALA A 75 -0.56 10.44 1.35
N SER A 76 -1.87 10.31 1.52
CA SER A 76 -2.64 9.37 0.71
C SER A 76 -2.47 9.69 -0.77
N GLY A 77 -3.13 10.77 -1.20
CA GLY A 77 -3.07 11.19 -2.58
C GLY A 77 -1.62 11.25 -3.06
N PHE A 78 -0.71 11.35 -2.11
CA PHE A 78 0.71 11.41 -2.41
C PHE A 78 1.23 10.05 -2.89
N ILE A 79 0.85 9.03 -2.14
CA ILE A 79 1.28 7.67 -2.48
C ILE A 79 0.62 7.24 -3.78
N ARG A 80 -0.65 7.62 -3.93
CA ARG A 80 -1.40 7.28 -5.12
C ARG A 80 -0.77 7.94 -6.35
N SER A 81 -0.43 9.21 -6.19
CA SER A 81 0.18 9.96 -7.27
C SER A 81 1.61 9.47 -7.52
N LEU A 82 2.27 9.13 -6.42
CA LEU A 82 3.64 8.65 -6.50
C LEU A 82 3.69 7.40 -7.37
N LEU A 83 2.70 6.53 -7.18
CA LEU A 83 2.62 5.30 -7.95
C LEU A 83 2.34 5.63 -9.41
N GLY A 84 1.16 6.19 -9.64
CA GLY A 84 0.75 6.56 -11.00
C GLY A 84 1.93 7.17 -11.76
N LYS A 85 2.56 8.15 -11.14
CA LYS A 85 3.69 8.82 -11.76
C LYS A 85 4.87 7.86 -11.82
N ALA A 86 5.03 7.09 -10.76
CA ALA A 86 6.11 6.12 -10.69
C ALA A 86 5.99 5.13 -11.84
N MET A 87 4.75 4.88 -12.24
CA MET A 87 4.47 3.97 -13.33
C MET A 87 3.89 4.70 -14.53
N ARG A 88 3.99 6.02 -14.49
CA ARG A 88 3.47 6.85 -15.57
C ARG A 88 2.41 6.08 -16.37
N LEU A 89 1.24 5.96 -15.76
CA LEU A 89 0.13 5.27 -16.40
C LEU A 89 -0.97 6.26 -16.73
N ARG A 90 -2.18 5.76 -16.79
CA ARG A 90 -3.34 6.59 -17.10
C ARG A 90 -4.55 6.14 -16.29
N ILE A 91 -4.76 4.84 -16.27
CA ILE A 91 -5.89 4.27 -15.53
C ILE A 91 -6.04 5.01 -14.20
N VAL A 92 -4.91 5.44 -13.66
CA VAL A 92 -4.91 6.15 -12.40
C VAL A 92 -6.18 5.81 -11.62
N PRO A 93 -6.30 4.49 -11.29
CA PRO A 93 -7.45 4.01 -10.55
C PRO A 93 -7.37 4.41 -9.07
N GLU A 94 -8.51 4.44 -8.42
CA GLU A 94 -8.58 4.80 -7.02
C GLU A 94 -7.89 3.73 -6.16
N LEU A 95 -6.61 3.53 -6.45
CA LEU A 95 -5.84 2.54 -5.72
C LEU A 95 -5.61 3.03 -4.28
N THR A 96 -6.54 2.66 -3.41
CA THR A 96 -6.46 3.06 -2.02
C THR A 96 -5.53 2.11 -1.25
N PHE A 97 -5.16 2.53 -0.05
CA PHE A 97 -4.29 1.74 0.79
C PHE A 97 -4.92 1.50 2.17
N PHE A 98 -5.29 0.25 2.40
CA PHE A 98 -5.91 -0.12 3.67
C PHE A 98 -4.85 -0.51 4.69
N TYR A 99 -4.74 0.30 5.74
CA TYR A 99 -3.79 0.05 6.79
C TYR A 99 -4.35 -0.91 7.85
N ASP A 100 -3.83 -2.12 7.85
CA ASP A 100 -4.27 -3.13 8.80
C ASP A 100 -3.13 -3.47 9.76
N ASN A 101 -3.17 -2.83 10.92
CA ASN A 101 -2.15 -3.05 11.93
C ASN A 101 -2.70 -4.01 12.99
N SER A 102 -1.86 -4.26 13.99
CA SER A 102 -2.24 -5.15 15.08
C SER A 102 -3.13 -4.40 16.08
N LEU A 103 -3.50 -3.19 15.70
CA LEU A 103 -4.35 -2.38 16.55
C LEU A 103 -5.81 -2.62 16.20
N VAL A 104 -6.02 -3.53 15.25
CA VAL A 104 -7.36 -3.87 14.81
C VAL A 104 -7.48 -5.38 14.66
N GLU A 105 -6.43 -6.07 15.08
CA GLU A 105 -6.40 -7.52 15.00
C GLU A 105 -5.51 -8.10 16.10
N GLY A 106 -4.41 -7.39 16.36
CA GLY A 106 -3.48 -7.83 17.37
C GLY A 106 -2.37 -8.70 16.76
N MET A 107 -2.66 -9.22 15.59
CA MET A 107 -1.71 -10.08 14.90
C MET A 107 -1.20 -9.40 13.62
N ARG A 108 -1.39 -8.09 13.57
CA ARG A 108 -0.95 -7.32 12.41
C ARG A 108 -0.03 -6.17 12.85
N MET A 1 3.79 -12.65 -4.53
CA MET A 1 4.56 -11.48 -4.92
C MET A 1 5.10 -11.65 -6.34
N ALA A 2 5.38 -12.89 -6.69
CA ALA A 2 5.91 -13.20 -8.01
C ALA A 2 5.10 -14.34 -8.63
N LYS A 3 4.44 -14.02 -9.74
CA LYS A 3 3.64 -15.01 -10.43
C LYS A 3 3.67 -14.72 -11.94
N GLU A 4 4.69 -15.27 -12.58
CA GLU A 4 4.86 -15.09 -14.01
C GLU A 4 3.86 -15.97 -14.78
N PHE A 5 2.66 -15.44 -14.94
CA PHE A 5 1.61 -16.15 -15.64
C PHE A 5 0.80 -15.21 -16.53
N GLY A 6 0.74 -15.55 -17.81
CA GLY A 6 0.01 -14.75 -18.77
C GLY A 6 -1.29 -14.20 -18.15
N ARG A 7 -1.80 -14.93 -17.17
CA ARG A 7 -3.01 -14.54 -16.49
C ARG A 7 -2.86 -13.12 -15.91
N PRO A 8 -3.95 -12.64 -15.27
CA PRO A 8 -3.95 -11.32 -14.67
C PRO A 8 -3.15 -11.32 -13.36
N GLN A 9 -2.52 -12.45 -13.08
CA GLN A 9 -1.73 -12.59 -11.87
C GLN A 9 -0.37 -11.90 -12.06
N ARG A 10 0.20 -12.11 -13.23
CA ARG A 10 1.49 -11.52 -13.55
C ARG A 10 1.45 -10.00 -13.37
N VAL A 11 0.47 -9.38 -14.03
CA VAL A 11 0.31 -7.94 -13.95
C VAL A 11 0.02 -7.55 -12.49
N ALA A 12 -0.78 -8.36 -11.83
CA ALA A 12 -1.14 -8.11 -10.45
C ALA A 12 0.13 -8.11 -9.59
N GLN A 13 1.01 -9.04 -9.91
CA GLN A 13 2.27 -9.15 -9.19
C GLN A 13 3.17 -7.97 -9.50
N GLU A 14 3.59 -7.90 -10.76
CA GLU A 14 4.45 -6.82 -11.20
C GLU A 14 4.07 -5.51 -10.53
N MET A 15 2.76 -5.26 -10.51
CA MET A 15 2.25 -4.05 -9.89
C MET A 15 2.37 -4.10 -8.38
N GLN A 16 2.08 -5.27 -7.83
CA GLN A 16 2.16 -5.46 -6.39
C GLN A 16 3.60 -5.25 -5.90
N LYS A 17 4.54 -5.59 -6.76
CA LYS A 17 5.95 -5.44 -6.42
C LYS A 17 6.33 -3.97 -6.53
N GLU A 18 5.81 -3.33 -7.57
CA GLU A 18 6.10 -1.92 -7.80
C GLU A 18 5.44 -1.06 -6.71
N ILE A 19 4.23 -1.47 -6.34
CA ILE A 19 3.49 -0.75 -5.31
C ILE A 19 4.05 -1.10 -3.94
N ALA A 20 4.40 -2.38 -3.78
CA ALA A 20 4.96 -2.85 -2.53
C ALA A 20 6.25 -2.11 -2.22
N LEU A 21 6.95 -1.76 -3.29
CA LEU A 21 8.21 -1.04 -3.15
C LEU A 21 7.92 0.42 -2.80
N ILE A 22 7.21 1.08 -3.70
CA ILE A 22 6.85 2.48 -3.50
C ILE A 22 6.05 2.61 -2.20
N LEU A 23 5.49 1.49 -1.77
CA LEU A 23 4.70 1.47 -0.55
C LEU A 23 5.62 1.28 0.65
N GLN A 24 6.84 0.84 0.36
CA GLN A 24 7.83 0.62 1.40
C GLN A 24 8.97 1.62 1.27
N ARG A 25 9.02 2.28 0.12
CA ARG A 25 10.05 3.26 -0.14
C ARG A 25 9.48 4.67 -0.05
N GLU A 26 8.58 4.98 -0.97
CA GLU A 26 7.95 6.29 -0.99
C GLU A 26 7.17 6.53 0.31
N ILE A 27 6.89 5.45 1.01
CA ILE A 27 6.16 5.52 2.25
C ILE A 27 7.13 5.90 3.39
N LYS A 28 6.58 5.98 4.59
CA LYS A 28 7.38 6.31 5.75
C LYS A 28 7.58 5.07 6.62
N ASP A 29 8.39 4.15 6.10
CA ASP A 29 8.66 2.92 6.82
C ASP A 29 9.77 3.15 7.83
N PRO A 30 10.89 3.76 7.33
CA PRO A 30 12.03 4.06 8.19
C PRO A 30 11.75 5.25 9.09
N ARG A 31 10.53 5.77 8.96
CA ARG A 31 10.12 6.92 9.76
C ARG A 31 9.40 6.45 11.03
N LEU A 32 8.40 5.61 10.83
CA LEU A 32 7.63 5.09 11.94
C LEU A 32 8.52 4.19 12.79
N GLY A 33 9.58 3.69 12.16
CA GLY A 33 10.52 2.81 12.85
C GLY A 33 10.05 1.36 12.80
N MET A 34 9.37 1.02 11.72
CA MET A 34 8.86 -0.32 11.53
C MET A 34 8.91 -0.73 10.06
N MET A 35 8.50 -1.97 9.81
CA MET A 35 8.49 -2.49 8.45
C MET A 35 7.08 -2.87 8.01
N THR A 36 6.52 -2.04 7.14
CA THR A 36 5.18 -2.27 6.64
C THR A 36 5.16 -3.50 5.72
N THR A 37 3.99 -4.10 5.63
CA THR A 37 3.82 -5.28 4.80
C THR A 37 2.60 -5.11 3.87
N VAL A 38 2.60 -5.90 2.80
CA VAL A 38 1.52 -5.85 1.84
C VAL A 38 0.81 -7.20 1.80
N SER A 39 -0.05 -7.41 2.79
CA SER A 39 -0.80 -8.66 2.88
C SER A 39 -2.13 -8.51 2.16
N GLY A 40 -2.12 -7.73 1.10
CA GLY A 40 -3.32 -7.50 0.31
C GLY A 40 -3.04 -6.55 -0.86
N VAL A 41 -3.55 -6.93 -2.03
CA VAL A 41 -3.37 -6.13 -3.22
C VAL A 41 -4.57 -6.32 -4.14
N GLU A 42 -5.20 -5.20 -4.48
CA GLU A 42 -6.36 -5.23 -5.35
C GLU A 42 -6.24 -4.14 -6.42
N MET A 43 -6.40 -4.57 -7.67
CA MET A 43 -6.32 -3.65 -8.79
C MET A 43 -7.48 -3.84 -9.75
N SER A 44 -8.41 -2.89 -9.71
CA SER A 44 -9.58 -2.94 -10.56
C SER A 44 -9.55 -1.77 -11.56
N ARG A 45 -9.32 -2.12 -12.81
CA ARG A 45 -9.26 -1.12 -13.87
C ARG A 45 -10.56 -1.12 -14.67
N ASP A 46 -11.50 -1.94 -14.21
CA ASP A 46 -12.80 -2.04 -14.88
C ASP A 46 -13.36 -0.64 -15.11
N LEU A 47 -13.04 0.26 -14.19
CA LEU A 47 -13.51 1.63 -14.29
C LEU A 47 -12.39 2.57 -13.82
N ALA A 48 -12.01 2.40 -12.56
CA ALA A 48 -10.97 3.24 -11.98
C ALA A 48 -11.06 3.15 -10.45
N TYR A 49 -10.62 2.02 -9.93
CA TYR A 49 -10.64 1.80 -8.48
C TYR A 49 -9.75 0.62 -8.10
N ALA A 50 -8.93 0.85 -7.08
CA ALA A 50 -8.03 -0.18 -6.60
C ALA A 50 -8.07 -0.21 -5.07
N LYS A 51 -7.53 -1.30 -4.52
CA LYS A 51 -7.50 -1.46 -3.08
C LYS A 51 -6.17 -2.10 -2.68
N VAL A 52 -5.31 -1.29 -2.09
CA VAL A 52 -4.01 -1.77 -1.65
C VAL A 52 -4.02 -1.94 -0.13
N TYR A 53 -3.53 -3.09 0.31
CA TYR A 53 -3.47 -3.38 1.73
C TYR A 53 -2.10 -3.03 2.31
N VAL A 54 -2.10 -2.69 3.59
CA VAL A 54 -0.87 -2.33 4.27
C VAL A 54 -1.03 -2.61 5.77
N THR A 55 -0.11 -3.42 6.29
CA THR A 55 -0.13 -3.78 7.70
C THR A 55 1.11 -3.23 8.40
N PHE A 56 0.87 -2.61 9.54
CA PHE A 56 1.95 -2.03 10.32
C PHE A 56 1.91 -2.53 11.77
N LEU A 57 2.97 -2.22 12.50
CA LEU A 57 3.07 -2.63 13.89
C LEU A 57 2.92 -1.41 14.80
N ASN A 58 2.50 -0.30 14.17
CA ASN A 58 2.31 0.94 14.90
C ASN A 58 1.46 0.67 16.15
N ASP A 59 0.64 -0.37 16.05
CA ASP A 59 -0.21 -0.75 17.15
C ASP A 59 0.55 -0.59 18.47
N LYS A 60 1.80 -1.00 18.46
CA LYS A 60 2.64 -0.92 19.63
C LYS A 60 2.36 0.41 20.35
N ASP A 61 2.24 1.46 19.55
CA ASP A 61 1.98 2.78 20.09
C ASP A 61 0.76 3.39 19.37
N GLU A 62 -0.29 3.63 20.15
CA GLU A 62 -1.50 4.20 19.62
C GLU A 62 -1.25 5.63 19.16
N ASP A 63 -0.18 6.20 19.68
CA ASP A 63 0.18 7.58 19.33
C ASP A 63 0.73 7.61 17.91
N ALA A 64 1.58 6.63 17.61
CA ALA A 64 2.19 6.54 16.30
C ALA A 64 1.19 5.89 15.33
N VAL A 65 0.22 5.20 15.90
CA VAL A 65 -0.79 4.52 15.11
C VAL A 65 -1.78 5.56 14.56
N LYS A 66 -2.16 6.47 15.43
CA LYS A 66 -3.10 7.51 15.05
C LYS A 66 -2.37 8.56 14.19
N ALA A 67 -1.24 9.01 14.69
CA ALA A 67 -0.45 10.00 13.98
C ALA A 67 0.08 9.38 12.68
N GLY A 68 0.68 8.20 12.83
CA GLY A 68 1.23 7.50 11.69
C GLY A 68 0.16 7.27 10.62
N ILE A 69 -0.87 6.54 11.00
CA ILE A 69 -1.96 6.24 10.09
C ILE A 69 -2.51 7.54 9.51
N LYS A 70 -2.47 8.58 10.34
CA LYS A 70 -2.96 9.89 9.92
C LYS A 70 -2.05 10.44 8.83
N ALA A 71 -0.77 10.12 8.94
CA ALA A 71 0.21 10.58 7.97
C ALA A 71 0.08 9.74 6.69
N LEU A 72 -0.25 8.47 6.89
CA LEU A 72 -0.40 7.56 5.76
C LEU A 72 -1.73 7.84 5.07
N GLN A 73 -2.66 8.39 5.83
CA GLN A 73 -3.97 8.72 5.30
C GLN A 73 -3.91 9.98 4.45
N GLU A 74 -3.21 10.97 4.98
CA GLU A 74 -3.06 12.24 4.28
C GLU A 74 -2.10 12.09 3.09
N ALA A 75 -1.17 11.16 3.25
CA ALA A 75 -0.19 10.91 2.21
C ALA A 75 -0.77 9.91 1.21
N SER A 76 -2.07 9.65 1.35
CA SER A 76 -2.75 8.73 0.47
C SER A 76 -2.53 9.13 -0.98
N GLY A 77 -3.24 10.18 -1.39
CA GLY A 77 -3.12 10.67 -2.75
C GLY A 77 -1.67 10.75 -3.19
N PHE A 78 -0.79 10.83 -2.20
CA PHE A 78 0.64 10.91 -2.47
C PHE A 78 1.17 9.59 -3.02
N ILE A 79 0.78 8.51 -2.36
CA ILE A 79 1.22 7.19 -2.76
C ILE A 79 0.55 6.83 -4.10
N ARG A 80 -0.68 7.30 -4.25
CA ARG A 80 -1.43 7.04 -5.46
C ARG A 80 -0.76 7.74 -6.66
N SER A 81 -0.33 8.96 -6.43
CA SER A 81 0.32 9.73 -7.48
C SER A 81 1.76 9.26 -7.66
N LEU A 82 2.35 8.83 -6.55
CA LEU A 82 3.73 8.36 -6.57
C LEU A 82 3.81 7.12 -7.47
N LEU A 83 2.80 6.27 -7.36
CA LEU A 83 2.74 5.06 -8.15
C LEU A 83 2.46 5.42 -9.61
N GLY A 84 1.36 6.12 -9.82
CA GLY A 84 0.97 6.53 -11.15
C GLY A 84 2.16 7.15 -11.90
N LYS A 85 2.87 8.02 -11.19
CA LYS A 85 4.02 8.68 -11.78
C LYS A 85 5.20 7.70 -11.84
N ALA A 86 5.34 6.93 -10.77
CA ALA A 86 6.41 5.95 -10.69
C ALA A 86 6.25 4.94 -11.83
N MET A 87 5.00 4.71 -12.21
CA MET A 87 4.71 3.77 -13.28
C MET A 87 3.97 4.46 -14.42
N ARG A 88 4.11 5.78 -14.47
CA ARG A 88 3.47 6.56 -15.52
C ARG A 88 2.26 5.80 -16.07
N LEU A 89 1.14 5.97 -15.38
CA LEU A 89 -0.09 5.31 -15.80
C LEU A 89 -1.17 6.36 -16.06
N ARG A 90 -2.35 5.88 -16.43
CA ARG A 90 -3.47 6.77 -16.71
C ARG A 90 -4.71 6.32 -15.95
N ILE A 91 -4.90 5.00 -15.93
CA ILE A 91 -6.04 4.42 -15.24
C ILE A 91 -6.28 5.17 -13.92
N VAL A 92 -5.19 5.65 -13.35
CA VAL A 92 -5.27 6.38 -12.09
C VAL A 92 -6.54 6.00 -11.35
N PRO A 93 -6.63 4.68 -11.02
CA PRO A 93 -7.80 4.16 -10.32
C PRO A 93 -7.77 4.57 -8.85
N GLU A 94 -8.95 4.60 -8.24
CA GLU A 94 -9.07 4.96 -6.85
C GLU A 94 -8.43 3.89 -5.97
N LEU A 95 -7.12 3.74 -6.12
CA LEU A 95 -6.39 2.75 -5.34
C LEU A 95 -6.35 3.19 -3.87
N THR A 96 -7.33 2.72 -3.13
CA THR A 96 -7.43 3.05 -1.72
C THR A 96 -6.26 2.43 -0.95
N PHE A 97 -6.16 2.82 0.32
CA PHE A 97 -5.10 2.32 1.17
C PHE A 97 -5.67 1.73 2.47
N PHE A 98 -5.59 0.41 2.57
CA PHE A 98 -6.09 -0.28 3.74
C PHE A 98 -4.98 -0.46 4.79
N TYR A 99 -5.15 0.24 5.91
CA TYR A 99 -4.17 0.16 6.99
C TYR A 99 -4.64 -0.79 8.08
N ASP A 100 -4.18 -2.03 7.98
CA ASP A 100 -4.55 -3.04 8.97
C ASP A 100 -3.38 -3.27 9.92
N ASN A 101 -3.35 -2.48 10.98
CA ASN A 101 -2.29 -2.59 11.97
C ASN A 101 -2.70 -3.60 13.04
N SER A 102 -1.92 -3.64 14.11
CA SER A 102 -2.19 -4.54 15.21
C SER A 102 -3.14 -3.87 16.21
N LEU A 103 -3.76 -2.80 15.77
CA LEU A 103 -4.67 -2.06 16.62
C LEU A 103 -6.11 -2.52 16.33
N VAL A 104 -6.21 -3.54 15.48
CA VAL A 104 -7.50 -4.08 15.12
C VAL A 104 -7.43 -5.61 15.14
N GLU A 105 -6.29 -6.11 15.60
CA GLU A 105 -6.09 -7.56 15.67
C GLU A 105 -5.05 -7.88 16.74
N GLY A 106 -4.06 -7.01 16.84
CA GLY A 106 -3.00 -7.20 17.83
C GLY A 106 -1.77 -7.85 17.19
N MET A 107 -2.02 -8.72 16.23
CA MET A 107 -0.95 -9.40 15.53
C MET A 107 -1.23 -9.46 14.03
N ARG A 108 -1.98 -8.48 13.55
CA ARG A 108 -2.32 -8.41 12.14
C ARG A 108 -1.18 -8.98 11.29
N MET A 1 8.71 -12.33 -6.34
CA MET A 1 7.59 -11.43 -6.13
C MET A 1 6.53 -11.62 -7.23
N ALA A 2 6.97 -11.43 -8.47
CA ALA A 2 6.07 -11.58 -9.60
C ALA A 2 5.59 -13.03 -9.68
N LYS A 3 4.60 -13.24 -10.53
CA LYS A 3 4.04 -14.57 -10.71
C LYS A 3 3.58 -14.73 -12.16
N GLU A 4 4.53 -15.04 -13.03
CA GLU A 4 4.23 -15.22 -14.43
C GLU A 4 3.42 -16.51 -14.65
N PHE A 5 2.11 -16.38 -14.48
CA PHE A 5 1.22 -17.52 -14.64
C PHE A 5 0.23 -17.27 -15.78
N GLY A 6 0.46 -16.18 -16.50
CA GLY A 6 -0.40 -15.82 -17.61
C GLY A 6 -1.73 -15.26 -17.11
N ARG A 7 -2.04 -15.58 -15.86
CA ARG A 7 -3.28 -15.10 -15.26
C ARG A 7 -3.16 -13.62 -14.91
N PRO A 8 -4.27 -13.08 -14.32
CA PRO A 8 -4.29 -11.68 -13.94
C PRO A 8 -3.46 -11.44 -12.68
N GLN A 9 -2.82 -12.51 -12.22
CA GLN A 9 -1.99 -12.43 -11.03
C GLN A 9 -0.58 -11.96 -11.39
N ARG A 10 -0.16 -12.35 -12.59
CA ARG A 10 1.16 -11.98 -13.08
C ARG A 10 1.39 -10.48 -12.91
N VAL A 11 0.50 -9.71 -13.52
CA VAL A 11 0.60 -8.26 -13.45
C VAL A 11 0.27 -7.80 -12.03
N ALA A 12 -0.74 -8.42 -11.45
CA ALA A 12 -1.16 -8.09 -10.09
C ALA A 12 0.07 -8.11 -9.18
N GLN A 13 0.94 -9.07 -9.42
CA GLN A 13 2.15 -9.21 -8.63
C GLN A 13 3.16 -8.12 -8.99
N GLU A 14 3.62 -8.19 -10.23
CA GLU A 14 4.58 -7.22 -10.71
C GLU A 14 4.24 -5.82 -10.20
N MET A 15 2.95 -5.51 -10.25
CA MET A 15 2.48 -4.21 -9.79
C MET A 15 2.47 -4.14 -8.26
N GLN A 16 2.10 -5.25 -7.65
CA GLN A 16 2.06 -5.33 -6.20
C GLN A 16 3.46 -5.12 -5.61
N LYS A 17 4.45 -5.63 -6.33
CA LYS A 17 5.82 -5.51 -5.89
C LYS A 17 6.31 -4.08 -6.16
N GLU A 18 5.90 -3.54 -7.29
CA GLU A 18 6.28 -2.20 -7.67
C GLU A 18 5.63 -1.18 -6.74
N ILE A 19 4.34 -1.39 -6.48
CA ILE A 19 3.60 -0.50 -5.61
C ILE A 19 4.04 -0.72 -4.16
N ALA A 20 4.16 -1.98 -3.79
CA ALA A 20 4.58 -2.34 -2.44
C ALA A 20 5.92 -1.66 -2.13
N LEU A 21 6.77 -1.61 -3.14
CA LEU A 21 8.08 -1.01 -3.00
C LEU A 21 7.91 0.50 -2.79
N ILE A 22 7.31 1.14 -3.79
CA ILE A 22 7.07 2.57 -3.73
C ILE A 22 6.25 2.90 -2.48
N LEU A 23 5.53 1.89 -2.00
CA LEU A 23 4.70 2.06 -0.82
C LEU A 23 5.53 1.80 0.43
N GLN A 24 6.67 1.16 0.22
CA GLN A 24 7.56 0.84 1.33
C GLN A 24 8.84 1.68 1.25
N ARG A 25 8.97 2.40 0.13
CA ARG A 25 10.12 3.24 -0.09
C ARG A 25 9.71 4.72 -0.08
N GLU A 26 8.75 5.03 -0.93
CA GLU A 26 8.26 6.40 -1.04
C GLU A 26 7.38 6.74 0.17
N ILE A 27 7.18 5.74 1.02
CA ILE A 27 6.37 5.92 2.20
C ILE A 27 7.28 6.13 3.42
N LYS A 28 6.65 6.31 4.57
CA LYS A 28 7.38 6.53 5.80
C LYS A 28 7.47 5.22 6.58
N ASP A 29 8.26 4.30 6.06
CA ASP A 29 8.43 3.01 6.69
C ASP A 29 9.54 3.10 7.75
N PRO A 30 10.70 3.68 7.31
CA PRO A 30 11.84 3.84 8.20
C PRO A 30 11.60 4.98 9.20
N ARG A 31 10.49 5.69 8.98
CA ARG A 31 10.14 6.80 9.85
C ARG A 31 9.38 6.30 11.07
N LEU A 32 8.46 5.37 10.82
CA LEU A 32 7.65 4.81 11.89
C LEU A 32 8.52 3.91 12.76
N GLY A 33 9.59 3.39 12.15
CA GLY A 33 10.50 2.52 12.86
C GLY A 33 10.06 1.06 12.76
N MET A 34 9.32 0.77 11.70
CA MET A 34 8.84 -0.58 11.47
C MET A 34 8.86 -0.93 9.99
N MET A 35 8.81 -2.23 9.71
CA MET A 35 8.81 -2.71 8.34
C MET A 35 7.41 -3.10 7.88
N THR A 36 6.68 -2.11 7.38
CA THR A 36 5.33 -2.33 6.91
C THR A 36 5.27 -3.58 6.03
N THR A 37 4.06 -4.02 5.75
CA THR A 37 3.86 -5.20 4.93
C THR A 37 2.64 -5.01 4.00
N VAL A 38 2.58 -5.83 2.98
CA VAL A 38 1.48 -5.77 2.03
C VAL A 38 0.86 -7.16 1.87
N SER A 39 0.01 -7.50 2.83
CA SER A 39 -0.66 -8.79 2.82
C SER A 39 -2.01 -8.68 2.12
N GLY A 40 -2.07 -7.75 1.17
CA GLY A 40 -3.28 -7.52 0.42
C GLY A 40 -3.07 -6.47 -0.67
N VAL A 41 -3.55 -6.80 -1.87
CA VAL A 41 -3.43 -5.89 -3.00
C VAL A 41 -4.62 -6.09 -3.94
N GLU A 42 -5.19 -4.97 -4.36
CA GLU A 42 -6.32 -5.00 -5.26
C GLU A 42 -6.15 -3.97 -6.38
N MET A 43 -6.27 -4.45 -7.60
CA MET A 43 -6.12 -3.60 -8.77
C MET A 43 -7.26 -3.82 -9.76
N SER A 44 -8.17 -2.85 -9.81
CA SER A 44 -9.31 -2.92 -10.70
C SER A 44 -9.21 -1.84 -11.77
N ARG A 45 -8.88 -2.26 -12.98
CA ARG A 45 -8.75 -1.34 -14.10
C ARG A 45 -9.99 -1.41 -14.99
N ASP A 46 -10.88 -2.33 -14.65
CA ASP A 46 -12.11 -2.50 -15.40
C ASP A 46 -12.88 -1.18 -15.42
N LEU A 47 -12.50 -0.30 -14.50
CA LEU A 47 -13.16 1.00 -14.41
C LEU A 47 -12.11 2.06 -14.03
N ALA A 48 -11.68 1.99 -12.78
CA ALA A 48 -10.70 2.93 -12.27
C ALA A 48 -10.75 2.96 -10.75
N TYR A 49 -10.46 1.83 -10.15
CA TYR A 49 -10.48 1.72 -8.70
C TYR A 49 -9.61 0.54 -8.23
N ALA A 50 -8.85 0.80 -7.19
CA ALA A 50 -7.97 -0.22 -6.63
C ALA A 50 -8.04 -0.17 -5.11
N LYS A 51 -7.42 -1.17 -4.48
CA LYS A 51 -7.41 -1.25 -3.04
C LYS A 51 -6.14 -1.98 -2.58
N VAL A 52 -5.19 -1.18 -2.10
CA VAL A 52 -3.93 -1.73 -1.63
C VAL A 52 -3.96 -1.85 -0.10
N TYR A 53 -3.51 -3.00 0.38
CA TYR A 53 -3.48 -3.25 1.81
C TYR A 53 -2.08 -3.04 2.38
N VAL A 54 -2.03 -2.46 3.56
CA VAL A 54 -0.76 -2.20 4.23
C VAL A 54 -0.92 -2.42 5.73
N THR A 55 -0.13 -3.35 6.24
CA THR A 55 -0.17 -3.67 7.66
C THR A 55 1.10 -3.17 8.36
N PHE A 56 0.89 -2.55 9.51
CA PHE A 56 2.01 -2.01 10.28
C PHE A 56 1.97 -2.52 11.72
N LEU A 57 3.08 -2.34 12.41
CA LEU A 57 3.19 -2.76 13.80
C LEU A 57 3.06 -1.55 14.72
N ASN A 58 2.52 -0.48 14.16
CA ASN A 58 2.34 0.76 14.92
C ASN A 58 1.45 0.47 16.13
N ASP A 59 0.61 -0.54 15.98
CA ASP A 59 -0.30 -0.93 17.05
C ASP A 59 0.43 -0.81 18.39
N LYS A 60 1.69 -1.23 18.39
CA LYS A 60 2.50 -1.18 19.59
C LYS A 60 2.21 0.12 20.34
N ASP A 61 2.12 1.20 19.58
CA ASP A 61 1.85 2.51 20.16
C ASP A 61 0.68 3.15 19.42
N GLU A 62 -0.39 3.39 20.17
CA GLU A 62 -1.58 4.00 19.61
C GLU A 62 -1.30 5.44 19.19
N ASP A 63 -0.23 5.98 19.75
CA ASP A 63 0.17 7.35 19.45
C ASP A 63 0.78 7.40 18.06
N ALA A 64 1.61 6.41 17.77
CA ALA A 64 2.27 6.33 16.48
C ALA A 64 1.31 5.72 15.45
N VAL A 65 0.29 5.04 15.98
CA VAL A 65 -0.71 4.42 15.12
C VAL A 65 -1.65 5.49 14.58
N LYS A 66 -2.06 6.39 15.46
CA LYS A 66 -2.95 7.46 15.09
C LYS A 66 -2.18 8.50 14.26
N ALA A 67 -1.04 8.90 14.80
CA ALA A 67 -0.20 9.88 14.12
C ALA A 67 0.35 9.28 12.83
N GLY A 68 0.95 8.10 12.98
CA GLY A 68 1.52 7.40 11.84
C GLY A 68 0.49 7.22 10.73
N ILE A 69 -0.58 6.51 11.07
CA ILE A 69 -1.64 6.26 10.11
C ILE A 69 -2.13 7.59 9.54
N LYS A 70 -2.13 8.60 10.40
CA LYS A 70 -2.58 9.93 10.00
C LYS A 70 -1.64 10.46 8.92
N ALA A 71 -0.38 10.11 9.05
CA ALA A 71 0.63 10.55 8.10
C ALA A 71 0.48 9.76 6.80
N LEU A 72 0.18 8.48 6.96
CA LEU A 72 0.00 7.61 5.80
C LEU A 72 -1.33 7.93 5.12
N GLN A 73 -2.21 8.58 5.88
CA GLN A 73 -3.51 8.95 5.36
C GLN A 73 -3.41 10.23 4.52
N GLU A 74 -2.68 11.19 5.06
CA GLU A 74 -2.49 12.47 4.37
C GLU A 74 -1.57 12.27 3.16
N ALA A 75 -0.68 11.31 3.27
CA ALA A 75 0.25 11.01 2.20
C ALA A 75 -0.36 9.99 1.26
N SER A 76 -1.61 9.64 1.55
CA SER A 76 -2.32 8.67 0.73
C SER A 76 -2.33 9.11 -0.73
N GLY A 77 -3.06 10.18 -0.99
CA GLY A 77 -3.16 10.71 -2.33
C GLY A 77 -1.77 10.93 -2.94
N PHE A 78 -0.79 11.03 -2.06
CA PHE A 78 0.58 11.23 -2.49
C PHE A 78 1.18 9.95 -3.07
N ILE A 79 0.87 8.84 -2.40
CA ILE A 79 1.37 7.55 -2.83
C ILE A 79 0.66 7.14 -4.12
N ARG A 80 -0.63 7.44 -4.16
CA ARG A 80 -1.44 7.11 -5.32
C ARG A 80 -0.97 7.90 -6.54
N SER A 81 -0.77 9.19 -6.33
CA SER A 81 -0.31 10.06 -7.39
C SER A 81 1.16 9.79 -7.72
N LEU A 82 1.91 9.46 -6.68
CA LEU A 82 3.32 9.16 -6.84
C LEU A 82 3.48 7.89 -7.68
N LEU A 83 2.52 6.98 -7.51
CA LEU A 83 2.54 5.73 -8.23
C LEU A 83 2.22 5.99 -9.72
N GLY A 84 1.02 6.51 -9.94
CA GLY A 84 0.58 6.81 -11.29
C GLY A 84 1.68 7.51 -12.09
N LYS A 85 2.33 8.46 -11.43
CA LYS A 85 3.40 9.21 -12.06
C LYS A 85 4.66 8.34 -12.11
N ALA A 86 4.88 7.60 -11.03
CA ALA A 86 6.04 6.74 -10.94
C ALA A 86 5.95 5.68 -12.03
N MET A 87 4.73 5.34 -12.40
CA MET A 87 4.51 4.34 -13.43
C MET A 87 3.86 4.97 -14.67
N ARG A 88 3.90 6.29 -14.71
CA ARG A 88 3.33 7.02 -15.82
C ARG A 88 2.28 6.18 -16.53
N LEU A 89 1.13 6.03 -15.89
CA LEU A 89 0.05 5.24 -16.44
C LEU A 89 -1.13 6.17 -16.75
N ARG A 90 -2.32 5.58 -16.75
CA ARG A 90 -3.54 6.33 -17.03
C ARG A 90 -4.69 5.81 -16.16
N ILE A 91 -4.77 4.49 -16.07
CA ILE A 91 -5.82 3.87 -15.28
C ILE A 91 -6.06 4.70 -14.01
N VAL A 92 -4.97 5.20 -13.46
CA VAL A 92 -5.06 6.00 -12.25
C VAL A 92 -6.35 5.68 -11.51
N PRO A 93 -6.48 4.38 -11.12
CA PRO A 93 -7.66 3.92 -10.40
C PRO A 93 -7.63 4.39 -8.95
N GLU A 94 -8.82 4.52 -8.38
CA GLU A 94 -8.95 4.96 -7.01
C GLU A 94 -8.38 3.90 -6.05
N LEU A 95 -7.05 3.77 -6.09
CA LEU A 95 -6.38 2.80 -5.25
C LEU A 95 -6.44 3.27 -3.80
N THR A 96 -7.43 2.77 -3.08
CA THR A 96 -7.61 3.14 -1.69
C THR A 96 -6.45 2.60 -0.85
N PHE A 97 -6.29 3.19 0.33
CA PHE A 97 -5.23 2.77 1.23
C PHE A 97 -5.81 2.07 2.47
N PHE A 98 -5.71 0.76 2.47
CA PHE A 98 -6.21 -0.04 3.58
C PHE A 98 -5.10 -0.31 4.60
N TYR A 99 -5.25 0.30 5.77
CA TYR A 99 -4.27 0.13 6.83
C TYR A 99 -4.74 -0.93 7.83
N ASP A 100 -4.07 -2.07 7.79
CA ASP A 100 -4.40 -3.17 8.68
C ASP A 100 -3.25 -3.37 9.68
N ASN A 101 -3.30 -2.63 10.76
CA ASN A 101 -2.28 -2.72 11.79
C ASN A 101 -2.69 -3.76 12.83
N SER A 102 -1.94 -3.80 13.92
CA SER A 102 -2.22 -4.74 15.00
C SER A 102 -3.19 -4.11 16.01
N LEU A 103 -3.72 -2.96 15.62
CA LEU A 103 -4.65 -2.25 16.48
C LEU A 103 -6.08 -2.66 16.12
N VAL A 104 -6.19 -3.56 15.16
CA VAL A 104 -7.49 -4.05 14.71
C VAL A 104 -7.46 -5.57 14.62
N GLU A 105 -6.32 -6.13 15.02
CA GLU A 105 -6.15 -7.57 14.99
C GLU A 105 -5.23 -8.03 16.13
N GLY A 106 -4.19 -7.24 16.35
CA GLY A 106 -3.24 -7.55 17.39
C GLY A 106 -2.13 -8.48 16.88
N MET A 107 -2.40 -9.08 15.73
CA MET A 107 -1.45 -9.99 15.12
C MET A 107 -1.06 -9.51 13.72
N ARG A 108 -1.05 -8.20 13.56
CA ARG A 108 -0.69 -7.61 12.28
C ARG A 108 0.63 -6.84 12.39
N MET A 1 8.55 -12.77 -4.76
CA MET A 1 7.17 -12.48 -4.42
C MET A 1 6.38 -12.07 -5.67
N ALA A 2 6.68 -12.75 -6.77
CA ALA A 2 6.01 -12.47 -8.03
C ALA A 2 5.40 -13.77 -8.56
N LYS A 3 4.70 -13.64 -9.69
CA LYS A 3 4.07 -14.78 -10.31
C LYS A 3 4.10 -14.61 -11.84
N GLU A 4 5.20 -15.06 -12.43
CA GLU A 4 5.37 -14.96 -13.87
C GLU A 4 4.37 -15.88 -14.58
N PHE A 5 3.18 -15.35 -14.79
CA PHE A 5 2.13 -16.11 -15.46
C PHE A 5 1.27 -15.20 -16.34
N GLY A 6 1.24 -15.54 -17.62
CA GLY A 6 0.47 -14.77 -18.58
C GLY A 6 -0.85 -14.30 -17.96
N ARG A 7 -1.32 -15.06 -16.99
CA ARG A 7 -2.57 -14.73 -16.32
C ARG A 7 -2.48 -13.34 -15.70
N PRO A 8 -3.61 -12.92 -15.06
CA PRO A 8 -3.66 -11.62 -14.41
C PRO A 8 -2.89 -11.62 -13.10
N GLN A 9 -2.22 -12.74 -12.84
CA GLN A 9 -1.43 -12.88 -11.63
C GLN A 9 -0.10 -12.15 -11.78
N ARG A 10 0.45 -12.21 -12.97
CA ARG A 10 1.71 -11.57 -13.26
C ARG A 10 1.62 -10.06 -12.98
N VAL A 11 0.74 -9.41 -13.75
CA VAL A 11 0.54 -7.98 -13.58
C VAL A 11 0.17 -7.67 -12.14
N ALA A 12 -0.71 -8.51 -11.59
CA ALA A 12 -1.15 -8.33 -10.22
C ALA A 12 0.06 -8.37 -9.29
N GLN A 13 1.03 -9.20 -9.67
CA GLN A 13 2.24 -9.34 -8.88
C GLN A 13 3.16 -8.15 -9.10
N GLU A 14 3.75 -8.11 -10.28
CA GLU A 14 4.65 -7.02 -10.64
C GLU A 14 4.13 -5.69 -10.09
N MET A 15 2.81 -5.60 -10.03
CA MET A 15 2.17 -4.39 -9.54
C MET A 15 2.15 -4.37 -8.01
N GLN A 16 1.81 -5.51 -7.43
CA GLN A 16 1.75 -5.64 -5.98
C GLN A 16 3.14 -5.43 -5.38
N LYS A 17 4.14 -5.94 -6.08
CA LYS A 17 5.52 -5.81 -5.63
C LYS A 17 6.02 -4.40 -5.93
N GLU A 18 5.60 -3.89 -7.09
CA GLU A 18 6.01 -2.55 -7.50
C GLU A 18 5.40 -1.51 -6.57
N ILE A 19 4.10 -1.58 -6.41
CA ILE A 19 3.39 -0.64 -5.56
C ILE A 19 3.85 -0.84 -4.11
N ALA A 20 3.97 -2.09 -3.74
CA ALA A 20 4.40 -2.43 -2.39
C ALA A 20 5.76 -1.77 -2.10
N LEU A 21 6.59 -1.75 -3.12
CA LEU A 21 7.92 -1.15 -3.00
C LEU A 21 7.76 0.35 -2.76
N ILE A 22 7.11 1.01 -3.71
CA ILE A 22 6.89 2.44 -3.60
C ILE A 22 6.11 2.75 -2.33
N LEU A 23 5.39 1.74 -1.85
CA LEU A 23 4.61 1.89 -0.64
C LEU A 23 5.49 1.60 0.57
N GLN A 24 6.62 0.97 0.32
CA GLN A 24 7.54 0.63 1.38
C GLN A 24 8.82 1.46 1.24
N ARG A 25 8.90 2.19 0.15
CA ARG A 25 10.06 3.03 -0.11
C ARG A 25 9.66 4.51 -0.09
N GLU A 26 8.69 4.84 -0.92
CA GLU A 26 8.20 6.21 -1.01
C GLU A 26 7.43 6.58 0.25
N ILE A 27 7.04 5.55 0.99
CA ILE A 27 6.28 5.75 2.22
C ILE A 27 7.26 5.80 3.40
N LYS A 28 6.70 6.05 4.57
CA LYS A 28 7.50 6.12 5.78
C LYS A 28 7.39 4.81 6.55
N ASP A 29 8.01 3.78 5.99
CA ASP A 29 7.98 2.46 6.61
C ASP A 29 9.12 2.37 7.64
N PRO A 30 10.34 2.73 7.16
CA PRO A 30 11.51 2.69 8.03
C PRO A 30 11.50 3.86 9.02
N ARG A 31 10.94 4.97 8.56
CA ARG A 31 10.87 6.16 9.39
C ARG A 31 9.90 5.94 10.55
N LEU A 32 9.01 4.97 10.37
CA LEU A 32 8.03 4.65 11.38
C LEU A 32 8.69 3.80 12.48
N GLY A 33 9.74 3.10 12.08
CA GLY A 33 10.48 2.26 13.01
C GLY A 33 10.02 0.80 12.91
N MET A 34 9.25 0.53 11.86
CA MET A 34 8.75 -0.81 11.62
C MET A 34 9.06 -1.28 10.20
N MET A 35 8.39 -2.35 9.81
CA MET A 35 8.58 -2.90 8.48
C MET A 35 7.24 -3.28 7.84
N THR A 36 6.55 -2.26 7.36
CA THR A 36 5.26 -2.46 6.72
C THR A 36 5.31 -3.68 5.80
N THR A 37 4.14 -4.26 5.58
CA THR A 37 4.02 -5.43 4.72
C THR A 37 2.80 -5.31 3.81
N VAL A 38 2.82 -6.10 2.75
CA VAL A 38 1.73 -6.10 1.79
C VAL A 38 1.13 -7.51 1.70
N SER A 39 0.40 -7.89 2.73
CA SER A 39 -0.22 -9.20 2.77
C SER A 39 -0.85 -9.52 1.42
N GLY A 40 -1.61 -8.56 0.91
CA GLY A 40 -2.27 -8.73 -0.37
C GLY A 40 -2.57 -7.38 -1.02
N VAL A 41 -3.02 -7.44 -2.27
CA VAL A 41 -3.34 -6.24 -3.01
C VAL A 41 -4.39 -6.56 -4.07
N GLU A 42 -5.44 -5.74 -4.08
CA GLU A 42 -6.52 -5.93 -5.03
C GLU A 42 -6.57 -4.76 -6.02
N MET A 43 -6.23 -5.06 -7.26
CA MET A 43 -6.22 -4.04 -8.29
C MET A 43 -7.34 -4.29 -9.31
N SER A 44 -8.38 -3.49 -9.20
CA SER A 44 -9.53 -3.61 -10.10
C SER A 44 -9.54 -2.44 -11.08
N ARG A 45 -9.20 -2.74 -12.32
CA ARG A 45 -9.18 -1.73 -13.36
C ARG A 45 -10.46 -1.78 -14.18
N ASP A 46 -11.34 -2.70 -13.80
CA ASP A 46 -12.61 -2.86 -14.48
C ASP A 46 -13.28 -1.49 -14.64
N LEU A 47 -12.89 -0.58 -13.76
CA LEU A 47 -13.44 0.77 -13.79
C LEU A 47 -12.36 1.77 -13.40
N ALA A 48 -11.87 1.62 -12.18
CA ALA A 48 -10.83 2.50 -11.67
C ALA A 48 -10.74 2.35 -10.15
N TYR A 49 -10.04 1.30 -9.73
CA TYR A 49 -9.88 1.03 -8.31
C TYR A 49 -8.67 0.13 -8.06
N ALA A 50 -7.89 0.50 -7.06
CA ALA A 50 -6.70 -0.26 -6.72
C ALA A 50 -6.48 -0.20 -5.20
N LYS A 51 -6.98 -1.22 -4.52
CA LYS A 51 -6.85 -1.30 -3.07
C LYS A 51 -5.63 -2.17 -2.72
N VAL A 52 -4.68 -1.53 -2.04
CA VAL A 52 -3.47 -2.23 -1.64
C VAL A 52 -3.42 -2.31 -0.11
N TYR A 53 -3.30 -3.54 0.37
CA TYR A 53 -3.25 -3.77 1.81
C TYR A 53 -1.84 -3.51 2.35
N VAL A 54 -1.80 -2.84 3.49
CA VAL A 54 -0.53 -2.51 4.12
C VAL A 54 -0.68 -2.65 5.64
N THR A 55 0.09 -3.57 6.19
CA THR A 55 0.06 -3.82 7.62
C THR A 55 1.31 -3.23 8.29
N PHE A 56 1.08 -2.43 9.32
CA PHE A 56 2.16 -1.81 10.05
C PHE A 56 2.18 -2.27 11.51
N LEU A 57 3.34 -2.07 12.14
CA LEU A 57 3.50 -2.47 13.53
C LEU A 57 3.25 -1.25 14.43
N ASN A 58 2.56 -0.27 13.87
CA ASN A 58 2.25 0.94 14.60
C ASN A 58 1.42 0.58 15.84
N ASP A 59 0.61 -0.45 15.69
CA ASP A 59 -0.23 -0.91 16.79
C ASP A 59 0.56 -0.85 18.10
N LYS A 60 1.85 -1.13 17.98
CA LYS A 60 2.73 -1.11 19.14
C LYS A 60 2.36 0.08 20.03
N ASP A 61 2.25 1.24 19.40
CA ASP A 61 1.91 2.45 20.12
C ASP A 61 0.71 3.13 19.43
N GLU A 62 -0.31 3.39 20.23
CA GLU A 62 -1.51 4.03 19.72
C GLU A 62 -1.21 5.47 19.31
N ASP A 63 -0.17 6.03 19.92
CA ASP A 63 0.24 7.39 19.62
C ASP A 63 0.82 7.45 18.21
N ALA A 64 1.63 6.45 17.90
CA ALA A 64 2.26 6.38 16.58
C ALA A 64 1.26 5.82 15.57
N VAL A 65 0.23 5.16 16.10
CA VAL A 65 -0.79 4.57 15.27
C VAL A 65 -1.68 5.69 14.70
N LYS A 66 -2.02 6.62 15.57
CA LYS A 66 -2.86 7.75 15.19
C LYS A 66 -2.03 8.73 14.38
N ALA A 67 -0.90 9.11 14.93
CA ALA A 67 0.00 10.06 14.28
C ALA A 67 0.50 9.44 12.97
N GLY A 68 1.02 8.23 13.08
CA GLY A 68 1.53 7.54 11.91
C GLY A 68 0.46 7.43 10.82
N ILE A 69 -0.63 6.77 11.15
CA ILE A 69 -1.72 6.59 10.21
C ILE A 69 -2.15 7.96 9.67
N LYS A 70 -2.01 8.96 10.53
CA LYS A 70 -2.38 10.32 10.16
C LYS A 70 -1.42 10.82 9.07
N ALA A 71 -0.18 10.37 9.17
CA ALA A 71 0.84 10.77 8.22
C ALA A 71 0.68 9.95 6.93
N LEU A 72 0.45 8.65 7.12
CA LEU A 72 0.27 7.76 5.99
C LEU A 72 -1.04 8.10 5.27
N GLN A 73 -1.92 8.76 6.00
CA GLN A 73 -3.20 9.16 5.45
C GLN A 73 -3.05 10.44 4.62
N GLU A 74 -2.47 11.45 5.25
CA GLU A 74 -2.26 12.72 4.59
C GLU A 74 -1.43 12.54 3.32
N ALA A 75 -0.55 11.54 3.36
CA ALA A 75 0.30 11.24 2.22
C ALA A 75 -0.42 10.26 1.29
N SER A 76 -1.72 10.11 1.54
CA SER A 76 -2.52 9.21 0.74
C SER A 76 -2.42 9.58 -0.75
N GLY A 77 -3.10 10.67 -1.09
CA GLY A 77 -3.10 11.15 -2.47
C GLY A 77 -1.67 11.26 -3.00
N PHE A 78 -0.72 11.34 -2.07
CA PHE A 78 0.68 11.45 -2.43
C PHE A 78 1.22 10.12 -2.94
N ILE A 79 0.86 9.06 -2.25
CA ILE A 79 1.31 7.73 -2.61
C ILE A 79 0.57 7.28 -3.88
N ARG A 80 -0.71 7.60 -3.93
CA ARG A 80 -1.53 7.25 -5.08
C ARG A 80 -1.07 8.02 -6.31
N SER A 81 -0.90 9.32 -6.13
CA SER A 81 -0.47 10.17 -7.22
C SER A 81 1.00 9.88 -7.57
N LEU A 82 1.77 9.57 -6.55
CA LEU A 82 3.18 9.26 -6.74
C LEU A 82 3.31 7.97 -7.56
N LEU A 83 2.36 7.07 -7.34
CA LEU A 83 2.36 5.81 -8.06
C LEU A 83 2.03 6.06 -9.54
N GLY A 84 0.88 6.67 -9.76
CA GLY A 84 0.45 6.97 -11.12
C GLY A 84 1.58 7.60 -11.93
N LYS A 85 2.20 8.61 -11.34
CA LYS A 85 3.30 9.30 -12.00
C LYS A 85 4.53 8.39 -12.03
N ALA A 86 4.74 7.69 -10.92
CA ALA A 86 5.86 6.78 -10.81
C ALA A 86 5.76 5.71 -11.90
N MET A 87 4.52 5.37 -12.24
CA MET A 87 4.28 4.37 -13.27
C MET A 87 3.64 5.01 -14.51
N ARG A 88 3.67 6.33 -14.54
CA ARG A 88 3.10 7.07 -15.65
C ARG A 88 2.05 6.22 -16.38
N LEU A 89 0.86 6.21 -15.82
CA LEU A 89 -0.23 5.46 -16.39
C LEU A 89 -1.37 6.40 -16.80
N ARG A 90 -2.59 5.88 -16.77
CA ARG A 90 -3.75 6.68 -17.13
C ARG A 90 -4.97 6.20 -16.34
N ILE A 91 -5.11 4.88 -16.26
CA ILE A 91 -6.22 4.29 -15.54
C ILE A 91 -6.50 5.10 -14.28
N VAL A 92 -5.45 5.72 -13.76
CA VAL A 92 -5.57 6.52 -12.55
C VAL A 92 -6.74 6.01 -11.72
N PRO A 93 -6.67 4.70 -11.37
CA PRO A 93 -7.72 4.08 -10.57
C PRO A 93 -7.63 4.52 -9.10
N GLU A 94 -8.64 4.14 -8.35
CA GLU A 94 -8.68 4.48 -6.93
C GLU A 94 -7.59 3.74 -6.17
N LEU A 95 -6.35 4.02 -6.55
CA LEU A 95 -5.21 3.39 -5.90
C LEU A 95 -5.15 3.83 -4.43
N THR A 96 -5.86 3.07 -3.61
CA THR A 96 -5.89 3.37 -2.18
C THR A 96 -5.07 2.32 -1.40
N PHE A 97 -4.94 2.57 -0.11
CA PHE A 97 -4.19 1.67 0.75
C PHE A 97 -4.91 1.48 2.09
N PHE A 98 -5.18 0.21 2.39
CA PHE A 98 -5.86 -0.12 3.64
C PHE A 98 -4.85 -0.41 4.75
N TYR A 99 -4.94 0.38 5.82
CA TYR A 99 -4.04 0.21 6.95
C TYR A 99 -4.54 -0.88 7.88
N ASP A 100 -3.91 -2.05 7.76
CA ASP A 100 -4.29 -3.18 8.59
C ASP A 100 -3.17 -3.45 9.61
N ASN A 101 -3.31 -2.82 10.76
CA ASN A 101 -2.34 -2.98 11.82
C ASN A 101 -2.90 -3.89 12.90
N SER A 102 -2.17 -3.99 14.01
CA SER A 102 -2.59 -4.83 15.12
C SER A 102 -3.42 -4.01 16.10
N LEU A 103 -3.85 -2.84 15.65
CA LEU A 103 -4.65 -1.96 16.48
C LEU A 103 -6.11 -2.08 16.07
N VAL A 104 -6.35 -2.90 15.06
CA VAL A 104 -7.69 -3.11 14.56
C VAL A 104 -7.97 -4.61 14.46
N GLU A 105 -6.94 -5.39 14.76
CA GLU A 105 -7.05 -6.84 14.71
C GLU A 105 -6.32 -7.47 15.89
N GLY A 106 -5.19 -6.89 16.23
CA GLY A 106 -4.38 -7.38 17.34
C GLY A 106 -3.50 -8.56 16.90
N MET A 107 -3.32 -8.66 15.60
CA MET A 107 -2.50 -9.73 15.04
C MET A 107 -1.94 -9.33 13.68
N ARG A 108 -1.73 -8.03 13.52
CA ARG A 108 -1.18 -7.51 12.27
C ARG A 108 0.07 -6.69 12.54
N MET A 1 4.62 -10.49 -5.91
CA MET A 1 4.95 -11.36 -4.79
C MET A 1 5.82 -12.53 -5.25
N ALA A 2 5.24 -13.38 -6.08
CA ALA A 2 5.94 -14.54 -6.60
C ALA A 2 4.99 -15.37 -7.46
N LYS A 3 4.49 -14.76 -8.51
CA LYS A 3 3.57 -15.43 -9.41
C LYS A 3 3.77 -14.91 -10.83
N GLU A 4 4.57 -15.63 -11.59
CA GLU A 4 4.85 -15.25 -12.97
C GLU A 4 4.10 -16.17 -13.94
N PHE A 5 2.86 -15.78 -14.22
CA PHE A 5 2.04 -16.56 -15.13
C PHE A 5 1.26 -15.65 -16.08
N GLY A 6 1.23 -16.04 -17.34
CA GLY A 6 0.51 -15.27 -18.35
C GLY A 6 -0.81 -14.74 -17.81
N ARG A 7 -1.33 -15.44 -16.81
CA ARG A 7 -2.58 -15.05 -16.20
C ARG A 7 -2.49 -13.62 -15.65
N PRO A 8 -3.63 -13.14 -15.08
CA PRO A 8 -3.69 -11.80 -14.53
C PRO A 8 -2.95 -11.74 -13.19
N GLN A 9 -2.33 -12.85 -12.83
CA GLN A 9 -1.60 -12.93 -11.59
C GLN A 9 -0.25 -12.22 -11.72
N ARG A 10 0.39 -12.45 -12.85
CA ARG A 10 1.69 -11.85 -13.11
C ARG A 10 1.61 -10.33 -12.98
N VAL A 11 0.73 -9.75 -13.79
CA VAL A 11 0.54 -8.31 -13.77
C VAL A 11 0.25 -7.85 -12.34
N ALA A 12 -0.57 -8.65 -11.66
CA ALA A 12 -0.93 -8.34 -10.29
C ALA A 12 0.33 -8.32 -9.41
N GLN A 13 1.20 -9.27 -9.69
CA GLN A 13 2.45 -9.37 -8.95
C GLN A 13 3.35 -8.17 -9.26
N GLU A 14 3.78 -8.10 -10.51
CA GLU A 14 4.64 -7.00 -10.94
C GLU A 14 4.20 -5.69 -10.31
N MET A 15 2.89 -5.48 -10.30
CA MET A 15 2.33 -4.27 -9.73
C MET A 15 2.39 -4.31 -8.21
N GLN A 16 2.16 -5.50 -7.66
CA GLN A 16 2.18 -5.68 -6.23
C GLN A 16 3.58 -5.39 -5.67
N LYS A 17 4.58 -5.74 -6.46
CA LYS A 17 5.96 -5.52 -6.07
C LYS A 17 6.31 -4.04 -6.24
N GLU A 18 5.79 -3.47 -7.32
CA GLU A 18 6.03 -2.07 -7.62
C GLU A 18 5.32 -1.18 -6.59
N ILE A 19 4.15 -1.63 -6.18
CA ILE A 19 3.37 -0.89 -5.21
C ILE A 19 3.91 -1.16 -3.80
N ALA A 20 4.26 -2.42 -3.58
CA ALA A 20 4.79 -2.82 -2.29
C ALA A 20 6.10 -2.07 -2.02
N LEU A 21 6.84 -1.81 -3.09
CA LEU A 21 8.09 -1.11 -3.00
C LEU A 21 7.83 0.38 -2.76
N ILE A 22 7.09 0.96 -3.69
CA ILE A 22 6.75 2.38 -3.61
C ILE A 22 6.00 2.64 -2.29
N LEU A 23 5.38 1.58 -1.79
CA LEU A 23 4.62 1.68 -0.55
C LEU A 23 5.57 1.43 0.63
N GLN A 24 6.70 0.84 0.32
CA GLN A 24 7.70 0.54 1.35
C GLN A 24 8.90 1.47 1.21
N ARG A 25 8.87 2.26 0.15
CA ARG A 25 9.95 3.20 -0.10
C ARG A 25 9.44 4.64 -0.01
N GLU A 26 8.44 4.93 -0.82
CA GLU A 26 7.85 6.27 -0.85
C GLU A 26 7.13 6.54 0.47
N ILE A 27 6.81 5.47 1.17
CA ILE A 27 6.12 5.59 2.45
C ILE A 27 7.16 5.80 3.57
N LYS A 28 6.65 5.95 4.78
CA LYS A 28 7.51 6.17 5.93
C LYS A 28 7.72 4.83 6.65
N ASP A 29 8.54 3.99 6.03
CA ASP A 29 8.84 2.69 6.60
C ASP A 29 9.96 2.83 7.63
N PRO A 30 11.08 3.46 7.17
CA PRO A 30 12.22 3.66 8.03
C PRO A 30 11.97 4.79 9.05
N ARG A 31 11.00 5.62 8.71
CA ARG A 31 10.64 6.74 9.57
C ARG A 31 9.90 6.23 10.80
N LEU A 32 9.19 5.13 10.62
CA LEU A 32 8.43 4.53 11.71
C LEU A 32 9.10 3.23 12.13
N GLY A 33 10.40 3.15 11.89
CA GLY A 33 11.17 1.97 12.24
C GLY A 33 10.34 0.70 12.02
N MET A 34 9.48 0.75 11.03
CA MET A 34 8.63 -0.39 10.71
C MET A 34 8.72 -0.73 9.22
N MET A 35 8.60 -2.02 8.94
CA MET A 35 8.67 -2.51 7.58
C MET A 35 7.29 -2.94 7.08
N THR A 36 6.45 -1.95 6.80
CA THR A 36 5.11 -2.22 6.32
C THR A 36 5.11 -3.45 5.40
N THR A 37 3.99 -4.18 5.43
CA THR A 37 3.85 -5.36 4.61
C THR A 37 2.56 -5.31 3.81
N VAL A 38 2.52 -6.07 2.73
CA VAL A 38 1.35 -6.12 1.87
C VAL A 38 0.79 -7.54 1.86
N SER A 39 -0.07 -7.81 2.82
CA SER A 39 -0.69 -9.13 2.93
C SER A 39 -1.97 -9.18 2.09
N GLY A 40 -2.09 -8.22 1.18
CA GLY A 40 -3.26 -8.13 0.33
C GLY A 40 -3.03 -7.14 -0.81
N VAL A 41 -3.43 -7.55 -2.00
CA VAL A 41 -3.28 -6.69 -3.18
C VAL A 41 -4.46 -6.94 -4.13
N GLU A 42 -5.15 -5.84 -4.43
CA GLU A 42 -6.30 -5.92 -5.32
C GLU A 42 -6.30 -4.74 -6.29
N MET A 43 -6.31 -5.06 -7.58
CA MET A 43 -6.30 -4.03 -8.61
C MET A 43 -7.51 -4.18 -9.53
N SER A 44 -8.47 -3.29 -9.35
CA SER A 44 -9.69 -3.31 -10.15
C SER A 44 -9.63 -2.20 -11.20
N ARG A 45 -9.40 -2.61 -12.44
CA ARG A 45 -9.33 -1.67 -13.54
C ARG A 45 -10.65 -1.65 -14.31
N ASP A 46 -11.57 -2.48 -13.87
CA ASP A 46 -12.88 -2.56 -14.50
C ASP A 46 -13.45 -1.16 -14.67
N LEU A 47 -12.97 -0.25 -13.83
CA LEU A 47 -13.42 1.13 -13.88
C LEU A 47 -12.25 2.06 -13.55
N ALA A 48 -11.72 1.89 -12.35
CA ALA A 48 -10.60 2.70 -11.90
C ALA A 48 -10.49 2.62 -10.37
N TYR A 49 -9.86 1.54 -9.92
CA TYR A 49 -9.67 1.33 -8.49
C TYR A 49 -8.59 0.27 -8.23
N ALA A 50 -7.75 0.57 -7.26
CA ALA A 50 -6.67 -0.32 -6.90
C ALA A 50 -6.58 -0.42 -5.37
N LYS A 51 -7.22 -1.44 -4.84
CA LYS A 51 -7.22 -1.66 -3.40
C LYS A 51 -5.95 -2.43 -3.01
N VAL A 52 -5.08 -1.75 -2.29
CA VAL A 52 -3.84 -2.35 -1.84
C VAL A 52 -3.82 -2.40 -0.31
N TYR A 53 -3.42 -3.56 0.21
CA TYR A 53 -3.35 -3.75 1.64
C TYR A 53 -1.97 -3.37 2.18
N VAL A 54 -1.97 -2.91 3.42
CA VAL A 54 -0.72 -2.50 4.07
C VAL A 54 -0.87 -2.66 5.58
N THR A 55 0.01 -3.48 6.15
CA THR A 55 -0.01 -3.73 7.57
C THR A 55 1.25 -3.16 8.23
N PHE A 56 1.04 -2.46 9.32
CA PHE A 56 2.15 -1.86 10.05
C PHE A 56 2.19 -2.36 11.50
N LEU A 57 3.31 -2.07 12.16
CA LEU A 57 3.48 -2.49 13.54
C LEU A 57 3.27 -1.28 14.47
N ASN A 58 2.63 -0.26 13.91
CA ASN A 58 2.35 0.95 14.67
C ASN A 58 1.48 0.59 15.88
N ASP A 59 0.64 -0.41 15.69
CA ASP A 59 -0.25 -0.85 16.75
C ASP A 59 0.49 -0.82 18.08
N LYS A 60 1.76 -1.22 18.03
CA LYS A 60 2.60 -1.24 19.22
C LYS A 60 2.28 -0.02 20.07
N ASP A 61 2.17 1.12 19.41
CA ASP A 61 1.88 2.38 20.09
C ASP A 61 0.68 3.05 19.42
N GLU A 62 -0.37 3.24 20.21
CA GLU A 62 -1.57 3.87 19.70
C GLU A 62 -1.30 5.34 19.34
N ASP A 63 -0.25 5.88 19.95
CA ASP A 63 0.13 7.25 19.70
C ASP A 63 0.73 7.36 18.30
N ALA A 64 1.59 6.41 17.98
CA ALA A 64 2.25 6.39 16.68
C ALA A 64 1.27 5.85 15.63
N VAL A 65 0.25 5.16 16.11
CA VAL A 65 -0.76 4.60 15.24
C VAL A 65 -1.67 5.71 14.73
N LYS A 66 -2.04 6.59 15.65
CA LYS A 66 -2.91 7.69 15.32
C LYS A 66 -2.14 8.73 14.51
N ALA A 67 -0.98 9.11 15.06
CA ALA A 67 -0.13 10.08 14.40
C ALA A 67 0.40 9.50 13.09
N GLY A 68 0.98 8.32 13.20
CA GLY A 68 1.54 7.64 12.04
C GLY A 68 0.48 7.53 10.92
N ILE A 69 -0.59 6.82 11.24
CA ILE A 69 -1.66 6.64 10.28
C ILE A 69 -2.10 8.00 9.73
N LYS A 70 -2.06 8.99 10.61
CA LYS A 70 -2.45 10.34 10.23
C LYS A 70 -1.51 10.84 9.13
N ALA A 71 -0.26 10.44 9.24
CA ALA A 71 0.75 10.84 8.26
C ALA A 71 0.58 10.01 6.99
N LEU A 72 0.31 8.72 7.19
CA LEU A 72 0.12 7.82 6.08
C LEU A 72 -1.16 8.18 5.33
N GLN A 73 -2.02 8.91 6.03
CA GLN A 73 -3.29 9.34 5.45
C GLN A 73 -3.10 10.61 4.63
N GLU A 74 -2.48 11.60 5.27
CA GLU A 74 -2.24 12.87 4.61
C GLU A 74 -1.41 12.66 3.34
N ALA A 75 -0.53 11.67 3.40
CA ALA A 75 0.33 11.35 2.27
C ALA A 75 -0.40 10.38 1.34
N SER A 76 -1.69 10.24 1.58
CA SER A 76 -2.52 9.34 0.77
C SER A 76 -2.40 9.72 -0.70
N GLY A 77 -3.08 10.81 -1.05
CA GLY A 77 -3.06 11.29 -2.43
C GLY A 77 -1.64 11.38 -2.96
N PHE A 78 -0.69 11.45 -2.03
CA PHE A 78 0.71 11.54 -2.39
C PHE A 78 1.24 10.20 -2.90
N ILE A 79 0.86 9.14 -2.20
CA ILE A 79 1.29 7.81 -2.56
C ILE A 79 0.56 7.38 -3.84
N ARG A 80 -0.70 7.76 -3.92
CA ARG A 80 -1.52 7.42 -5.08
C ARG A 80 -1.01 8.16 -6.31
N SER A 81 -0.79 9.46 -6.15
CA SER A 81 -0.31 10.29 -7.23
C SER A 81 1.15 9.94 -7.55
N LEU A 82 1.90 9.66 -6.50
CA LEU A 82 3.30 9.31 -6.65
C LEU A 82 3.42 8.02 -7.45
N LEU A 83 2.44 7.14 -7.24
CA LEU A 83 2.42 5.87 -7.94
C LEU A 83 2.16 6.11 -9.43
N GLY A 84 1.03 6.73 -9.71
CA GLY A 84 0.65 7.02 -11.09
C GLY A 84 1.83 7.60 -11.86
N LYS A 85 2.45 8.61 -11.28
CA LYS A 85 3.59 9.26 -11.90
C LYS A 85 4.79 8.29 -11.89
N ALA A 86 4.94 7.61 -10.76
CA ALA A 86 6.03 6.67 -10.60
C ALA A 86 5.91 5.58 -11.69
N MET A 87 4.68 5.29 -12.06
CA MET A 87 4.42 4.28 -13.07
C MET A 87 3.88 4.92 -14.35
N ARG A 88 3.99 6.23 -14.42
CA ARG A 88 3.52 6.96 -15.57
C ARG A 88 2.46 6.16 -16.33
N LEU A 89 1.27 6.12 -15.74
CA LEU A 89 0.17 5.38 -16.34
C LEU A 89 -0.90 6.37 -16.81
N ARG A 90 -2.14 5.90 -16.80
CA ARG A 90 -3.26 6.73 -17.21
C ARG A 90 -4.54 6.30 -16.47
N ILE A 91 -4.73 5.00 -16.41
CA ILE A 91 -5.90 4.45 -15.74
C ILE A 91 -6.13 5.20 -14.42
N VAL A 92 -5.04 5.71 -13.88
CA VAL A 92 -5.11 6.46 -12.63
C VAL A 92 -6.34 5.99 -11.84
N PRO A 93 -6.36 4.67 -11.52
CA PRO A 93 -7.46 4.10 -10.77
C PRO A 93 -7.39 4.50 -9.29
N GLU A 94 -8.53 4.40 -8.63
CA GLU A 94 -8.61 4.75 -7.22
C GLU A 94 -7.81 3.75 -6.38
N LEU A 95 -6.51 3.73 -6.64
CA LEU A 95 -5.62 2.83 -5.91
C LEU A 95 -5.57 3.24 -4.44
N THR A 96 -6.47 2.65 -3.66
CA THR A 96 -6.55 2.94 -2.25
C THR A 96 -5.62 2.00 -1.47
N PHE A 97 -5.27 2.45 -0.26
CA PHE A 97 -4.39 1.67 0.59
C PHE A 97 -5.04 1.41 1.96
N PHE A 98 -5.33 0.15 2.22
CA PHE A 98 -5.95 -0.23 3.47
C PHE A 98 -4.89 -0.55 4.53
N TYR A 99 -4.87 0.28 5.56
CA TYR A 99 -3.92 0.10 6.65
C TYR A 99 -4.45 -0.87 7.70
N ASP A 100 -3.95 -2.09 7.64
CA ASP A 100 -4.38 -3.11 8.59
C ASP A 100 -3.24 -3.38 9.58
N ASN A 101 -3.25 -2.60 10.65
CA ASN A 101 -2.23 -2.74 11.69
C ASN A 101 -2.70 -3.76 12.73
N SER A 102 -1.93 -3.85 13.80
CA SER A 102 -2.27 -4.77 14.87
C SER A 102 -3.17 -4.09 15.89
N LEU A 103 -3.70 -2.95 15.50
CA LEU A 103 -4.58 -2.18 16.37
C LEU A 103 -6.04 -2.52 16.03
N VAL A 104 -6.20 -3.45 15.10
CA VAL A 104 -7.53 -3.87 14.69
C VAL A 104 -7.56 -5.39 14.58
N GLU A 105 -6.50 -6.01 15.07
CA GLU A 105 -6.40 -7.47 15.04
C GLU A 105 -5.42 -7.96 16.10
N GLY A 106 -4.35 -7.21 16.27
CA GLY A 106 -3.34 -7.55 17.26
C GLY A 106 -2.32 -8.52 16.67
N MET A 107 -2.70 -9.14 15.56
CA MET A 107 -1.83 -10.09 14.89
C MET A 107 -1.39 -9.56 13.53
N ARG A 108 -1.39 -8.25 13.41
CA ARG A 108 -0.99 -7.60 12.17
C ARG A 108 0.35 -6.87 12.37
N MET A 1 4.80 -11.96 -3.40
CA MET A 1 6.12 -11.75 -3.99
C MET A 1 6.02 -11.63 -5.51
N ALA A 2 6.10 -12.79 -6.16
CA ALA A 2 6.03 -12.83 -7.61
C ALA A 2 5.31 -14.11 -8.04
N LYS A 3 4.64 -14.02 -9.18
CA LYS A 3 3.90 -15.16 -9.71
C LYS A 3 3.95 -15.12 -11.24
N GLU A 4 5.01 -15.70 -11.78
CA GLU A 4 5.18 -15.75 -13.22
C GLU A 4 4.17 -16.70 -13.86
N PHE A 5 2.99 -16.16 -14.12
CA PHE A 5 1.92 -16.95 -14.72
C PHE A 5 1.13 -16.12 -15.75
N GLY A 6 1.10 -16.63 -16.96
CA GLY A 6 0.38 -15.95 -18.04
C GLY A 6 -0.91 -15.32 -17.52
N ARG A 7 -1.44 -15.92 -16.46
CA ARG A 7 -2.67 -15.43 -15.86
C ARG A 7 -2.51 -13.97 -15.43
N PRO A 8 -3.62 -13.40 -14.89
CA PRO A 8 -3.61 -12.02 -14.44
C PRO A 8 -2.86 -11.88 -13.11
N GLN A 9 -2.28 -12.99 -12.68
CA GLN A 9 -1.52 -13.02 -11.44
C GLN A 9 -0.14 -12.38 -11.64
N ARG A 10 0.44 -12.67 -12.79
CA ARG A 10 1.75 -12.14 -13.12
C ARG A 10 1.74 -10.61 -13.06
N VAL A 11 0.85 -10.02 -13.84
CA VAL A 11 0.73 -8.57 -13.89
C VAL A 11 0.36 -8.06 -12.49
N ALA A 12 -0.53 -8.79 -11.84
CA ALA A 12 -0.97 -8.42 -10.50
C ALA A 12 0.23 -8.38 -9.56
N GLN A 13 1.15 -9.31 -9.78
CA GLN A 13 2.34 -9.39 -8.97
C GLN A 13 3.30 -8.24 -9.30
N GLU A 14 3.79 -8.26 -10.53
CA GLU A 14 4.70 -7.23 -10.98
C GLU A 14 4.27 -5.87 -10.45
N MET A 15 2.97 -5.63 -10.51
CA MET A 15 2.41 -4.37 -10.04
C MET A 15 2.39 -4.32 -8.50
N GLN A 16 2.08 -5.46 -7.90
CA GLN A 16 2.03 -5.55 -6.46
C GLN A 16 3.42 -5.31 -5.86
N LYS A 17 4.43 -5.74 -6.60
CA LYS A 17 5.80 -5.59 -6.15
C LYS A 17 6.24 -4.13 -6.36
N GLU A 18 5.81 -3.58 -7.49
CA GLU A 18 6.15 -2.20 -7.82
C GLU A 18 5.43 -1.24 -6.86
N ILE A 19 4.15 -1.52 -6.65
CA ILE A 19 3.35 -0.69 -5.77
C ILE A 19 3.80 -0.89 -4.33
N ALA A 20 3.96 -2.15 -3.96
CA ALA A 20 4.40 -2.50 -2.62
C ALA A 20 5.73 -1.81 -2.33
N LEU A 21 6.54 -1.70 -3.37
CA LEU A 21 7.84 -1.06 -3.23
C LEU A 21 7.65 0.42 -2.93
N ILE A 22 6.98 1.09 -3.86
CA ILE A 22 6.72 2.52 -3.71
C ILE A 22 5.94 2.76 -2.42
N LEU A 23 5.24 1.72 -1.99
CA LEU A 23 4.44 1.80 -0.77
C LEU A 23 5.32 1.46 0.43
N GLN A 24 6.47 0.87 0.13
CA GLN A 24 7.40 0.49 1.19
C GLN A 24 8.65 1.36 1.11
N ARG A 25 8.75 2.12 0.03
CA ARG A 25 9.89 3.01 -0.17
C ARG A 25 9.46 4.47 -0.06
N GLU A 26 8.53 4.84 -0.92
CA GLU A 26 8.03 6.21 -0.93
C GLU A 26 7.23 6.49 0.35
N ILE A 27 6.95 5.42 1.07
CA ILE A 27 6.20 5.53 2.33
C ILE A 27 7.18 5.74 3.47
N LYS A 28 6.61 5.87 4.67
CA LYS A 28 7.41 6.08 5.87
C LYS A 28 7.51 4.76 6.64
N ASP A 29 8.29 3.84 6.09
CA ASP A 29 8.47 2.54 6.71
C ASP A 29 9.68 2.60 7.64
N PRO A 30 10.85 3.00 7.06
CA PRO A 30 12.07 3.10 7.83
C PRO A 30 12.06 4.34 8.73
N ARG A 31 11.05 5.17 8.52
CA ARG A 31 10.91 6.39 9.30
C ARG A 31 10.20 6.10 10.62
N LEU A 32 9.14 5.30 10.52
CA LEU A 32 8.36 4.93 11.69
C LEU A 32 9.16 3.92 12.53
N GLY A 33 10.07 3.24 11.86
CA GLY A 33 10.90 2.25 12.52
C GLY A 33 10.30 0.84 12.38
N MET A 34 9.36 0.73 11.45
CA MET A 34 8.71 -0.54 11.20
C MET A 34 8.64 -0.84 9.70
N MET A 35 8.71 -2.12 9.38
CA MET A 35 8.66 -2.55 8.00
C MET A 35 7.24 -2.96 7.59
N THR A 36 6.60 -2.08 6.83
CA THR A 36 5.25 -2.32 6.37
C THR A 36 5.21 -3.55 5.46
N THR A 37 4.06 -4.21 5.47
CA THR A 37 3.88 -5.41 4.65
C THR A 37 2.61 -5.28 3.80
N VAL A 38 2.56 -6.09 2.76
CA VAL A 38 1.41 -6.07 1.86
C VAL A 38 0.79 -7.48 1.80
N SER A 39 -0.09 -7.74 2.76
CA SER A 39 -0.75 -9.03 2.84
C SER A 39 -2.07 -8.98 2.08
N GLY A 40 -2.12 -8.12 1.07
CA GLY A 40 -3.32 -7.96 0.27
C GLY A 40 -3.10 -6.94 -0.85
N VAL A 41 -3.59 -7.28 -2.03
CA VAL A 41 -3.46 -6.41 -3.18
C VAL A 41 -4.64 -6.62 -4.12
N GLU A 42 -5.22 -5.51 -4.56
CA GLU A 42 -6.36 -5.57 -5.46
C GLU A 42 -6.25 -4.48 -6.52
N MET A 43 -6.23 -4.92 -7.78
CA MET A 43 -6.12 -3.99 -8.89
C MET A 43 -7.32 -4.15 -9.85
N SER A 44 -8.22 -3.18 -9.77
CA SER A 44 -9.41 -3.20 -10.62
C SER A 44 -9.32 -2.08 -11.66
N ARG A 45 -9.04 -2.49 -12.89
CA ARG A 45 -8.93 -1.54 -13.99
C ARG A 45 -10.21 -1.55 -14.83
N ASP A 46 -11.09 -2.49 -14.50
CA ASP A 46 -12.35 -2.60 -15.22
C ASP A 46 -13.02 -1.23 -15.31
N LEU A 47 -12.64 -0.37 -14.39
CA LEU A 47 -13.19 0.97 -14.36
C LEU A 47 -12.11 1.96 -13.90
N ALA A 48 -11.79 1.88 -12.62
CA ALA A 48 -10.77 2.75 -12.06
C ALA A 48 -10.76 2.59 -10.54
N TYR A 49 -10.22 1.46 -10.09
CA TYR A 49 -10.15 1.17 -8.67
C TYR A 49 -8.99 0.24 -8.36
N ALA A 50 -8.32 0.53 -7.26
CA ALA A 50 -7.18 -0.28 -6.84
C ALA A 50 -7.04 -0.21 -5.32
N LYS A 51 -7.26 -1.35 -4.67
CA LYS A 51 -7.16 -1.43 -3.22
C LYS A 51 -5.94 -2.27 -2.84
N VAL A 52 -5.02 -1.62 -2.13
CA VAL A 52 -3.81 -2.29 -1.70
C VAL A 52 -3.75 -2.30 -0.17
N TYR A 53 -3.51 -3.49 0.37
CA TYR A 53 -3.42 -3.65 1.82
C TYR A 53 -2.03 -3.29 2.32
N VAL A 54 -1.98 -2.82 3.56
CA VAL A 54 -0.72 -2.45 4.18
C VAL A 54 -0.83 -2.65 5.69
N THR A 55 0.02 -3.55 6.19
CA THR A 55 0.04 -3.83 7.62
C THR A 55 1.28 -3.24 8.27
N PHE A 56 1.06 -2.46 9.32
CA PHE A 56 2.15 -1.83 10.02
C PHE A 56 2.23 -2.34 11.47
N LEU A 57 3.35 -2.05 12.10
CA LEU A 57 3.56 -2.46 13.48
C LEU A 57 3.41 -1.25 14.40
N ASN A 58 2.62 -0.29 13.93
CA ASN A 58 2.38 0.92 14.70
C ASN A 58 1.52 0.59 15.91
N ASP A 59 0.66 -0.40 15.73
CA ASP A 59 -0.23 -0.83 16.80
C ASP A 59 0.51 -0.76 18.13
N LYS A 60 1.75 -1.24 18.11
CA LYS A 60 2.57 -1.24 19.31
C LYS A 60 2.31 0.03 20.11
N ASP A 61 2.22 1.13 19.38
CA ASP A 61 1.98 2.43 20.01
C ASP A 61 0.79 3.11 19.32
N GLU A 62 -0.26 3.32 20.09
CA GLU A 62 -1.46 3.95 19.57
C GLU A 62 -1.17 5.42 19.21
N ASP A 63 -0.09 5.93 19.79
CA ASP A 63 0.30 7.31 19.54
C ASP A 63 0.88 7.41 18.12
N ALA A 64 1.71 6.44 17.78
CA ALA A 64 2.34 6.42 16.46
C ALA A 64 1.34 5.86 15.45
N VAL A 65 0.34 5.16 15.96
CA VAL A 65 -0.68 4.58 15.11
C VAL A 65 -1.62 5.67 14.62
N LYS A 66 -1.99 6.55 15.53
CA LYS A 66 -2.89 7.65 15.20
C LYS A 66 -2.10 8.70 14.40
N ALA A 67 -0.98 9.11 14.97
CA ALA A 67 -0.15 10.12 14.33
C ALA A 67 0.37 9.57 13.01
N GLY A 68 0.97 8.39 13.09
CA GLY A 68 1.51 7.75 11.90
C GLY A 68 0.46 7.62 10.81
N ILE A 69 -0.60 6.88 11.13
CA ILE A 69 -1.69 6.67 10.20
C ILE A 69 -2.23 8.03 9.74
N LYS A 70 -2.12 9.00 10.63
CA LYS A 70 -2.60 10.34 10.34
C LYS A 70 -1.72 10.97 9.26
N ALA A 71 -0.45 10.58 9.29
CA ALA A 71 0.51 11.11 8.32
C ALA A 71 0.41 10.30 7.03
N LEU A 72 0.35 8.98 7.18
CA LEU A 72 0.24 8.09 6.03
C LEU A 72 -0.97 8.50 5.20
N GLN A 73 -2.02 8.93 5.89
CA GLN A 73 -3.24 9.34 5.22
C GLN A 73 -3.07 10.74 4.62
N GLU A 74 -2.54 11.64 5.44
CA GLU A 74 -2.32 13.01 4.99
C GLU A 74 -1.48 13.02 3.71
N ALA A 75 -0.77 11.93 3.49
CA ALA A 75 0.07 11.80 2.32
C ALA A 75 -0.54 10.77 1.37
N SER A 76 -1.81 10.48 1.59
CA SER A 76 -2.52 9.52 0.78
C SER A 76 -2.43 9.92 -0.70
N GLY A 77 -3.16 10.97 -1.04
CA GLY A 77 -3.17 11.46 -2.40
C GLY A 77 -1.75 11.58 -2.95
N PHE A 78 -0.79 11.64 -2.05
CA PHE A 78 0.61 11.75 -2.43
C PHE A 78 1.13 10.41 -2.94
N ILE A 79 0.79 9.36 -2.21
CA ILE A 79 1.22 8.01 -2.57
C ILE A 79 0.49 7.58 -3.85
N ARG A 80 -0.79 7.91 -3.89
CA ARG A 80 -1.61 7.56 -5.04
C ARG A 80 -1.14 8.31 -6.28
N SER A 81 -0.94 9.61 -6.10
CA SER A 81 -0.49 10.46 -7.19
C SER A 81 0.97 10.15 -7.54
N LEU A 82 1.72 9.78 -6.51
CA LEU A 82 3.13 9.45 -6.69
C LEU A 82 3.24 8.18 -7.53
N LEU A 83 2.29 7.29 -7.32
CA LEU A 83 2.27 6.03 -8.06
C LEU A 83 1.96 6.30 -9.52
N GLY A 84 0.81 6.95 -9.74
CA GLY A 84 0.38 7.27 -11.09
C GLY A 84 1.52 7.89 -11.89
N LYS A 85 2.14 8.90 -11.29
CA LYS A 85 3.24 9.59 -11.94
C LYS A 85 4.46 8.66 -12.01
N ALA A 86 4.67 7.95 -10.91
CA ALA A 86 5.80 7.03 -10.82
C ALA A 86 5.64 5.96 -11.91
N MET A 87 4.40 5.66 -12.24
CA MET A 87 4.10 4.66 -13.25
C MET A 87 3.51 5.31 -14.50
N ARG A 88 3.60 6.63 -14.54
CA ARG A 88 3.08 7.38 -15.68
C ARG A 88 1.99 6.57 -16.39
N LEU A 89 0.82 6.56 -15.78
CA LEU A 89 -0.31 5.83 -16.35
C LEU A 89 -1.49 6.79 -16.53
N ARG A 90 -2.60 6.23 -17.00
CA ARG A 90 -3.80 7.02 -17.23
C ARG A 90 -4.96 6.47 -16.39
N ILE A 91 -5.03 5.14 -16.35
CA ILE A 91 -6.09 4.48 -15.60
C ILE A 91 -6.35 5.25 -14.31
N VAL A 92 -5.28 5.82 -13.77
CA VAL A 92 -5.38 6.59 -12.54
C VAL A 92 -6.59 6.11 -11.74
N PRO A 93 -6.58 4.78 -11.42
CA PRO A 93 -7.68 4.19 -10.65
C PRO A 93 -7.59 4.59 -9.18
N GLU A 94 -8.66 4.26 -8.46
CA GLU A 94 -8.73 4.57 -7.04
C GLU A 94 -7.71 3.74 -6.27
N LEU A 95 -6.44 3.96 -6.59
CA LEU A 95 -5.36 3.24 -5.93
C LEU A 95 -5.27 3.69 -4.47
N THR A 96 -6.05 3.02 -3.64
CA THR A 96 -6.08 3.33 -2.22
C THR A 96 -5.20 2.35 -1.44
N PHE A 97 -5.00 2.66 -0.16
CA PHE A 97 -4.19 1.82 0.70
C PHE A 97 -4.89 1.56 2.03
N PHE A 98 -5.18 0.29 2.27
CA PHE A 98 -5.85 -0.11 3.50
C PHE A 98 -4.83 -0.44 4.60
N TYR A 99 -4.89 0.33 5.67
CA TYR A 99 -3.99 0.13 6.80
C TYR A 99 -4.55 -0.90 7.77
N ASP A 100 -3.90 -2.06 7.79
CA ASP A 100 -4.32 -3.13 8.69
C ASP A 100 -3.22 -3.40 9.70
N ASN A 101 -3.26 -2.64 10.79
CA ASN A 101 -2.27 -2.80 11.85
C ASN A 101 -2.80 -3.76 12.91
N SER A 102 -2.07 -3.86 14.00
CA SER A 102 -2.45 -4.75 15.09
C SER A 102 -3.31 -3.99 16.09
N LEU A 103 -3.75 -2.81 15.69
CA LEU A 103 -4.58 -1.98 16.53
C LEU A 103 -6.05 -2.17 16.16
N VAL A 104 -6.26 -3.00 15.15
CA VAL A 104 -7.61 -3.29 14.68
C VAL A 104 -7.79 -4.81 14.56
N GLU A 105 -6.72 -5.52 14.86
CA GLU A 105 -6.75 -6.98 14.79
C GLU A 105 -5.96 -7.58 15.95
N GLY A 106 -4.85 -6.94 16.27
CA GLY A 106 -4.00 -7.41 17.36
C GLY A 106 -3.05 -8.51 16.89
N MET A 107 -3.29 -8.97 15.67
CA MET A 107 -2.46 -10.01 15.08
C MET A 107 -1.86 -9.56 13.75
N ARG A 108 -1.70 -8.25 13.63
CA ARG A 108 -1.14 -7.67 12.42
C ARG A 108 0.23 -7.04 12.72
N MET A 1 10.95 -11.38 -9.37
CA MET A 1 10.27 -10.77 -8.24
C MET A 1 8.77 -10.62 -8.51
N ALA A 2 8.26 -11.52 -9.34
CA ALA A 2 6.84 -11.50 -9.69
C ALA A 2 6.45 -12.86 -10.26
N LYS A 3 5.16 -13.00 -10.53
CA LYS A 3 4.63 -14.24 -11.07
C LYS A 3 4.57 -14.14 -12.59
N GLU A 4 5.68 -14.48 -13.22
CA GLU A 4 5.77 -14.44 -14.68
C GLU A 4 4.73 -15.37 -15.30
N PHE A 5 3.53 -14.85 -15.46
CA PHE A 5 2.44 -15.62 -16.03
C PHE A 5 1.54 -14.75 -16.89
N GLY A 6 1.48 -15.09 -18.17
CA GLY A 6 0.66 -14.33 -19.11
C GLY A 6 -0.65 -13.88 -18.46
N ARG A 7 -1.08 -14.65 -17.48
CA ARG A 7 -2.30 -14.34 -16.77
C ARG A 7 -2.20 -12.96 -16.10
N PRO A 8 -3.32 -12.55 -15.45
CA PRO A 8 -3.36 -11.27 -14.77
C PRO A 8 -2.57 -11.30 -13.48
N GLN A 9 -1.91 -12.42 -13.25
CA GLN A 9 -1.11 -12.59 -12.04
C GLN A 9 0.23 -11.86 -12.18
N ARG A 10 0.75 -11.89 -13.40
CA ARG A 10 2.01 -11.23 -13.68
C ARG A 10 1.92 -9.75 -13.35
N VAL A 11 0.93 -9.09 -13.91
CA VAL A 11 0.72 -7.68 -13.69
C VAL A 11 0.35 -7.45 -12.22
N ALA A 12 -0.48 -8.34 -11.71
CA ALA A 12 -0.92 -8.25 -10.33
C ALA A 12 0.30 -8.28 -9.40
N GLN A 13 1.26 -9.13 -9.76
CA GLN A 13 2.47 -9.26 -8.98
C GLN A 13 3.35 -8.01 -9.15
N GLU A 14 3.92 -7.88 -10.33
CA GLU A 14 4.78 -6.74 -10.63
C GLU A 14 4.20 -5.48 -10.02
N MET A 15 2.88 -5.42 -9.96
CA MET A 15 2.20 -4.27 -9.41
C MET A 15 2.20 -4.32 -7.88
N GLN A 16 1.93 -5.52 -7.36
CA GLN A 16 1.89 -5.71 -5.92
C GLN A 16 3.26 -5.45 -5.31
N LYS A 17 4.29 -5.82 -6.06
CA LYS A 17 5.66 -5.63 -5.62
C LYS A 17 6.05 -4.17 -5.78
N GLU A 18 5.62 -3.60 -6.90
CA GLU A 18 5.93 -2.20 -7.20
C GLU A 18 5.18 -1.29 -6.22
N ILE A 19 3.94 -1.65 -5.94
CA ILE A 19 3.12 -0.88 -5.03
C ILE A 19 3.57 -1.14 -3.60
N ALA A 20 3.70 -2.42 -3.27
CA ALA A 20 4.11 -2.81 -1.93
C ALA A 20 5.44 -2.11 -1.59
N LEU A 21 6.25 -1.92 -2.63
CA LEU A 21 7.53 -1.26 -2.45
C LEU A 21 7.32 0.23 -2.16
N ILE A 22 6.67 0.88 -3.11
CA ILE A 22 6.39 2.30 -2.98
C ILE A 22 5.56 2.54 -1.71
N LEU A 23 4.85 1.50 -1.31
CA LEU A 23 4.01 1.58 -0.13
C LEU A 23 4.84 1.19 1.10
N GLN A 24 5.98 0.57 0.84
CA GLN A 24 6.87 0.14 1.91
C GLN A 24 8.13 1.02 1.92
N ARG A 25 8.23 1.86 0.91
CA ARG A 25 9.38 2.75 0.79
C ARG A 25 8.94 4.20 0.92
N GLU A 26 7.99 4.58 0.08
CA GLU A 26 7.47 5.94 0.09
C GLU A 26 6.65 6.19 1.36
N ILE A 27 6.29 5.09 2.01
CA ILE A 27 5.50 5.18 3.23
C ILE A 27 6.44 5.38 4.42
N LYS A 28 5.84 5.44 5.60
CA LYS A 28 6.60 5.64 6.82
C LYS A 28 7.09 4.29 7.33
N ASP A 29 8.10 3.76 6.64
CA ASP A 29 8.67 2.49 7.02
C ASP A 29 9.88 2.72 7.93
N PRO A 30 10.83 3.57 7.43
CA PRO A 30 12.03 3.87 8.19
C PRO A 30 11.71 4.83 9.34
N ARG A 31 10.70 5.67 9.11
CA ARG A 31 10.31 6.64 10.12
C ARG A 31 9.64 5.93 11.30
N LEU A 32 8.55 5.24 11.00
CA LEU A 32 7.81 4.52 12.02
C LEU A 32 8.74 3.49 12.68
N GLY A 33 9.72 3.04 11.91
CA GLY A 33 10.68 2.07 12.40
C GLY A 33 10.12 0.65 12.28
N MET A 34 9.47 0.41 11.16
CA MET A 34 8.88 -0.90 10.91
C MET A 34 8.92 -1.25 9.42
N MET A 35 8.31 -2.37 9.08
CA MET A 35 8.27 -2.82 7.70
C MET A 35 6.85 -3.20 7.29
N THR A 36 6.08 -2.19 6.92
CA THR A 36 4.70 -2.40 6.51
C THR A 36 4.61 -3.58 5.54
N THR A 37 3.51 -4.30 5.63
CA THR A 37 3.30 -5.46 4.77
C THR A 37 1.98 -5.32 4.00
N VAL A 38 1.86 -6.10 2.94
CA VAL A 38 0.66 -6.07 2.12
C VAL A 38 0.00 -7.45 2.14
N SER A 39 -0.89 -7.63 3.10
CA SER A 39 -1.59 -8.89 3.23
C SER A 39 -2.92 -8.84 2.48
N GLY A 40 -2.93 -8.04 1.41
CA GLY A 40 -4.12 -7.90 0.61
C GLY A 40 -3.84 -7.05 -0.64
N VAL A 41 -4.36 -7.53 -1.76
CA VAL A 41 -4.17 -6.83 -3.03
C VAL A 41 -5.42 -6.97 -3.88
N GLU A 42 -6.00 -5.83 -4.23
CA GLU A 42 -7.20 -5.82 -5.04
C GLU A 42 -7.07 -4.79 -6.17
N MET A 43 -6.65 -5.27 -7.33
CA MET A 43 -6.49 -4.40 -8.48
C MET A 43 -7.63 -4.59 -9.48
N SER A 44 -8.55 -3.64 -9.46
CA SER A 44 -9.69 -3.69 -10.36
C SER A 44 -9.62 -2.54 -11.36
N ARG A 45 -9.27 -2.89 -12.59
CA ARG A 45 -9.17 -1.90 -13.64
C ARG A 45 -10.40 -1.94 -14.54
N ASP A 46 -11.31 -2.84 -14.21
CA ASP A 46 -12.53 -3.00 -14.97
C ASP A 46 -13.20 -1.64 -15.12
N LEU A 47 -12.85 -0.73 -14.22
CA LEU A 47 -13.41 0.62 -14.25
C LEU A 47 -12.34 1.61 -13.80
N ALA A 48 -11.93 1.46 -12.55
CA ALA A 48 -10.92 2.33 -11.98
C ALA A 48 -10.94 2.20 -10.46
N TYR A 49 -10.35 1.12 -9.98
CA TYR A 49 -10.29 0.86 -8.55
C TYR A 49 -9.13 -0.08 -8.20
N ALA A 50 -8.44 0.25 -7.13
CA ALA A 50 -7.32 -0.55 -6.68
C ALA A 50 -7.25 -0.54 -5.16
N LYS A 51 -7.84 -1.55 -4.56
CA LYS A 51 -7.86 -1.67 -3.11
C LYS A 51 -6.64 -2.46 -2.66
N VAL A 52 -5.67 -1.73 -2.12
CA VAL A 52 -4.44 -2.35 -1.64
C VAL A 52 -4.49 -2.44 -0.11
N TYR A 53 -3.77 -3.42 0.42
CA TYR A 53 -3.71 -3.61 1.86
C TYR A 53 -2.35 -3.20 2.42
N VAL A 54 -2.36 -2.83 3.69
CA VAL A 54 -1.14 -2.41 4.35
C VAL A 54 -1.29 -2.63 5.86
N THR A 55 -0.39 -3.43 6.40
CA THR A 55 -0.39 -3.72 7.82
C THR A 55 0.90 -3.25 8.49
N PHE A 56 0.75 -2.37 9.46
CA PHE A 56 1.89 -1.84 10.18
C PHE A 56 1.91 -2.32 11.63
N LEU A 57 3.11 -2.37 12.19
CA LEU A 57 3.28 -2.82 13.57
C LEU A 57 3.19 -1.61 14.49
N ASN A 58 2.67 -0.52 13.95
CA ASN A 58 2.52 0.71 14.72
C ASN A 58 1.74 0.41 16.00
N ASP A 59 0.90 -0.60 15.92
CA ASP A 59 0.09 -0.99 17.06
C ASP A 59 0.94 -0.89 18.34
N LYS A 60 2.20 -1.23 18.19
CA LYS A 60 3.12 -1.19 19.31
C LYS A 60 2.83 0.06 20.15
N ASP A 61 2.72 1.18 19.47
CA ASP A 61 2.44 2.44 20.14
C ASP A 61 1.23 3.12 19.48
N GLU A 62 0.23 3.38 20.29
CA GLU A 62 -0.98 4.01 19.80
C GLU A 62 -0.69 5.45 19.37
N ASP A 63 0.37 6.00 19.93
CA ASP A 63 0.77 7.36 19.61
C ASP A 63 1.32 7.40 18.18
N ALA A 64 2.13 6.40 17.86
CA ALA A 64 2.72 6.31 16.54
C ALA A 64 1.69 5.73 15.56
N VAL A 65 0.68 5.09 16.12
CA VAL A 65 -0.37 4.49 15.32
C VAL A 65 -1.27 5.59 14.75
N LYS A 66 -1.60 6.54 15.62
CA LYS A 66 -2.45 7.65 15.22
C LYS A 66 -1.64 8.63 14.38
N ALA A 67 -0.50 9.02 14.92
CA ALA A 67 0.38 9.95 14.23
C ALA A 67 0.85 9.32 12.91
N GLY A 68 1.39 8.12 13.02
CA GLY A 68 1.88 7.41 11.85
C GLY A 68 0.79 7.30 10.78
N ILE A 69 -0.31 6.65 11.15
CA ILE A 69 -1.42 6.48 10.24
C ILE A 69 -1.87 7.84 9.73
N LYS A 70 -1.64 8.86 10.55
CA LYS A 70 -2.02 10.22 10.19
C LYS A 70 -1.11 10.72 9.08
N ALA A 71 0.13 10.27 9.11
CA ALA A 71 1.11 10.66 8.12
C ALA A 71 0.81 9.94 6.80
N LEU A 72 0.52 8.65 6.93
CA LEU A 72 0.21 7.83 5.76
C LEU A 72 -1.17 8.21 5.24
N GLN A 73 -1.95 8.83 6.11
CA GLN A 73 -3.30 9.25 5.75
C GLN A 73 -3.25 10.52 4.90
N GLU A 74 -2.44 11.46 5.35
CA GLU A 74 -2.29 12.73 4.64
C GLU A 74 -1.52 12.52 3.34
N ALA A 75 -0.68 11.49 3.34
CA ALA A 75 0.12 11.18 2.18
C ALA A 75 -0.65 10.20 1.29
N SER A 76 -1.94 10.08 1.56
CA SER A 76 -2.80 9.19 0.80
C SER A 76 -2.72 9.55 -0.69
N GLY A 77 -3.38 10.64 -1.04
CA GLY A 77 -3.39 11.09 -2.43
C GLY A 77 -1.97 11.19 -2.99
N PHE A 78 -1.01 11.23 -2.07
CA PHE A 78 0.38 11.33 -2.46
C PHE A 78 0.91 9.99 -2.95
N ILE A 79 0.53 8.93 -2.25
CA ILE A 79 0.96 7.59 -2.60
C ILE A 79 0.23 7.15 -3.89
N ARG A 80 -1.03 7.52 -3.96
CA ARG A 80 -1.85 7.19 -5.12
C ARG A 80 -1.33 7.91 -6.36
N SER A 81 -1.07 9.20 -6.19
CA SER A 81 -0.57 10.01 -7.28
C SER A 81 0.90 9.68 -7.56
N LEU A 82 1.60 9.34 -6.49
CA LEU A 82 3.01 8.99 -6.60
C LEU A 82 3.16 7.71 -7.41
N LEU A 83 2.18 6.83 -7.25
CA LEU A 83 2.18 5.56 -7.95
C LEU A 83 1.89 5.81 -9.43
N GLY A 84 0.75 6.44 -9.69
CA GLY A 84 0.34 6.74 -11.05
C GLY A 84 1.50 7.36 -11.84
N LYS A 85 2.16 8.32 -11.22
CA LYS A 85 3.28 9.00 -11.84
C LYS A 85 4.49 8.07 -11.85
N ALA A 86 4.68 7.38 -10.73
CA ALA A 86 5.79 6.46 -10.59
C ALA A 86 5.68 5.38 -11.66
N MET A 87 4.45 5.08 -12.03
CA MET A 87 4.20 4.06 -13.04
C MET A 87 3.63 4.68 -14.31
N ARG A 88 3.70 6.00 -14.38
CA ARG A 88 3.20 6.72 -15.53
C ARG A 88 2.15 5.89 -16.27
N LEU A 89 0.96 5.85 -15.69
CA LEU A 89 -0.12 5.09 -16.28
C LEU A 89 -1.23 6.05 -16.71
N ARG A 90 -2.46 5.54 -16.70
CA ARG A 90 -3.60 6.34 -17.09
C ARG A 90 -4.85 5.85 -16.34
N ILE A 91 -5.00 4.54 -16.27
CA ILE A 91 -6.15 3.95 -15.59
C ILE A 91 -6.44 4.75 -14.32
N VAL A 92 -5.38 5.33 -13.76
CA VAL A 92 -5.52 6.11 -12.55
C VAL A 92 -6.75 5.64 -11.77
N PRO A 93 -6.72 4.33 -11.40
CA PRO A 93 -7.82 3.74 -10.65
C PRO A 93 -7.80 4.20 -9.19
N GLU A 94 -8.90 3.93 -8.51
CA GLU A 94 -9.02 4.30 -7.11
C GLU A 94 -8.06 3.47 -6.26
N LEU A 95 -6.77 3.65 -6.53
CA LEU A 95 -5.75 2.92 -5.79
C LEU A 95 -5.76 3.37 -4.33
N THR A 96 -6.60 2.72 -3.55
CA THR A 96 -6.71 3.05 -2.13
C THR A 96 -5.72 2.22 -1.31
N PHE A 97 -5.57 2.61 -0.06
CA PHE A 97 -4.65 1.92 0.84
C PHE A 97 -5.33 1.59 2.16
N PHE A 98 -5.51 0.30 2.39
CA PHE A 98 -6.14 -0.18 3.61
C PHE A 98 -5.10 -0.43 4.71
N TYR A 99 -5.18 0.38 5.75
CA TYR A 99 -4.25 0.26 6.86
C TYR A 99 -4.84 -0.62 7.97
N ASP A 100 -4.41 -1.87 7.99
CA ASP A 100 -4.89 -2.82 8.98
C ASP A 100 -3.74 -3.18 9.93
N ASN A 101 -3.60 -2.36 10.96
CA ASN A 101 -2.54 -2.58 11.94
C ASN A 101 -3.07 -3.50 13.04
N SER A 102 -2.27 -3.63 14.09
CA SER A 102 -2.64 -4.48 15.21
C SER A 102 -3.44 -3.67 16.24
N LEU A 103 -3.87 -2.49 15.80
CA LEU A 103 -4.65 -1.61 16.67
C LEU A 103 -6.14 -1.86 16.42
N VAL A 104 -6.41 -2.82 15.55
CA VAL A 104 -7.79 -3.17 15.23
C VAL A 104 -7.93 -4.69 15.24
N GLU A 105 -6.84 -5.36 15.56
CA GLU A 105 -6.84 -6.81 15.61
C GLU A 105 -5.90 -7.31 16.71
N GLY A 106 -4.79 -6.59 16.86
CA GLY A 106 -3.81 -6.94 17.86
C GLY A 106 -2.73 -7.87 17.29
N MET A 107 -3.17 -8.71 16.36
CA MET A 107 -2.26 -9.65 15.72
C MET A 107 -2.50 -9.71 14.22
N ARG A 108 -3.02 -8.61 13.69
CA ARG A 108 -3.30 -8.52 12.27
C ARG A 108 -2.20 -9.23 11.46
N MET A 1 5.80 -13.02 -2.55
CA MET A 1 4.69 -12.84 -3.47
C MET A 1 5.19 -12.74 -4.91
N ALA A 2 5.41 -13.91 -5.52
CA ALA A 2 5.89 -13.96 -6.88
C ALA A 2 4.96 -14.85 -7.71
N LYS A 3 4.49 -14.30 -8.82
CA LYS A 3 3.61 -15.03 -9.71
C LYS A 3 3.85 -14.58 -11.15
N GLU A 4 4.81 -15.24 -11.78
CA GLU A 4 5.14 -14.92 -13.16
C GLU A 4 4.36 -15.82 -14.12
N PHE A 5 3.16 -15.37 -14.45
CA PHE A 5 2.30 -16.12 -15.35
C PHE A 5 1.50 -15.18 -16.26
N GLY A 6 1.48 -15.52 -17.54
CA GLY A 6 0.77 -14.72 -18.51
C GLY A 6 -0.57 -14.23 -17.96
N ARG A 7 -1.07 -14.98 -16.99
CA ARG A 7 -2.34 -14.64 -16.36
C ARG A 7 -2.28 -13.22 -15.78
N PRO A 8 -3.43 -12.79 -15.20
CA PRO A 8 -3.52 -11.47 -14.61
C PRO A 8 -2.78 -11.41 -13.27
N GLN A 9 -2.13 -12.52 -12.95
CA GLN A 9 -1.37 -12.61 -11.70
C GLN A 9 -0.04 -11.88 -11.84
N ARG A 10 0.59 -12.05 -13.00
CA ARG A 10 1.86 -11.42 -13.26
C ARG A 10 1.74 -9.90 -13.10
N VAL A 11 0.89 -9.32 -13.94
CA VAL A 11 0.67 -7.88 -13.90
C VAL A 11 0.34 -7.45 -12.47
N ALA A 12 -0.51 -8.24 -11.84
CA ALA A 12 -0.92 -7.96 -10.47
C ALA A 12 0.31 -7.97 -9.56
N GLN A 13 1.22 -8.88 -9.86
CA GLN A 13 2.44 -9.01 -9.08
C GLN A 13 3.37 -7.81 -9.35
N GLU A 14 3.83 -7.72 -10.59
CA GLU A 14 4.70 -6.63 -10.97
C GLU A 14 4.26 -5.33 -10.33
N MET A 15 2.96 -5.11 -10.32
CA MET A 15 2.38 -3.92 -9.74
C MET A 15 2.45 -3.97 -8.22
N GLN A 16 2.18 -5.15 -7.68
CA GLN A 16 2.19 -5.35 -6.25
C GLN A 16 3.60 -5.12 -5.70
N LYS A 17 4.58 -5.50 -6.51
CA LYS A 17 5.98 -5.36 -6.12
C LYS A 17 6.38 -3.88 -6.24
N GLU A 18 5.90 -3.26 -7.31
CA GLU A 18 6.21 -1.86 -7.55
C GLU A 18 5.53 -0.98 -6.49
N ILE A 19 4.30 -1.33 -6.18
CA ILE A 19 3.53 -0.58 -5.19
C ILE A 19 4.05 -0.91 -3.79
N ALA A 20 4.27 -2.19 -3.56
CA ALA A 20 4.78 -2.65 -2.27
C ALA A 20 6.10 -1.92 -1.97
N LEU A 21 6.86 -1.67 -3.01
CA LEU A 21 8.14 -1.00 -2.87
C LEU A 21 7.89 0.47 -2.52
N ILE A 22 7.19 1.15 -3.41
CA ILE A 22 6.89 2.56 -3.21
C ILE A 22 6.10 2.72 -1.91
N LEU A 23 5.50 1.62 -1.48
CA LEU A 23 4.71 1.62 -0.26
C LEU A 23 5.63 1.36 0.93
N GLN A 24 6.81 0.82 0.63
CA GLN A 24 7.78 0.51 1.66
C GLN A 24 8.99 1.44 1.54
N ARG A 25 9.00 2.21 0.46
CA ARG A 25 10.08 3.15 0.23
C ARG A 25 9.59 4.59 0.34
N GLU A 26 8.63 4.91 -0.53
CA GLU A 26 8.06 6.26 -0.53
C GLU A 26 7.30 6.52 0.77
N ILE A 27 6.93 5.43 1.44
CA ILE A 27 6.21 5.53 2.68
C ILE A 27 7.19 5.80 3.82
N LYS A 28 6.63 6.01 5.01
CA LYS A 28 7.44 6.28 6.18
C LYS A 28 7.63 5.00 6.98
N ASP A 29 8.45 4.11 6.42
CA ASP A 29 8.72 2.84 7.07
C ASP A 29 9.91 3.00 8.01
N PRO A 30 11.00 3.63 7.49
CA PRO A 30 12.19 3.85 8.28
C PRO A 30 11.98 4.99 9.28
N ARG A 31 10.92 5.75 9.06
CA ARG A 31 10.59 6.86 9.94
C ARG A 31 9.81 6.36 11.16
N LEU A 32 8.79 5.57 10.89
CA LEU A 32 7.96 5.03 11.95
C LEU A 32 8.76 3.98 12.73
N GLY A 33 9.76 3.42 12.06
CA GLY A 33 10.61 2.42 12.67
C GLY A 33 9.97 1.03 12.56
N MET A 34 9.28 0.82 11.45
CA MET A 34 8.62 -0.45 11.20
C MET A 34 8.80 -0.89 9.76
N MET A 35 8.47 -2.15 9.51
CA MET A 35 8.59 -2.71 8.17
C MET A 35 7.22 -3.10 7.61
N THR A 36 6.46 -2.07 7.25
CA THR A 36 5.13 -2.30 6.70
C THR A 36 5.13 -3.52 5.78
N THR A 37 3.94 -4.07 5.59
CA THR A 37 3.79 -5.24 4.73
C THR A 37 2.53 -5.11 3.88
N VAL A 38 2.46 -5.95 2.85
CA VAL A 38 1.32 -5.96 1.96
C VAL A 38 0.70 -7.35 1.91
N SER A 39 -0.15 -7.62 2.89
CA SER A 39 -0.80 -8.92 2.97
C SER A 39 -2.12 -8.88 2.21
N GLY A 40 -2.21 -7.95 1.27
CA GLY A 40 -3.41 -7.79 0.46
C GLY A 40 -3.18 -6.78 -0.66
N VAL A 41 -3.67 -7.14 -1.85
CA VAL A 41 -3.53 -6.27 -3.00
C VAL A 41 -4.68 -6.53 -3.97
N GLU A 42 -5.24 -5.45 -4.47
CA GLU A 42 -6.36 -5.54 -5.41
C GLU A 42 -6.31 -4.38 -6.40
N MET A 43 -6.51 -4.72 -7.66
CA MET A 43 -6.51 -3.72 -8.72
C MET A 43 -7.69 -3.91 -9.67
N SER A 44 -8.64 -2.99 -9.57
CA SER A 44 -9.82 -3.04 -10.41
C SER A 44 -9.74 -1.98 -11.51
N ARG A 45 -9.50 -2.45 -12.73
CA ARG A 45 -9.39 -1.56 -13.86
C ARG A 45 -10.68 -1.57 -14.67
N ASP A 46 -11.59 -2.43 -14.26
CA ASP A 46 -12.88 -2.56 -14.93
C ASP A 46 -13.50 -1.17 -15.09
N LEU A 47 -13.07 -0.26 -14.24
CA LEU A 47 -13.57 1.11 -14.28
C LEU A 47 -12.44 2.08 -13.89
N ALA A 48 -12.02 1.98 -12.63
CA ALA A 48 -10.96 2.83 -12.13
C ALA A 48 -10.98 2.80 -10.59
N TYR A 49 -10.78 1.60 -10.06
CA TYR A 49 -10.77 1.42 -8.61
C TYR A 49 -9.79 0.31 -8.21
N ALA A 50 -8.95 0.64 -7.24
CA ALA A 50 -7.97 -0.31 -6.75
C ALA A 50 -7.91 -0.24 -5.23
N LYS A 51 -7.45 -1.32 -4.63
CA LYS A 51 -7.34 -1.40 -3.18
C LYS A 51 -6.07 -2.16 -2.82
N VAL A 52 -5.13 -1.43 -2.23
CA VAL A 52 -3.87 -2.02 -1.82
C VAL A 52 -3.80 -2.08 -0.30
N TYR A 53 -3.60 -3.30 0.21
CA TYR A 53 -3.52 -3.50 1.64
C TYR A 53 -2.12 -3.17 2.17
N VAL A 54 -2.08 -2.74 3.42
CA VAL A 54 -0.81 -2.38 4.04
C VAL A 54 -0.94 -2.59 5.55
N THR A 55 -0.09 -3.46 6.07
CA THR A 55 -0.09 -3.75 7.49
C THR A 55 1.18 -3.20 8.15
N PHE A 56 0.97 -2.48 9.25
CA PHE A 56 2.08 -1.89 9.97
C PHE A 56 2.15 -2.42 11.41
N LEU A 57 3.24 -2.10 12.08
CA LEU A 57 3.45 -2.55 13.45
C LEU A 57 3.34 -1.35 14.39
N ASN A 58 2.57 -0.37 13.95
CA ASN A 58 2.37 0.85 14.74
C ASN A 58 1.49 0.52 15.94
N ASP A 59 0.63 -0.46 15.75
CA ASP A 59 -0.29 -0.87 16.80
C ASP A 59 0.45 -0.84 18.14
N LYS A 60 1.68 -1.35 18.12
CA LYS A 60 2.49 -1.38 19.33
C LYS A 60 2.26 -0.11 20.14
N ASP A 61 2.22 1.01 19.43
CA ASP A 61 2.00 2.30 20.06
C ASP A 61 0.85 3.02 19.36
N GLU A 62 -0.21 3.26 20.13
CA GLU A 62 -1.37 3.94 19.60
C GLU A 62 -1.04 5.38 19.25
N ASP A 63 0.04 5.87 19.85
CA ASP A 63 0.49 7.23 19.60
C ASP A 63 1.08 7.33 18.20
N ALA A 64 1.88 6.33 17.86
CA ALA A 64 2.52 6.30 16.56
C ALA A 64 1.52 5.77 15.52
N VAL A 65 0.49 5.10 16.02
CA VAL A 65 -0.55 4.56 15.15
C VAL A 65 -1.45 5.69 14.66
N LYS A 66 -1.74 6.61 15.58
CA LYS A 66 -2.59 7.74 15.25
C LYS A 66 -1.79 8.76 14.43
N ALA A 67 -0.63 9.12 14.96
CA ALA A 67 0.24 10.08 14.29
C ALA A 67 0.73 9.47 12.98
N GLY A 68 1.22 8.24 13.08
CA GLY A 68 1.74 7.54 11.92
C GLY A 68 0.68 7.45 10.82
N ILE A 69 -0.42 6.79 11.15
CA ILE A 69 -1.51 6.64 10.21
C ILE A 69 -1.92 8.01 9.67
N LYS A 70 -1.82 9.00 10.54
CA LYS A 70 -2.18 10.37 10.17
C LYS A 70 -1.23 10.85 9.06
N ALA A 71 0.01 10.41 9.17
CA ALA A 71 1.01 10.80 8.18
C ALA A 71 0.74 10.07 6.87
N LEU A 72 0.36 8.81 7.00
CA LEU A 72 0.06 8.00 5.82
C LEU A 72 -1.27 8.46 5.22
N GLN A 73 -2.05 9.16 6.03
CA GLN A 73 -3.34 9.66 5.58
C GLN A 73 -3.15 10.91 4.72
N GLU A 74 -2.35 11.82 5.23
CA GLU A 74 -2.07 13.06 4.51
C GLU A 74 -1.25 12.78 3.25
N ALA A 75 -0.43 11.74 3.34
CA ALA A 75 0.42 11.36 2.22
C ALA A 75 -0.34 10.33 1.35
N SER A 76 -1.64 10.29 1.54
CA SER A 76 -2.48 9.37 0.78
C SER A 76 -2.40 9.69 -0.71
N GLY A 77 -3.08 10.78 -1.08
CA GLY A 77 -3.10 11.20 -2.46
C GLY A 77 -1.68 11.29 -3.04
N PHE A 78 -0.72 11.35 -2.13
CA PHE A 78 0.69 11.43 -2.52
C PHE A 78 1.20 10.07 -3.01
N ILE A 79 0.85 9.04 -2.25
CA ILE A 79 1.27 7.69 -2.59
C ILE A 79 0.54 7.25 -3.87
N ARG A 80 -0.71 7.65 -3.96
CA ARG A 80 -1.52 7.29 -5.12
C ARG A 80 -0.97 7.99 -6.37
N SER A 81 -0.68 9.27 -6.23
CA SER A 81 -0.16 10.05 -7.34
C SER A 81 1.27 9.62 -7.65
N LEU A 82 2.00 9.27 -6.59
CA LEU A 82 3.38 8.83 -6.73
C LEU A 82 3.42 7.54 -7.54
N LEU A 83 2.43 6.69 -7.30
CA LEU A 83 2.34 5.41 -7.99
C LEU A 83 2.06 5.67 -9.47
N GLY A 84 0.89 6.24 -9.73
CA GLY A 84 0.49 6.54 -11.09
C GLY A 84 1.67 7.09 -11.91
N LYS A 85 2.29 8.13 -11.35
CA LYS A 85 3.42 8.76 -12.00
C LYS A 85 4.60 7.78 -12.02
N ALA A 86 4.75 7.07 -10.93
CA ALA A 86 5.84 6.11 -10.81
C ALA A 86 5.70 5.06 -11.91
N MET A 87 4.45 4.77 -12.25
CA MET A 87 4.18 3.79 -13.28
C MET A 87 3.60 4.46 -14.54
N ARG A 88 3.70 5.78 -14.56
CA ARG A 88 3.21 6.54 -15.68
C ARG A 88 2.13 5.76 -16.44
N LEU A 89 0.96 5.67 -15.81
CA LEU A 89 -0.15 4.96 -16.41
C LEU A 89 -1.24 5.96 -16.82
N ARG A 90 -2.47 5.46 -16.83
CA ARG A 90 -3.61 6.28 -17.18
C ARG A 90 -4.84 5.86 -16.39
N ILE A 91 -5.05 4.56 -16.33
CA ILE A 91 -6.19 4.00 -15.61
C ILE A 91 -6.38 4.78 -14.30
N VAL A 92 -5.27 5.28 -13.78
CA VAL A 92 -5.30 6.04 -12.54
C VAL A 92 -6.55 5.66 -11.74
N PRO A 93 -6.62 4.34 -11.38
CA PRO A 93 -7.74 3.84 -10.62
C PRO A 93 -7.66 4.28 -9.15
N GLU A 94 -8.81 4.24 -8.49
CA GLU A 94 -8.87 4.63 -7.09
C GLU A 94 -8.13 3.62 -6.22
N LEU A 95 -6.85 3.46 -6.51
CA LEU A 95 -6.02 2.53 -5.77
C LEU A 95 -5.82 3.06 -4.34
N THR A 96 -6.75 2.69 -3.47
CA THR A 96 -6.69 3.12 -2.09
C THR A 96 -5.70 2.25 -1.31
N PHE A 97 -5.36 2.73 -0.12
CA PHE A 97 -4.43 2.00 0.73
C PHE A 97 -5.04 1.75 2.11
N PHE A 98 -5.37 0.49 2.36
CA PHE A 98 -5.96 0.11 3.63
C PHE A 98 -4.87 -0.28 4.64
N TYR A 99 -4.78 0.53 5.69
CA TYR A 99 -3.80 0.29 6.73
C TYR A 99 -4.34 -0.67 7.80
N ASP A 100 -3.93 -1.92 7.69
CA ASP A 100 -4.38 -2.93 8.63
C ASP A 100 -3.25 -3.23 9.63
N ASN A 101 -3.27 -2.50 10.73
CA ASN A 101 -2.27 -2.67 11.76
C ASN A 101 -2.77 -3.68 12.80
N SER A 102 -1.99 -3.84 13.86
CA SER A 102 -2.34 -4.75 14.92
C SER A 102 -3.26 -4.05 15.93
N LEU A 103 -3.75 -2.89 15.54
CA LEU A 103 -4.63 -2.11 16.39
C LEU A 103 -6.09 -2.43 16.03
N VAL A 104 -6.25 -3.31 15.06
CA VAL A 104 -7.57 -3.71 14.62
C VAL A 104 -7.59 -5.21 14.34
N GLU A 105 -6.49 -5.87 14.70
CA GLU A 105 -6.37 -7.29 14.50
C GLU A 105 -5.49 -7.91 15.60
N GLY A 106 -4.47 -7.16 15.98
CA GLY A 106 -3.54 -7.62 17.00
C GLY A 106 -2.42 -8.46 16.41
N MET A 107 -2.79 -9.29 15.43
CA MET A 107 -1.83 -10.14 14.77
C MET A 107 -1.16 -9.41 13.60
N ARG A 108 -1.31 -8.10 13.60
CA ARG A 108 -0.74 -7.28 12.54
C ARG A 108 0.34 -6.35 13.13
N MET A 1 7.92 -16.66 -5.32
CA MET A 1 7.85 -15.33 -4.75
C MET A 1 6.85 -14.46 -5.51
N ALA A 2 6.78 -14.70 -6.81
CA ALA A 2 5.87 -13.94 -7.66
C ALA A 2 5.00 -14.92 -8.44
N LYS A 3 4.24 -14.37 -9.39
CA LYS A 3 3.36 -15.18 -10.21
C LYS A 3 3.52 -14.77 -11.67
N GLU A 4 4.48 -15.40 -12.32
CA GLU A 4 4.75 -15.11 -13.72
C GLU A 4 3.83 -15.94 -14.62
N PHE A 5 2.63 -15.42 -14.85
CA PHE A 5 1.66 -16.12 -15.68
C PHE A 5 0.95 -15.13 -16.61
N GLY A 6 0.95 -15.47 -17.89
CA GLY A 6 0.31 -14.64 -18.90
C GLY A 6 -0.97 -14.01 -18.34
N ARG A 7 -1.59 -14.71 -17.40
CA ARG A 7 -2.82 -14.24 -16.79
C ARG A 7 -2.60 -12.85 -16.19
N PRO A 8 -3.70 -12.29 -15.62
CA PRO A 8 -3.65 -10.98 -15.01
C PRO A 8 -2.94 -11.03 -13.66
N GLN A 9 -2.43 -12.21 -13.34
CA GLN A 9 -1.72 -12.40 -12.08
C GLN A 9 -0.31 -11.81 -12.17
N ARG A 10 0.30 -11.98 -13.33
CA ARG A 10 1.64 -11.46 -13.55
C ARG A 10 1.67 -9.95 -13.37
N VAL A 11 0.65 -9.30 -13.90
CA VAL A 11 0.54 -7.86 -13.80
C VAL A 11 0.13 -7.47 -12.37
N ALA A 12 -0.68 -8.33 -11.77
CA ALA A 12 -1.15 -8.11 -10.42
C ALA A 12 0.05 -8.15 -9.46
N GLN A 13 0.90 -9.14 -9.67
CA GLN A 13 2.08 -9.30 -8.84
C GLN A 13 3.07 -8.18 -9.10
N GLU A 14 3.60 -8.17 -10.32
CA GLU A 14 4.57 -7.15 -10.71
C GLU A 14 4.15 -5.78 -10.16
N MET A 15 2.86 -5.51 -10.26
CA MET A 15 2.31 -4.25 -9.78
C MET A 15 2.24 -4.23 -8.26
N GLN A 16 1.91 -5.38 -7.70
CA GLN A 16 1.80 -5.51 -6.26
C GLN A 16 3.17 -5.29 -5.60
N LYS A 17 4.20 -5.76 -6.28
CA LYS A 17 5.56 -5.62 -5.78
C LYS A 17 6.04 -4.19 -6.02
N GLU A 18 5.65 -3.65 -7.16
CA GLU A 18 6.04 -2.29 -7.52
C GLU A 18 5.35 -1.29 -6.59
N ILE A 19 4.07 -1.52 -6.36
CA ILE A 19 3.30 -0.65 -5.49
C ILE A 19 3.68 -0.89 -4.04
N ALA A 20 3.83 -2.16 -3.70
CA ALA A 20 4.19 -2.54 -2.35
C ALA A 20 5.54 -1.91 -2.00
N LEU A 21 6.39 -1.79 -3.01
CA LEU A 21 7.71 -1.21 -2.82
C LEU A 21 7.57 0.30 -2.60
N ILE A 22 6.93 0.95 -3.57
CA ILE A 22 6.72 2.39 -3.49
C ILE A 22 5.93 2.71 -2.22
N LEU A 23 5.20 1.71 -1.74
CA LEU A 23 4.39 1.88 -0.55
C LEU A 23 5.25 1.59 0.68
N GLN A 24 6.39 0.95 0.44
CA GLN A 24 7.30 0.60 1.51
C GLN A 24 8.58 1.44 1.41
N ARG A 25 8.69 2.16 0.30
CA ARG A 25 9.85 2.99 0.08
C ARG A 25 9.44 4.47 0.07
N GLU A 26 8.55 4.80 -0.84
CA GLU A 26 8.07 6.18 -0.96
C GLU A 26 7.27 6.56 0.28
N ILE A 27 6.82 5.55 1.00
CA ILE A 27 6.03 5.77 2.21
C ILE A 27 6.99 6.06 3.38
N LYS A 28 6.39 6.32 4.53
CA LYS A 28 7.16 6.62 5.72
C LYS A 28 7.28 5.35 6.58
N ASP A 29 8.07 4.42 6.09
CA ASP A 29 8.26 3.16 6.80
C ASP A 29 9.45 3.30 7.76
N PRO A 30 10.59 3.79 7.19
CA PRO A 30 11.80 3.98 7.98
C PRO A 30 11.67 5.21 8.89
N ARG A 31 10.58 5.93 8.70
CA ARG A 31 10.33 7.13 9.48
C ARG A 31 9.38 6.82 10.64
N LEU A 32 8.72 5.67 10.53
CA LEU A 32 7.78 5.25 11.55
C LEU A 32 8.53 4.46 12.63
N GLY A 33 9.65 3.89 12.23
CA GLY A 33 10.46 3.12 13.16
C GLY A 33 10.06 1.64 13.14
N MET A 34 9.45 1.25 12.03
CA MET A 34 9.01 -0.13 11.87
C MET A 34 8.96 -0.53 10.39
N MET A 35 8.66 -1.80 10.17
CA MET A 35 8.58 -2.32 8.81
C MET A 35 7.14 -2.73 8.46
N THR A 36 6.66 -2.17 7.36
CA THR A 36 5.31 -2.47 6.91
C THR A 36 5.31 -3.71 6.00
N THR A 37 4.12 -4.20 5.74
CA THR A 37 3.97 -5.38 4.90
C THR A 37 2.71 -5.25 4.03
N VAL A 38 2.62 -6.12 3.04
CA VAL A 38 1.48 -6.13 2.13
C VAL A 38 0.88 -7.53 2.08
N SER A 39 -0.01 -7.79 3.03
CA SER A 39 -0.67 -9.08 3.10
C SER A 39 -2.00 -9.04 2.36
N GLY A 40 -2.06 -8.18 1.36
CA GLY A 40 -3.27 -8.02 0.57
C GLY A 40 -3.10 -6.91 -0.48
N VAL A 41 -3.61 -7.19 -1.66
CA VAL A 41 -3.53 -6.24 -2.76
C VAL A 41 -4.72 -6.44 -3.70
N GLU A 42 -5.14 -5.35 -4.31
CA GLU A 42 -6.26 -5.39 -5.24
C GLU A 42 -6.18 -4.23 -6.21
N MET A 43 -6.35 -4.55 -7.49
CA MET A 43 -6.31 -3.55 -8.54
C MET A 43 -7.44 -3.74 -9.55
N SER A 44 -8.41 -2.84 -9.47
CA SER A 44 -9.56 -2.90 -10.35
C SER A 44 -9.45 -1.80 -11.42
N ARG A 45 -9.16 -2.23 -12.64
CA ARG A 45 -9.03 -1.30 -13.74
C ARG A 45 -10.29 -1.32 -14.61
N ASP A 46 -11.23 -2.17 -14.21
CA ASP A 46 -12.48 -2.30 -14.94
C ASP A 46 -13.21 -0.95 -14.92
N LEU A 47 -12.77 -0.09 -14.03
CA LEU A 47 -13.38 1.23 -13.90
C LEU A 47 -12.30 2.26 -13.55
N ALA A 48 -11.81 2.16 -12.33
CA ALA A 48 -10.78 3.07 -11.86
C ALA A 48 -10.75 3.06 -10.33
N TYR A 49 -10.57 1.87 -9.77
CA TYR A 49 -10.53 1.71 -8.33
C TYR A 49 -9.68 0.49 -7.94
N ALA A 50 -8.77 0.74 -7.01
CA ALA A 50 -7.89 -0.32 -6.53
C ALA A 50 -7.73 -0.21 -5.02
N LYS A 51 -7.48 -1.35 -4.39
CA LYS A 51 -7.31 -1.38 -2.95
C LYS A 51 -6.08 -2.24 -2.62
N VAL A 52 -5.14 -1.62 -1.92
CA VAL A 52 -3.93 -2.31 -1.53
C VAL A 52 -3.83 -2.36 0.00
N TYR A 53 -3.63 -3.57 0.51
CA TYR A 53 -3.54 -3.77 1.94
C TYR A 53 -2.10 -3.52 2.43
N VAL A 54 -2.01 -2.95 3.62
CA VAL A 54 -0.71 -2.66 4.21
C VAL A 54 -0.81 -2.78 5.73
N THR A 55 -0.03 -3.71 6.27
CA THR A 55 -0.02 -3.93 7.71
C THR A 55 1.26 -3.36 8.33
N PHE A 56 1.07 -2.57 9.38
CA PHE A 56 2.19 -1.96 10.07
C PHE A 56 2.26 -2.42 11.52
N LEU A 57 3.39 -2.12 12.15
CA LEU A 57 3.60 -2.51 13.54
C LEU A 57 3.34 -1.29 14.43
N ASN A 58 2.69 -0.29 13.86
CA ASN A 58 2.39 0.93 14.58
C ASN A 58 1.50 0.59 15.78
N ASP A 59 0.66 -0.41 15.60
CA ASP A 59 -0.24 -0.85 16.65
C ASP A 59 0.49 -0.77 18.00
N LYS A 60 1.73 -1.23 17.99
CA LYS A 60 2.54 -1.22 19.20
C LYS A 60 2.27 0.07 19.97
N ASP A 61 2.18 1.17 19.22
CA ASP A 61 1.94 2.46 19.82
C ASP A 61 0.75 3.13 19.12
N GLU A 62 -0.29 3.38 19.91
CA GLU A 62 -1.50 4.01 19.37
C GLU A 62 -1.20 5.45 18.96
N ASP A 63 -0.11 5.98 19.51
CA ASP A 63 0.28 7.34 19.22
C ASP A 63 0.88 7.40 17.81
N ALA A 64 1.72 6.42 17.51
CA ALA A 64 2.35 6.35 16.21
C ALA A 64 1.36 5.79 15.19
N VAL A 65 0.35 5.10 15.71
CA VAL A 65 -0.67 4.51 14.85
C VAL A 65 -1.60 5.62 14.34
N LYS A 66 -1.95 6.51 15.26
CA LYS A 66 -2.83 7.62 14.91
C LYS A 66 -2.07 8.63 14.04
N ALA A 67 -0.97 9.12 14.59
CA ALA A 67 -0.15 10.09 13.89
C ALA A 67 0.37 9.46 12.60
N GLY A 68 1.02 8.31 12.75
CA GLY A 68 1.56 7.59 11.62
C GLY A 68 0.53 7.45 10.50
N ILE A 69 -0.56 6.76 10.83
CA ILE A 69 -1.64 6.56 9.87
C ILE A 69 -2.15 7.92 9.38
N LYS A 70 -2.01 8.92 10.25
CA LYS A 70 -2.46 10.26 9.91
C LYS A 70 -1.56 10.83 8.83
N ALA A 71 -0.32 10.38 8.83
CA ALA A 71 0.65 10.84 7.85
C ALA A 71 0.40 10.13 6.52
N LEU A 72 0.12 8.85 6.61
CA LEU A 72 -0.15 8.04 5.43
C LEU A 72 -1.43 8.52 4.77
N GLN A 73 -2.32 9.05 5.59
CA GLN A 73 -3.60 9.56 5.10
C GLN A 73 -3.41 10.95 4.49
N GLU A 74 -2.72 11.80 5.24
CA GLU A 74 -2.47 13.16 4.78
C GLU A 74 -1.61 13.15 3.52
N ALA A 75 -0.92 12.03 3.33
CA ALA A 75 -0.06 11.87 2.16
C ALA A 75 -0.67 10.83 1.22
N SER A 76 -1.96 10.61 1.39
CA SER A 76 -2.67 9.64 0.56
C SER A 76 -2.46 9.98 -0.92
N GLY A 77 -3.16 11.01 -1.36
CA GLY A 77 -3.06 11.44 -2.75
C GLY A 77 -1.61 11.49 -3.21
N PHE A 78 -0.71 11.64 -2.23
CA PHE A 78 0.71 11.70 -2.52
C PHE A 78 1.25 10.33 -2.93
N ILE A 79 0.84 9.32 -2.18
CA ILE A 79 1.27 7.95 -2.47
C ILE A 79 0.58 7.46 -3.74
N ARG A 80 -0.70 7.79 -3.85
CA ARG A 80 -1.49 7.38 -5.00
C ARG A 80 -0.97 8.09 -6.27
N SER A 81 -0.80 9.39 -6.15
CA SER A 81 -0.31 10.18 -7.27
C SER A 81 1.15 9.84 -7.56
N LEU A 82 1.88 9.55 -6.48
CA LEU A 82 3.28 9.20 -6.61
C LEU A 82 3.41 7.90 -7.39
N LEU A 83 2.45 7.01 -7.18
CA LEU A 83 2.44 5.73 -7.86
C LEU A 83 2.16 5.94 -9.35
N GLY A 84 1.02 6.55 -9.63
CA GLY A 84 0.63 6.82 -11.00
C GLY A 84 1.80 7.40 -11.80
N LYS A 85 2.40 8.44 -11.23
CA LYS A 85 3.52 9.10 -11.88
C LYS A 85 4.73 8.16 -11.88
N ALA A 86 4.91 7.49 -10.75
CA ALA A 86 6.02 6.55 -10.59
C ALA A 86 5.89 5.45 -11.64
N MET A 87 4.66 5.14 -11.99
CA MET A 87 4.38 4.11 -12.97
C MET A 87 3.83 4.72 -14.27
N ARG A 88 3.92 6.03 -14.35
CA ARG A 88 3.43 6.75 -15.52
C ARG A 88 2.37 5.90 -16.25
N LEU A 89 1.18 5.90 -15.67
CA LEU A 89 0.08 5.15 -16.25
C LEU A 89 -1.03 6.12 -16.66
N ARG A 90 -2.25 5.61 -16.67
CA ARG A 90 -3.40 6.41 -17.06
C ARG A 90 -4.63 6.00 -16.25
N ILE A 91 -4.82 4.69 -16.15
CA ILE A 91 -5.95 4.15 -15.42
C ILE A 91 -6.12 4.92 -14.11
N VAL A 92 -5.00 5.40 -13.58
CA VAL A 92 -5.01 6.15 -12.35
C VAL A 92 -6.25 5.79 -11.54
N PRO A 93 -6.34 4.48 -11.19
CA PRO A 93 -7.48 3.98 -10.42
C PRO A 93 -7.37 4.41 -8.96
N GLU A 94 -8.51 4.35 -8.27
CA GLU A 94 -8.55 4.73 -6.87
C GLU A 94 -7.75 3.73 -6.04
N LEU A 95 -6.47 3.62 -6.35
CA LEU A 95 -5.58 2.72 -5.64
C LEU A 95 -5.39 3.22 -4.21
N THR A 96 -6.26 2.76 -3.33
CA THR A 96 -6.21 3.16 -1.93
C THR A 96 -5.34 2.18 -1.14
N PHE A 97 -4.92 2.63 0.04
CA PHE A 97 -4.08 1.81 0.90
C PHE A 97 -4.74 1.59 2.26
N PHE A 98 -5.12 0.35 2.51
CA PHE A 98 -5.76 -0.01 3.76
C PHE A 98 -4.73 -0.42 4.81
N TYR A 99 -4.64 0.40 5.86
CA TYR A 99 -3.70 0.13 6.93
C TYR A 99 -4.27 -0.87 7.94
N ASP A 100 -3.77 -2.10 7.86
CA ASP A 100 -4.23 -3.15 8.75
C ASP A 100 -3.12 -3.48 9.76
N ASN A 101 -3.13 -2.74 10.86
CA ASN A 101 -2.14 -2.93 11.89
C ASN A 101 -2.70 -3.87 12.96
N SER A 102 -1.93 -4.04 14.02
CA SER A 102 -2.34 -4.91 15.11
C SER A 102 -3.26 -4.15 16.07
N LEU A 103 -3.68 -2.98 15.63
CA LEU A 103 -4.55 -2.14 16.42
C LEU A 103 -6.01 -2.43 16.05
N VAL A 104 -6.17 -3.38 15.15
CA VAL A 104 -7.51 -3.76 14.68
C VAL A 104 -7.58 -5.28 14.57
N GLU A 105 -6.54 -5.93 15.08
CA GLU A 105 -6.49 -7.39 15.04
C GLU A 105 -5.59 -7.91 16.16
N GLY A 106 -4.51 -7.18 16.40
CA GLY A 106 -3.56 -7.56 17.44
C GLY A 106 -2.44 -8.43 16.87
N MET A 107 -2.82 -9.26 15.90
CA MET A 107 -1.86 -10.14 15.26
C MET A 107 -1.22 -9.47 14.04
N ARG A 108 -1.46 -8.17 13.92
CA ARG A 108 -0.91 -7.41 12.82
C ARG A 108 0.08 -6.36 13.33
#